data_3GUY
#
_entry.id   3GUY
#
_cell.length_a   68.814
_cell.length_b   71.315
_cell.length_c   93.075
_cell.angle_alpha   72.380
_cell.angle_beta   89.390
_cell.angle_gamma   74.300
#
_symmetry.space_group_name_H-M   'P 1'
#
loop_
_entity.id
_entity.type
_entity.pdbx_description
1 polymer 'Short-chain dehydrogenase/reductase SDR'
2 water water
#
_entity_poly.entity_id   1
_entity_poly.type   'polypeptide(L)'
_entity_poly.pdbx_seq_one_letter_code
;MSLIVITGASSGLGAELAKLYDAEGKATYLTGRSESKLSTVTNCLSNNVGYRARDLASHQEVEQLFEQLDSIPSTVVHSA
GSGYFGLLQEQDPEQIQTLIENNLSSAINVLRELVKRYKDQPVNVVMIMSTAAQQPKAQESTYCAVKWAVKGLIESVRLE
LKGKPMKIIAVYPGGMATEFWETSGKSLDTSSFMSAEDAALMIHGALANIGNGYVSDITVNREGHHHHHH
;
_entity_poly.pdbx_strand_id   A,B,C,D,E,F,G,H
#
# COMPACT_ATOMS: atom_id res chain seq x y z
N LEU A 3 28.93 6.17 -38.21
CA LEU A 3 27.48 6.11 -37.82
C LEU A 3 27.21 5.79 -36.34
N ILE A 4 26.33 6.55 -35.72
CA ILE A 4 25.83 6.27 -34.38
C ILE A 4 24.37 5.79 -34.46
N VAL A 5 24.14 4.53 -34.11
CA VAL A 5 22.79 4.01 -34.01
C VAL A 5 22.29 4.12 -32.58
N ILE A 6 21.11 4.71 -32.43
CA ILE A 6 20.51 4.96 -31.10
C ILE A 6 19.13 4.30 -30.99
N THR A 7 18.97 3.40 -30.03
CA THR A 7 17.64 2.84 -29.75
C THR A 7 16.97 3.58 -28.61
N GLY A 8 15.68 3.45 -28.51
CA GLY A 8 14.94 4.16 -27.51
C GLY A 8 14.97 5.66 -27.76
N ALA A 9 14.99 6.05 -29.04
CA ALA A 9 15.22 7.46 -29.40
C ALA A 9 13.96 8.23 -29.79
N SER A 10 12.79 7.62 -29.67
CA SER A 10 11.50 8.31 -29.80
C SER A 10 11.34 9.49 -28.83
N SER A 11 11.95 9.38 -27.64
CA SER A 11 11.83 10.41 -26.59
C SER A 11 12.80 10.13 -25.48
N GLY A 12 12.77 10.98 -24.46
CA GLY A 12 13.59 10.74 -23.29
C GLY A 12 15.10 10.81 -23.55
N LEU A 13 15.85 9.97 -22.87
CA LEU A 13 17.31 10.01 -22.91
C LEU A 13 17.87 9.77 -24.31
N GLY A 14 17.31 8.81 -25.04
CA GLY A 14 17.86 8.45 -26.34
C GLY A 14 17.75 9.64 -27.30
N ALA A 15 16.62 10.33 -27.28
CA ALA A 15 16.38 11.54 -28.11
C ALA A 15 17.37 12.62 -27.80
N GLU A 16 17.62 12.83 -26.50
CA GLU A 16 18.49 13.87 -26.05
C GLU A 16 19.93 13.61 -26.45
N LEU A 17 20.35 12.33 -26.38
CA LEU A 17 21.68 11.96 -26.86
C LEU A 17 21.78 12.16 -28.37
N ALA A 18 20.77 11.74 -29.12
CA ALA A 18 20.79 11.93 -30.57
C ALA A 18 21.04 13.46 -30.88
N LYS A 19 20.33 14.34 -30.16
CA LYS A 19 20.54 15.81 -30.31
C LYS A 19 21.97 16.24 -30.07
N LEU A 20 22.61 15.68 -29.03
CA LEU A 20 23.97 16.06 -28.74
C LEU A 20 24.94 15.57 -29.80
N TYR A 21 24.79 14.32 -30.27
CA TYR A 21 25.69 13.82 -31.30
C TYR A 21 25.52 14.59 -32.59
N ASP A 22 24.27 14.82 -32.96
CA ASP A 22 23.95 15.55 -34.15
C ASP A 22 24.69 16.88 -34.11
N ALA A 23 24.60 17.57 -32.98
CA ALA A 23 25.20 18.91 -32.79
C ALA A 23 26.73 18.89 -32.91
N GLU A 24 27.40 17.75 -32.73
CA GLU A 24 28.85 17.71 -33.05
C GLU A 24 29.08 17.35 -34.52
N GLY A 25 28.05 17.28 -35.35
CA GLY A 25 28.25 16.89 -36.77
C GLY A 25 28.30 15.40 -37.09
N LYS A 26 27.91 14.53 -36.13
CA LYS A 26 28.01 13.10 -36.36
C LYS A 26 26.66 12.59 -36.85
N ALA A 27 26.70 11.74 -37.86
CA ALA A 27 25.52 11.08 -38.41
C ALA A 27 24.91 10.07 -37.42
N THR A 28 23.59 10.08 -37.30
CA THR A 28 22.86 9.13 -36.47
C THR A 28 21.79 8.44 -37.31
N TYR A 29 21.33 7.32 -36.78
CA TYR A 29 20.22 6.53 -37.29
C TYR A 29 19.45 6.13 -36.06
N LEU A 30 18.19 6.52 -35.99
CA LEU A 30 17.39 6.29 -34.79
C LEU A 30 16.37 5.18 -34.89
N THR A 31 16.17 4.48 -33.78
CA THR A 31 15.03 3.60 -33.68
C THR A 31 14.26 3.82 -32.39
N GLY A 32 12.98 3.44 -32.45
CA GLY A 32 12.03 3.55 -31.36
C GLY A 32 10.71 2.86 -31.71
N ARG A 33 9.76 2.86 -30.78
CA ARG A 33 8.43 2.27 -31.01
C ARG A 33 7.57 3.20 -31.89
N SER A 34 7.63 4.51 -31.65
CA SER A 34 6.74 5.44 -32.35
C SER A 34 7.35 6.05 -33.61
N GLU A 35 6.80 5.65 -34.74
CA GLU A 35 7.16 6.21 -36.02
C GLU A 35 7.01 7.74 -36.03
N SER A 36 5.92 8.25 -35.45
CA SER A 36 5.63 9.69 -35.48
C SER A 36 6.51 10.49 -34.55
N LYS A 37 6.73 10.02 -33.33
CA LYS A 37 7.74 10.61 -32.44
C LYS A 37 9.13 10.58 -33.07
N LEU A 38 9.52 9.49 -33.73
CA LEU A 38 10.84 9.47 -34.40
C LEU A 38 10.93 10.51 -35.50
N SER A 39 9.88 10.63 -36.31
CA SER A 39 9.81 11.69 -37.30
C SER A 39 10.06 13.06 -36.66
N THR A 40 9.46 13.31 -35.50
CA THR A 40 9.54 14.61 -34.81
C THR A 40 10.92 14.88 -34.31
N VAL A 41 11.55 13.88 -33.69
CA VAL A 41 12.90 14.07 -33.21
C VAL A 41 13.91 14.35 -34.36
N THR A 42 13.81 13.61 -35.44
CA THR A 42 14.79 13.72 -36.54
C THR A 42 14.63 15.02 -37.36
N ASN A 43 13.44 15.59 -37.39
CA ASN A 43 13.19 16.93 -37.99
C ASN A 43 14.07 18.03 -37.36
N CYS A 44 14.37 17.89 -36.08
CA CYS A 44 15.37 18.73 -35.40
C CYS A 44 16.81 18.51 -35.82
N LEU A 45 17.10 17.38 -36.43
CA LEU A 45 18.49 17.03 -36.64
C LEU A 45 18.99 17.42 -38.04
N SER A 46 20.27 17.72 -38.17
CA SER A 46 20.79 18.15 -39.45
C SER A 46 21.70 17.14 -40.09
N ASN A 47 22.21 16.21 -39.30
CA ASN A 47 23.10 15.20 -39.83
C ASN A 47 22.49 13.79 -39.75
N ASN A 48 21.22 13.67 -39.38
CA ASN A 48 20.55 12.37 -39.28
C ASN A 48 20.36 11.75 -40.67
N VAL A 49 20.49 10.44 -40.72
CA VAL A 49 20.41 9.72 -41.97
C VAL A 49 19.27 8.71 -41.95
N GLY A 50 18.29 8.92 -41.06
CA GLY A 50 17.12 8.07 -41.03
C GLY A 50 16.70 7.58 -39.65
N TYR A 51 15.58 6.87 -39.67
CA TYR A 51 14.99 6.29 -38.50
C TYR A 51 14.12 5.13 -38.95
N ARG A 52 13.73 4.31 -38.00
CA ARG A 52 12.87 3.17 -38.31
C ARG A 52 12.23 2.75 -37.04
N ALA A 53 10.89 2.70 -37.02
CA ALA A 53 10.16 2.19 -35.88
C ALA A 53 10.33 0.68 -35.80
N ARG A 54 10.63 0.18 -34.61
CA ARG A 54 10.88 -1.26 -34.45
C ARG A 54 10.42 -1.74 -33.08
N ASP A 55 9.91 -2.96 -33.05
CA ASP A 55 9.64 -3.68 -31.79
C ASP A 55 10.91 -4.45 -31.44
N LEU A 56 11.66 -4.00 -30.44
CA LEU A 56 12.97 -4.60 -30.16
C LEU A 56 12.86 -5.94 -29.42
N ALA A 57 11.64 -6.27 -28.96
CA ALA A 57 11.30 -7.56 -28.38
C ALA A 57 11.18 -8.65 -29.44
N SER A 58 11.08 -8.24 -30.71
CA SER A 58 11.05 -9.17 -31.82
C SER A 58 12.43 -9.37 -32.45
N HIS A 59 13.00 -10.58 -32.29
CA HIS A 59 14.30 -10.85 -32.91
C HIS A 59 14.33 -10.65 -34.44
N GLN A 60 13.23 -10.95 -35.11
CA GLN A 60 13.11 -10.70 -36.57
C GLN A 60 13.22 -9.22 -36.87
N GLU A 61 12.49 -8.37 -36.16
CA GLU A 61 12.56 -6.94 -36.43
C GLU A 61 13.92 -6.32 -36.15
N VAL A 62 14.65 -6.86 -35.16
CA VAL A 62 15.98 -6.40 -34.85
C VAL A 62 16.98 -6.86 -35.90
N GLU A 63 16.85 -8.11 -36.37
CA GLU A 63 17.70 -8.60 -37.45
C GLU A 63 17.54 -7.70 -38.71
N GLN A 64 16.31 -7.31 -39.01
CA GLN A 64 16.02 -6.38 -40.18
C GLN A 64 16.60 -5.00 -40.01
N LEU A 65 16.51 -4.49 -38.79
CA LEU A 65 17.04 -3.19 -38.47
C LEU A 65 18.51 -3.11 -38.86
N PHE A 66 19.31 -4.11 -38.48
CA PHE A 66 20.73 -4.08 -38.77
C PHE A 66 21.11 -4.55 -40.19
N GLU A 67 20.33 -5.46 -40.75
CA GLU A 67 20.53 -5.87 -42.16
C GLU A 67 20.35 -4.70 -43.12
N GLN A 68 19.34 -3.83 -42.92
CA GLN A 68 19.07 -2.68 -43.82
C GLN A 68 20.17 -1.62 -43.75
N LEU A 69 20.98 -1.60 -42.69
CA LEU A 69 22.04 -0.63 -42.58
C LEU A 69 23.22 -0.83 -43.54
N ASP A 70 23.64 0.27 -44.13
CA ASP A 70 24.66 0.26 -45.18
C ASP A 70 26.08 0.15 -44.66
N SER A 71 26.31 0.62 -43.44
CA SER A 71 27.65 0.68 -42.87
C SER A 71 27.69 -0.04 -41.53
N ILE A 72 28.91 -0.32 -41.12
CA ILE A 72 29.23 -0.87 -39.81
C ILE A 72 29.15 0.32 -38.86
N PRO A 73 28.23 0.31 -37.87
CA PRO A 73 28.22 1.46 -36.94
C PRO A 73 29.50 1.59 -36.08
N SER A 74 29.84 2.81 -35.72
CA SER A 74 31.00 3.03 -34.89
C SER A 74 30.60 2.98 -33.39
N THR A 75 29.35 3.32 -33.12
CA THR A 75 28.80 3.34 -31.74
C THR A 75 27.34 2.93 -31.82
N VAL A 76 26.89 2.12 -30.88
CA VAL A 76 25.47 1.83 -30.78
C VAL A 76 25.08 2.15 -29.37
N VAL A 77 24.07 3.02 -29.19
CA VAL A 77 23.59 3.43 -27.90
C VAL A 77 22.22 2.80 -27.69
N HIS A 78 22.13 1.89 -26.72
CA HIS A 78 20.96 1.20 -26.42
C HIS A 78 20.33 1.91 -25.24
N SER A 79 19.31 2.71 -25.52
CA SER A 79 18.54 3.37 -24.46
C SER A 79 17.07 2.96 -24.36
N ALA A 80 16.66 1.88 -25.05
CA ALA A 80 15.27 1.45 -24.97
C ALA A 80 14.98 0.88 -23.57
N GLY A 81 13.80 1.17 -23.04
CA GLY A 81 13.44 0.67 -21.74
C GLY A 81 12.18 1.37 -21.34
N SER A 82 11.65 1.01 -20.19
CA SER A 82 10.43 1.62 -19.67
C SER A 82 10.36 1.29 -18.17
N GLY A 83 9.61 2.06 -17.42
CA GLY A 83 9.45 1.85 -15.97
C GLY A 83 8.08 1.34 -15.64
N TYR A 84 7.96 0.74 -14.48
CA TYR A 84 6.70 0.34 -13.94
C TYR A 84 6.97 0.02 -12.48
N PHE A 85 6.13 0.56 -11.61
CA PHE A 85 6.44 0.58 -10.20
C PHE A 85 5.21 0.28 -9.38
N GLY A 86 5.48 -0.02 -8.12
CA GLY A 86 4.45 -0.49 -7.21
C GLY A 86 4.96 -1.65 -6.37
N LEU A 87 4.30 -1.84 -5.23
CA LEU A 87 4.54 -3.00 -4.39
C LEU A 87 4.15 -4.24 -5.23
N LEU A 88 4.91 -5.32 -5.08
CA LEU A 88 4.77 -6.42 -6.03
C LEU A 88 3.34 -6.94 -6.11
N GLN A 89 2.67 -7.02 -4.95
CA GLN A 89 1.29 -7.51 -4.94
C GLN A 89 0.31 -6.61 -5.70
N GLU A 90 0.63 -5.33 -5.83
CA GLU A 90 -0.23 -4.40 -6.55
C GLU A 90 0.11 -4.29 -8.05
N GLN A 91 1.22 -4.91 -8.47
CA GLN A 91 1.54 -4.84 -9.90
C GLN A 91 0.66 -5.78 -10.72
N ASP A 92 0.35 -5.35 -11.94
CA ASP A 92 -0.45 -6.09 -12.86
C ASP A 92 0.49 -7.01 -13.70
N PRO A 93 0.24 -8.33 -13.72
CA PRO A 93 1.16 -9.22 -14.48
C PRO A 93 1.27 -8.88 -15.95
N GLU A 94 0.22 -8.31 -16.55
CA GLU A 94 0.25 -7.94 -17.98
C GLU A 94 1.22 -6.78 -18.20
N GLN A 95 1.35 -5.87 -17.24
CA GLN A 95 2.36 -4.81 -17.30
C GLN A 95 3.76 -5.28 -16.92
N ILE A 96 3.87 -6.22 -16.00
CA ILE A 96 5.18 -6.86 -15.74
C ILE A 96 5.68 -7.51 -17.03
N GLN A 97 4.83 -8.24 -17.74
CA GLN A 97 5.28 -8.82 -19.01
C GLN A 97 5.75 -7.75 -20.03
N THR A 98 5.02 -6.65 -20.15
CA THR A 98 5.48 -5.54 -20.96
C THR A 98 6.80 -4.97 -20.47
N LEU A 99 6.96 -4.84 -19.17
CA LEU A 99 8.27 -4.43 -18.65
C LEU A 99 9.45 -5.35 -19.08
N ILE A 100 9.25 -6.66 -19.01
CA ILE A 100 10.30 -7.61 -19.45
C ILE A 100 10.57 -7.45 -20.94
N GLU A 101 9.52 -7.31 -21.74
CA GLU A 101 9.72 -7.10 -23.20
C GLU A 101 10.52 -5.85 -23.52
N ASN A 102 10.15 -4.73 -22.91
CA ASN A 102 10.77 -3.44 -23.23
C ASN A 102 12.19 -3.30 -22.75
N ASN A 103 12.52 -3.99 -21.66
CA ASN A 103 13.80 -3.81 -21.06
C ASN A 103 14.78 -4.97 -21.30
N LEU A 104 14.33 -6.18 -20.96
CA LEU A 104 15.22 -7.33 -21.05
C LEU A 104 15.26 -7.90 -22.49
N SER A 105 14.11 -8.15 -23.07
CA SER A 105 14.09 -8.76 -24.40
C SER A 105 14.77 -7.85 -25.41
N SER A 106 14.48 -6.56 -25.32
CA SER A 106 15.07 -5.58 -26.21
C SER A 106 16.63 -5.57 -26.09
N ALA A 107 17.15 -5.54 -24.87
CA ALA A 107 18.58 -5.55 -24.65
C ALA A 107 19.20 -6.84 -25.17
N ILE A 108 18.55 -7.97 -24.91
CA ILE A 108 19.05 -9.26 -25.40
C ILE A 108 19.13 -9.25 -26.94
N ASN A 109 18.02 -8.94 -27.59
CA ASN A 109 17.96 -8.95 -29.06
C ASN A 109 18.97 -8.00 -29.69
N VAL A 110 19.10 -6.78 -29.17
CA VAL A 110 20.05 -5.80 -29.74
C VAL A 110 21.48 -6.24 -29.53
N LEU A 111 21.83 -6.67 -28.30
CA LEU A 111 23.19 -7.05 -28.04
C LEU A 111 23.50 -8.36 -28.79
N ARG A 112 22.59 -9.31 -28.83
CA ARG A 112 22.84 -10.49 -29.63
C ARG A 112 23.14 -10.21 -31.14
N GLU A 113 22.32 -9.37 -31.75
CA GLU A 113 22.51 -9.01 -33.15
C GLU A 113 23.84 -8.29 -33.38
N LEU A 114 24.19 -7.41 -32.46
CA LEU A 114 25.45 -6.70 -32.51
C LEU A 114 26.67 -7.60 -32.42
N VAL A 115 26.68 -8.53 -31.47
CA VAL A 115 27.80 -9.45 -31.33
C VAL A 115 27.89 -10.37 -32.56
N LYS A 116 26.73 -10.83 -33.02
CA LYS A 116 26.65 -11.71 -34.19
C LYS A 116 27.35 -11.07 -35.40
N ARG A 117 27.05 -9.80 -35.66
CA ARG A 117 27.50 -9.12 -36.86
C ARG A 117 28.82 -8.40 -36.72
N TYR A 118 29.08 -7.84 -35.53
CA TYR A 118 30.12 -6.83 -35.36
C TYR A 118 31.13 -7.03 -34.22
N LYS A 119 31.13 -8.20 -33.57
CA LYS A 119 32.09 -8.45 -32.47
C LYS A 119 33.56 -8.30 -32.88
N ASP A 120 33.83 -8.54 -34.17
CA ASP A 120 35.18 -8.40 -34.72
C ASP A 120 35.43 -7.02 -35.34
N GLN A 121 34.61 -6.04 -34.99
CA GLN A 121 34.78 -4.66 -35.43
C GLN A 121 34.92 -3.75 -34.23
N PRO A 122 35.61 -2.60 -34.38
CA PRO A 122 35.79 -1.74 -33.18
C PRO A 122 34.53 -0.92 -32.78
N VAL A 123 33.42 -1.59 -32.50
CA VAL A 123 32.17 -0.90 -32.19
C VAL A 123 32.09 -0.63 -30.67
N ASN A 124 31.74 0.61 -30.30
CA ASN A 124 31.44 0.92 -28.89
C ASN A 124 29.97 0.70 -28.68
N VAL A 125 29.59 -0.25 -27.85
CA VAL A 125 28.18 -0.51 -27.54
C VAL A 125 27.88 0.03 -26.15
N VAL A 126 27.01 1.04 -26.08
CA VAL A 126 26.76 1.78 -24.87
C VAL A 126 25.42 1.29 -24.33
N MET A 127 25.45 0.52 -23.24
CA MET A 127 24.21 -0.09 -22.71
C MET A 127 23.73 0.70 -21.55
N ILE A 128 22.61 1.36 -21.74
CA ILE A 128 22.11 2.20 -20.66
C ILE A 128 21.13 1.41 -19.84
N MET A 129 21.37 1.36 -18.54
CA MET A 129 20.59 0.57 -17.60
C MET A 129 19.98 1.61 -16.60
N SER A 130 20.36 1.59 -15.33
CA SER A 130 19.74 2.40 -14.28
C SER A 130 20.54 2.07 -13.00
N THR A 131 20.58 2.98 -12.06
CA THR A 131 21.05 2.64 -10.70
C THR A 131 20.21 1.51 -10.09
N ALA A 132 19.00 1.25 -10.59
CA ALA A 132 18.19 0.12 -10.19
C ALA A 132 18.88 -1.22 -10.56
N ALA A 133 19.88 -1.21 -11.45
CA ALA A 133 20.68 -2.42 -11.81
C ALA A 133 21.71 -2.80 -10.76
N GLN A 134 21.98 -1.88 -9.83
CA GLN A 134 23.07 -2.00 -8.89
C GLN A 134 22.60 -2.22 -7.45
N GLN A 135 21.34 -2.00 -7.17
CA GLN A 135 20.87 -2.12 -5.80
C GLN A 135 19.40 -2.54 -5.86
N PRO A 136 18.92 -3.20 -4.80
CA PRO A 136 17.47 -3.41 -4.71
C PRO A 136 16.74 -2.14 -4.29
N LYS A 137 15.48 -2.01 -4.71
CA LYS A 137 14.58 -0.88 -4.34
C LYS A 137 13.15 -1.35 -4.06
N ALA A 138 12.66 -1.07 -2.85
CA ALA A 138 11.20 -1.15 -2.57
C ALA A 138 10.33 -0.48 -3.65
N GLN A 139 9.25 -1.16 -4.03
CA GLN A 139 8.30 -0.76 -5.05
C GLN A 139 8.86 -0.73 -6.45
N GLU A 140 10.05 -1.28 -6.66
CA GLU A 140 10.65 -1.38 -7.99
C GLU A 140 11.18 -2.80 -8.23
N SER A 141 10.56 -3.78 -7.60
CA SER A 141 11.13 -5.14 -7.59
C SER A 141 11.28 -5.68 -8.99
N THR A 142 10.29 -5.46 -9.84
CA THR A 142 10.33 -5.98 -11.24
C THR A 142 11.18 -5.13 -12.16
N TYR A 143 11.31 -3.84 -11.85
CA TYR A 143 12.23 -2.92 -12.56
C TYR A 143 13.67 -3.23 -12.20
N CYS A 144 13.97 -3.39 -10.91
CA CYS A 144 15.26 -3.94 -10.49
C CYS A 144 15.49 -5.27 -11.21
N ALA A 145 14.48 -6.11 -11.24
CA ALA A 145 14.68 -7.44 -11.86
C ALA A 145 15.20 -7.33 -13.28
N VAL A 146 14.55 -6.50 -14.10
CA VAL A 146 14.94 -6.39 -15.51
C VAL A 146 16.23 -5.66 -15.71
N LYS A 147 16.53 -4.64 -14.88
CA LYS A 147 17.81 -3.99 -14.90
C LYS A 147 18.96 -4.82 -14.40
N TRP A 148 18.77 -5.59 -13.31
CA TRP A 148 19.80 -6.53 -12.93
C TRP A 148 20.11 -7.55 -14.04
N ALA A 149 19.05 -7.99 -14.73
CA ALA A 149 19.11 -8.97 -15.81
C ALA A 149 20.02 -8.42 -16.88
N VAL A 150 19.80 -7.16 -17.25
CA VAL A 150 20.62 -6.56 -18.27
C VAL A 150 22.06 -6.45 -17.82
N LYS A 151 22.34 -6.09 -16.55
CA LYS A 151 23.73 -6.04 -16.09
C LYS A 151 24.42 -7.43 -16.10
N GLY A 152 23.70 -8.47 -15.71
CA GLY A 152 24.21 -9.87 -15.77
C GLY A 152 24.53 -10.28 -17.19
N LEU A 153 23.60 -9.96 -18.10
CA LEU A 153 23.85 -10.14 -19.51
C LEU A 153 25.12 -9.47 -20.01
N ILE A 154 25.26 -8.16 -19.79
CA ILE A 154 26.43 -7.43 -20.34
C ILE A 154 27.73 -7.83 -19.70
N GLU A 155 27.71 -8.12 -18.38
CA GLU A 155 28.93 -8.54 -17.73
C GLU A 155 29.40 -9.88 -18.26
N SER A 156 28.45 -10.77 -18.60
CA SER A 156 28.78 -12.07 -19.20
C SER A 156 29.30 -11.93 -20.63
N VAL A 157 28.65 -11.11 -21.46
CA VAL A 157 29.10 -10.86 -22.82
C VAL A 157 30.49 -10.19 -22.85
N ARG A 158 30.80 -9.28 -21.90
CA ARG A 158 32.13 -8.72 -21.82
C ARG A 158 33.19 -9.83 -21.70
N LEU A 159 32.91 -10.87 -20.91
CA LEU A 159 33.83 -12.00 -20.79
C LEU A 159 34.00 -12.75 -22.11
N GLU A 160 32.92 -12.88 -22.89
CA GLU A 160 32.96 -13.48 -24.26
C GLU A 160 33.67 -12.63 -25.27
N LEU A 161 33.69 -11.32 -25.04
CA LEU A 161 34.35 -10.40 -25.93
C LEU A 161 35.81 -10.18 -25.61
N LYS A 162 36.35 -10.87 -24.61
CA LYS A 162 37.80 -10.86 -24.33
C LYS A 162 38.64 -11.01 -25.58
N GLY A 163 39.56 -10.10 -25.82
CA GLY A 163 40.44 -10.24 -26.96
C GLY A 163 39.79 -9.85 -28.27
N LYS A 164 38.57 -9.29 -28.25
CA LYS A 164 37.93 -8.79 -29.48
C LYS A 164 37.86 -7.28 -29.45
N PRO A 165 37.72 -6.62 -30.61
CA PRO A 165 37.69 -5.17 -30.54
C PRO A 165 36.39 -4.52 -30.07
N MET A 166 35.24 -5.20 -30.19
CA MET A 166 33.98 -4.64 -29.73
C MET A 166 34.03 -4.43 -28.22
N LYS A 167 33.62 -3.25 -27.80
CA LYS A 167 33.58 -2.97 -26.34
C LYS A 167 32.18 -2.61 -25.87
N ILE A 168 31.84 -3.06 -24.67
CA ILE A 168 30.59 -2.72 -24.01
C ILE A 168 30.86 -1.70 -22.89
N ILE A 169 30.15 -0.56 -22.97
CA ILE A 169 30.22 0.52 -22.02
C ILE A 169 28.91 0.51 -21.25
N ALA A 170 28.99 0.43 -19.92
CA ALA A 170 27.78 0.36 -19.06
C ALA A 170 27.50 1.73 -18.51
N VAL A 171 26.24 2.13 -18.52
CA VAL A 171 25.87 3.43 -18.01
C VAL A 171 24.71 3.20 -17.07
N TYR A 172 24.80 3.77 -15.88
CA TYR A 172 23.82 3.64 -14.81
C TYR A 172 23.25 5.00 -14.37
N PRO A 173 22.21 5.49 -15.08
CA PRO A 173 21.65 6.76 -14.68
C PRO A 173 20.68 6.58 -13.52
N GLY A 174 20.67 7.54 -12.59
CA GLY A 174 19.62 7.61 -11.58
C GLY A 174 18.22 7.85 -12.19
N GLY A 175 17.23 7.99 -11.32
CA GLY A 175 15.86 8.28 -11.75
C GLY A 175 15.77 9.58 -12.56
N MET A 176 15.00 9.55 -13.65
CA MET A 176 14.91 10.67 -14.61
C MET A 176 13.45 11.13 -14.86
N PHE A 193 14.72 13.69 -9.25
CA PHE A 193 15.09 13.15 -10.56
C PHE A 193 15.78 14.18 -11.49
N MET A 194 16.87 13.73 -12.11
CA MET A 194 17.45 14.33 -13.32
C MET A 194 16.42 14.51 -14.41
N SER A 195 16.69 15.42 -15.35
CA SER A 195 15.93 15.40 -16.60
C SER A 195 16.70 14.55 -17.59
N ALA A 196 15.98 13.96 -18.56
CA ALA A 196 16.63 13.28 -19.69
C ALA A 196 17.71 14.16 -20.31
N GLU A 197 17.44 15.45 -20.48
CA GLU A 197 18.48 16.36 -21.00
C GLU A 197 19.72 16.41 -20.12
N ASP A 198 19.52 16.48 -18.80
CA ASP A 198 20.74 16.58 -17.93
C ASP A 198 21.63 15.31 -17.93
N ALA A 199 20.98 14.17 -17.84
CA ALA A 199 21.65 12.87 -17.95
C ALA A 199 22.39 12.75 -19.28
N ALA A 200 21.70 13.12 -20.37
CA ALA A 200 22.32 13.02 -21.72
C ALA A 200 23.57 13.84 -21.79
N LEU A 201 23.52 15.06 -21.24
CA LEU A 201 24.69 15.96 -21.26
C LEU A 201 25.88 15.32 -20.57
N MET A 202 25.62 14.75 -19.39
CA MET A 202 26.69 14.17 -18.56
C MET A 202 27.21 12.85 -19.19
N ILE A 203 26.30 12.03 -19.65
CA ILE A 203 26.69 10.77 -20.29
C ILE A 203 27.53 11.06 -21.51
N HIS A 204 27.00 11.90 -22.40
CA HIS A 204 27.74 12.30 -23.61
C HIS A 204 29.06 12.94 -23.25
N GLY A 205 29.05 13.84 -22.26
CA GLY A 205 30.31 14.43 -21.80
C GLY A 205 31.34 13.48 -21.15
N ALA A 206 30.91 12.36 -20.54
CA ALA A 206 31.89 11.52 -19.78
C ALA A 206 32.51 10.39 -20.64
N LEU A 207 31.71 9.85 -21.56
CA LEU A 207 32.18 8.74 -22.38
C LEU A 207 33.32 9.18 -23.25
N ALA A 208 34.44 8.44 -23.22
CA ALA A 208 35.66 8.84 -23.89
C ALA A 208 36.53 7.62 -24.21
N ASN A 209 37.30 7.73 -25.29
CA ASN A 209 38.32 6.73 -25.63
C ASN A 209 39.55 7.56 -25.98
N ILE A 210 40.52 7.61 -25.07
CA ILE A 210 41.76 8.40 -25.24
C ILE A 210 43.00 7.50 -25.10
N GLY A 211 43.83 7.50 -26.13
CA GLY A 211 45.03 6.66 -26.14
C GLY A 211 44.76 5.19 -25.93
N ASN A 212 45.41 4.60 -24.94
CA ASN A 212 45.27 3.15 -24.70
C ASN A 212 44.03 2.73 -23.86
N GLY A 213 43.10 3.64 -23.63
CA GLY A 213 42.07 3.40 -22.60
C GLY A 213 40.73 4.03 -22.92
N TYR A 214 39.73 3.65 -22.13
CA TYR A 214 38.36 4.08 -22.38
C TYR A 214 37.59 4.08 -21.06
N VAL A 215 36.53 4.89 -21.01
CA VAL A 215 35.58 4.88 -19.91
C VAL A 215 34.61 3.71 -20.09
N SER A 216 34.70 2.72 -19.20
CA SER A 216 33.97 1.44 -19.34
C SER A 216 32.64 1.40 -18.61
N ASP A 217 32.50 2.20 -17.59
CA ASP A 217 31.31 2.20 -16.76
C ASP A 217 31.20 3.58 -16.14
N ILE A 218 29.98 4.11 -16.12
CA ILE A 218 29.69 5.40 -15.48
C ILE A 218 28.37 5.35 -14.83
N THR A 219 28.26 6.05 -13.73
CA THR A 219 27.04 6.22 -13.01
C THR A 219 26.81 7.71 -12.88
N VAL A 220 25.60 8.12 -13.22
CA VAL A 220 25.18 9.51 -13.24
C VAL A 220 23.98 9.72 -12.34
N ASN A 221 24.08 10.77 -11.52
CA ASN A 221 23.09 11.13 -10.53
C ASN A 221 22.83 12.67 -10.49
N ARG A 222 21.80 13.09 -9.78
CA ARG A 222 21.45 14.53 -9.82
C ARG A 222 22.35 15.33 -8.88
N LEU B 3 2.97 -27.58 6.19
CA LEU B 3 2.80 -27.85 4.73
C LEU B 3 3.93 -27.18 3.96
N ILE B 4 4.64 -27.98 3.18
CA ILE B 4 5.72 -27.54 2.34
C ILE B 4 5.25 -27.63 0.89
N VAL B 5 5.13 -26.49 0.22
CA VAL B 5 4.76 -26.47 -1.19
C VAL B 5 6.07 -26.37 -1.98
N ILE B 6 6.25 -27.25 -2.95
CA ILE B 6 7.48 -27.27 -3.74
C ILE B 6 7.20 -27.18 -5.25
N THR B 7 7.72 -26.13 -5.90
CA THR B 7 7.75 -26.04 -7.38
C THR B 7 9.04 -26.67 -7.97
N GLY B 8 8.98 -27.00 -9.25
CA GLY B 8 10.08 -27.69 -9.94
C GLY B 8 10.31 -29.10 -9.39
N ALA B 9 9.22 -29.75 -8.94
CA ALA B 9 9.28 -31.03 -8.21
C ALA B 9 9.08 -32.27 -9.10
N SER B 10 8.99 -32.08 -10.40
CA SER B 10 8.83 -33.21 -11.34
C SER B 10 10.12 -34.02 -11.43
N SER B 11 11.27 -33.39 -11.18
CA SER B 11 12.53 -34.10 -11.08
C SER B 11 13.58 -33.23 -10.40
N GLY B 12 14.83 -33.71 -10.40
CA GLY B 12 15.94 -32.89 -9.96
C GLY B 12 15.86 -32.47 -8.52
N LEU B 13 16.28 -31.23 -8.26
CA LEU B 13 16.45 -30.77 -6.91
C LEU B 13 15.14 -30.72 -6.09
N GLY B 14 14.05 -30.21 -6.68
CA GLY B 14 12.75 -30.16 -6.04
C GLY B 14 12.16 -31.51 -5.66
N ALA B 15 12.34 -32.47 -6.54
CA ALA B 15 11.95 -33.85 -6.28
C ALA B 15 12.74 -34.43 -5.10
N GLU B 16 14.07 -34.24 -5.10
CA GLU B 16 14.92 -34.72 -3.98
C GLU B 16 14.58 -34.06 -2.65
N LEU B 17 14.30 -32.75 -2.66
CA LEU B 17 13.85 -32.07 -1.46
C LEU B 17 12.51 -32.61 -0.94
N ALA B 18 11.58 -32.91 -1.84
CA ALA B 18 10.28 -33.45 -1.42
C ALA B 18 10.47 -34.75 -0.58
N LYS B 19 11.33 -35.63 -1.07
CA LYS B 19 11.66 -36.91 -0.43
C LYS B 19 12.23 -36.74 0.96
N LEU B 20 13.14 -35.78 1.10
CA LEU B 20 13.68 -35.40 2.43
C LEU B 20 12.63 -34.89 3.40
N TYR B 21 11.82 -33.93 2.97
CA TYR B 21 10.74 -33.49 3.85
C TYR B 21 9.71 -34.59 4.15
N ASP B 22 9.36 -35.37 3.14
CA ASP B 22 8.44 -36.47 3.36
C ASP B 22 8.98 -37.46 4.42
N ALA B 23 10.24 -37.91 4.29
CA ALA B 23 10.86 -38.79 5.32
C ALA B 23 10.79 -38.28 6.78
N GLU B 24 10.79 -36.97 6.96
CA GLU B 24 10.59 -36.35 8.25
C GLU B 24 9.13 -36.35 8.69
N GLY B 25 8.22 -36.83 7.85
CA GLY B 25 6.81 -36.85 8.18
C GLY B 25 6.06 -35.59 7.87
N LYS B 26 6.64 -34.73 7.01
CA LYS B 26 6.03 -33.45 6.71
C LYS B 26 5.18 -33.58 5.45
N ALA B 27 4.03 -32.92 5.48
CA ALA B 27 3.09 -32.88 4.38
C ALA B 27 3.71 -32.06 3.26
N THR B 28 3.60 -32.56 2.03
CA THR B 28 4.08 -31.83 0.87
C THR B 28 2.99 -31.69 -0.17
N TYR B 29 3.03 -30.58 -0.89
CA TYR B 29 2.23 -30.37 -2.10
C TYR B 29 3.17 -29.96 -3.23
N LEU B 30 3.21 -30.77 -4.28
CA LEU B 30 4.19 -30.67 -5.33
C LEU B 30 3.63 -30.13 -6.64
N THR B 31 4.35 -29.22 -7.25
CA THR B 31 4.00 -28.83 -8.60
C THR B 31 5.21 -28.90 -9.53
N GLY B 32 4.91 -29.13 -10.79
CA GLY B 32 5.92 -29.05 -11.82
C GLY B 32 5.26 -29.03 -13.18
N ARG B 33 6.07 -29.19 -14.21
CA ARG B 33 5.60 -29.12 -15.57
C ARG B 33 4.92 -30.39 -16.01
N SER B 34 5.32 -31.55 -15.49
CA SER B 34 4.73 -32.85 -15.96
C SER B 34 3.97 -33.61 -14.90
N GLU B 35 2.68 -33.85 -15.15
CA GLU B 35 1.87 -34.59 -14.20
C GLU B 35 2.34 -36.04 -14.03
N SER B 36 2.74 -36.65 -15.12
CA SER B 36 3.26 -37.99 -15.10
C SER B 36 4.56 -38.18 -14.24
N LYS B 37 5.56 -37.32 -14.44
CA LYS B 37 6.73 -37.30 -13.54
C LYS B 37 6.33 -37.00 -12.09
N LEU B 38 5.37 -36.07 -11.85
CA LEU B 38 4.92 -35.78 -10.47
C LEU B 38 4.31 -37.00 -9.78
N SER B 39 3.56 -37.79 -10.55
CA SER B 39 3.01 -39.03 -10.06
C SER B 39 4.10 -40.00 -9.59
N THR B 40 5.14 -40.17 -10.42
CA THR B 40 6.28 -41.07 -10.14
C THR B 40 6.98 -40.64 -8.89
N VAL B 41 7.22 -39.33 -8.74
CA VAL B 41 7.85 -38.80 -7.53
C VAL B 41 6.98 -39.04 -6.32
N THR B 42 5.70 -38.68 -6.43
CA THR B 42 4.75 -38.80 -5.32
C THR B 42 4.45 -40.26 -4.87
N ASN B 43 4.55 -41.21 -5.77
CA ASN B 43 4.49 -42.63 -5.36
C ASN B 43 5.59 -43.04 -4.34
N CYS B 44 6.67 -42.29 -4.24
CA CYS B 44 7.69 -42.57 -3.24
C CYS B 44 7.37 -42.05 -1.84
N LEU B 45 6.32 -41.24 -1.71
CA LEU B 45 6.10 -40.43 -0.52
C LEU B 45 4.96 -40.98 0.26
N SER B 46 4.96 -40.80 1.57
CA SER B 46 3.88 -41.33 2.37
C SER B 46 3.03 -40.22 2.97
N ASN B 47 3.55 -38.99 3.00
CA ASN B 47 2.82 -37.91 3.60
C ASN B 47 2.35 -36.84 2.62
N ASN B 48 2.48 -37.08 1.32
CA ASN B 48 2.07 -36.06 0.32
C ASN B 48 0.56 -35.80 0.34
N VAL B 49 0.14 -34.54 0.21
CA VAL B 49 -1.27 -34.21 0.19
C VAL B 49 -1.72 -33.64 -1.18
N GLY B 50 -0.93 -33.91 -2.21
CA GLY B 50 -1.28 -33.61 -3.57
C GLY B 50 -0.15 -33.13 -4.48
N TYR B 51 -0.47 -33.10 -5.74
CA TYR B 51 0.39 -32.53 -6.74
C TYR B 51 -0.43 -32.07 -7.89
N ARG B 52 0.16 -31.18 -8.69
CA ARG B 52 -0.54 -30.57 -9.80
C ARG B 52 0.47 -30.03 -10.79
N ALA B 53 0.30 -30.39 -12.04
CA ALA B 53 1.09 -29.80 -13.14
C ALA B 53 0.65 -28.35 -13.37
N ARG B 54 1.59 -27.44 -13.51
CA ARG B 54 1.27 -26.02 -13.76
C ARG B 54 2.36 -25.42 -14.63
N ASP B 55 1.95 -24.52 -15.53
CA ASP B 55 2.90 -23.62 -16.19
C ASP B 55 3.03 -22.38 -15.33
N LEU B 56 4.16 -22.22 -14.65
CA LEU B 56 4.34 -21.07 -13.72
C LEU B 56 4.52 -19.75 -14.44
N ALA B 57 4.70 -19.82 -15.77
CA ALA B 57 4.85 -18.61 -16.58
C ALA B 57 3.48 -17.95 -16.80
N SER B 58 2.42 -18.67 -16.43
CA SER B 58 1.05 -18.19 -16.55
C SER B 58 0.59 -17.72 -15.18
N HIS B 59 0.33 -16.44 -15.03
CA HIS B 59 -0.13 -15.94 -13.73
C HIS B 59 -1.47 -16.54 -13.32
N GLN B 60 -2.33 -16.80 -14.29
CA GLN B 60 -3.60 -17.48 -13.96
C GLN B 60 -3.40 -18.88 -13.38
N GLU B 61 -2.47 -19.66 -13.94
CA GLU B 61 -2.26 -20.99 -13.41
C GLU B 61 -1.67 -20.94 -11.99
N VAL B 62 -0.83 -19.94 -11.71
CA VAL B 62 -0.20 -19.77 -10.39
C VAL B 62 -1.27 -19.30 -9.42
N GLU B 63 -2.10 -18.36 -9.83
CA GLU B 63 -3.21 -17.92 -9.01
C GLU B 63 -4.08 -19.10 -8.58
N GLN B 64 -4.44 -19.98 -9.53
CA GLN B 64 -5.24 -21.18 -9.25
C GLN B 64 -4.52 -22.25 -8.42
N LEU B 65 -3.20 -22.36 -8.59
CA LEU B 65 -2.39 -23.28 -7.79
C LEU B 65 -2.61 -22.98 -6.32
N PHE B 66 -2.50 -21.71 -5.95
CA PHE B 66 -2.67 -21.30 -4.56
C PHE B 66 -4.13 -21.20 -4.13
N GLU B 67 -5.03 -20.94 -5.08
CA GLU B 67 -6.45 -20.86 -4.76
C GLU B 67 -6.95 -22.24 -4.28
N GLN B 68 -6.59 -23.30 -5.01
CA GLN B 68 -7.06 -24.65 -4.71
C GLN B 68 -6.36 -25.34 -3.53
N LEU B 69 -5.27 -24.77 -3.04
CA LEU B 69 -4.52 -25.32 -1.92
C LEU B 69 -5.32 -25.30 -0.61
N SER B 71 -4.15 -25.66 2.84
CA SER B 71 -4.01 -24.67 3.88
C SER B 71 -3.01 -23.56 3.51
N ILE B 72 -2.70 -22.70 4.49
CA ILE B 72 -1.58 -21.79 4.43
C ILE B 72 -0.27 -22.60 4.55
N PRO B 73 0.63 -22.49 3.57
CA PRO B 73 1.88 -23.21 3.68
C PRO B 73 2.82 -22.65 4.76
N SER B 74 3.68 -23.51 5.32
CA SER B 74 4.66 -23.07 6.28
C SER B 74 5.97 -22.74 5.55
N THR B 75 6.31 -23.53 4.54
CA THR B 75 7.49 -23.31 3.67
C THR B 75 7.07 -23.43 2.21
N VAL B 76 7.56 -22.54 1.36
CA VAL B 76 7.36 -22.71 -0.08
C VAL B 76 8.74 -22.74 -0.65
N VAL B 77 9.06 -23.83 -1.33
CA VAL B 77 10.32 -23.96 -2.02
C VAL B 77 10.13 -23.82 -3.56
N HIS B 78 10.75 -22.80 -4.12
CA HIS B 78 10.68 -22.55 -5.53
C HIS B 78 11.94 -22.97 -6.19
N SER B 79 11.87 -24.11 -6.86
CA SER B 79 13.04 -24.68 -7.52
C SER B 79 12.82 -24.85 -9.02
N ALA B 80 11.77 -24.25 -9.55
CA ALA B 80 11.47 -24.34 -10.96
C ALA B 80 12.46 -23.47 -11.72
N GLY B 81 12.88 -23.95 -12.87
CA GLY B 81 13.86 -23.26 -13.66
C GLY B 81 14.39 -24.18 -14.72
N SER B 82 15.29 -23.66 -15.53
CA SER B 82 15.91 -24.43 -16.56
C SER B 82 17.14 -23.74 -17.03
N GLY B 83 18.05 -24.51 -17.65
CA GLY B 83 19.27 -24.01 -18.26
C GLY B 83 19.25 -23.94 -19.78
N TYR B 84 20.12 -23.11 -20.33
CA TYR B 84 20.34 -22.95 -21.78
C TYR B 84 21.64 -22.17 -21.93
N PHE B 85 22.56 -22.66 -22.77
CA PHE B 85 23.93 -22.13 -22.80
C PHE B 85 24.44 -21.93 -24.21
N GLY B 86 25.59 -21.29 -24.28
CA GLY B 86 26.26 -20.99 -25.53
C GLY B 86 26.59 -19.54 -25.67
N LEU B 87 27.58 -19.27 -26.52
CA LEU B 87 27.92 -17.92 -26.85
C LEU B 87 26.64 -17.21 -27.31
N LEU B 88 26.52 -15.92 -26.97
CA LEU B 88 25.22 -15.27 -27.17
C LEU B 88 24.79 -15.30 -28.63
N GLN B 89 25.73 -15.07 -29.55
CA GLN B 89 25.39 -15.10 -31.00
C GLN B 89 24.97 -16.51 -31.53
N GLU B 90 25.24 -17.56 -30.78
CA GLU B 90 24.85 -18.92 -31.19
C GLU B 90 23.53 -19.32 -30.54
N GLN B 91 23.05 -18.52 -29.57
CA GLN B 91 21.82 -18.86 -28.89
C GLN B 91 20.62 -18.60 -29.79
N ASP B 92 19.65 -19.50 -29.71
CA ASP B 92 18.38 -19.39 -30.43
C ASP B 92 17.38 -18.48 -29.70
N PRO B 93 16.86 -17.44 -30.37
CA PRO B 93 16.03 -16.52 -29.61
C PRO B 93 14.75 -17.14 -29.02
N GLU B 94 14.22 -18.22 -29.63
CA GLU B 94 13.06 -18.92 -29.07
C GLU B 94 13.41 -19.66 -27.81
N GLN B 95 14.63 -20.23 -27.75
CA GLN B 95 15.09 -20.88 -26.52
C GLN B 95 15.38 -19.84 -25.41
N ILE B 96 15.89 -18.66 -25.78
CA ILE B 96 16.06 -17.52 -24.84
C ILE B 96 14.69 -17.14 -24.22
N GLN B 97 13.66 -17.08 -25.03
CA GLN B 97 12.32 -16.72 -24.56
C GLN B 97 11.81 -17.79 -23.58
N THR B 98 12.00 -19.07 -23.90
CA THR B 98 11.70 -20.16 -22.97
C THR B 98 12.48 -20.04 -21.66
N LEU B 99 13.73 -19.66 -21.74
CA LEU B 99 14.55 -19.44 -20.55
C LEU B 99 13.93 -18.34 -19.64
N ILE B 100 13.54 -17.23 -20.26
CA ILE B 100 12.93 -16.13 -19.53
C ILE B 100 11.64 -16.62 -18.90
N GLU B 101 10.80 -17.34 -19.65
CA GLU B 101 9.56 -17.86 -19.06
C GLU B 101 9.77 -18.83 -17.88
N ASN B 102 10.68 -19.79 -18.03
CA ASN B 102 10.86 -20.81 -17.03
C ASN B 102 11.54 -20.34 -15.76
N ASN B 103 12.38 -19.31 -15.88
CA ASN B 103 13.13 -18.78 -14.77
C ASN B 103 12.61 -17.48 -14.18
N LEU B 104 12.44 -16.47 -14.98
CA LEU B 104 12.09 -15.16 -14.43
C LEU B 104 10.56 -14.99 -14.25
N SER B 105 9.77 -15.23 -15.29
CA SER B 105 8.31 -15.21 -15.16
C SER B 105 7.78 -16.14 -14.09
N SER B 106 8.32 -17.36 -13.98
CA SER B 106 7.95 -18.26 -12.94
C SER B 106 8.21 -17.70 -11.53
N ALA B 107 9.40 -17.16 -11.33
CA ALA B 107 9.77 -16.63 -10.03
C ALA B 107 8.86 -15.45 -9.67
N ILE B 108 8.61 -14.54 -10.62
CA ILE B 108 7.78 -13.36 -10.38
C ILE B 108 6.37 -13.76 -10.04
N ASN B 109 5.78 -14.61 -10.87
CA ASN B 109 4.42 -15.06 -10.59
C ASN B 109 4.25 -15.75 -9.23
N VAL B 110 5.15 -16.68 -8.92
CA VAL B 110 5.13 -17.39 -7.63
C VAL B 110 5.31 -16.39 -6.50
N LEU B 111 6.32 -15.55 -6.56
CA LEU B 111 6.60 -14.75 -5.42
C LEU B 111 5.47 -13.73 -5.25
N ARG B 112 4.93 -13.22 -6.36
CA ARG B 112 3.89 -12.22 -6.27
C ARG B 112 2.62 -12.80 -5.63
N GLU B 113 2.30 -14.01 -6.03
CA GLU B 113 1.13 -14.66 -5.53
C GLU B 113 1.29 -14.92 -4.02
N LEU B 114 2.51 -15.29 -3.61
CA LEU B 114 2.79 -15.57 -2.25
C LEU B 114 2.68 -14.32 -1.40
N VAL B 115 3.18 -13.20 -1.93
CA VAL B 115 3.17 -11.96 -1.19
C VAL B 115 1.71 -11.48 -1.07
N LYS B 116 0.98 -11.58 -2.18
CA LYS B 116 -0.44 -11.23 -2.18
C LYS B 116 -1.22 -11.95 -1.11
N ARG B 117 -1.01 -13.25 -1.01
CA ARG B 117 -1.84 -14.13 -0.19
C ARG B 117 -1.36 -14.24 1.26
N TYR B 118 -0.04 -14.27 1.49
CA TYR B 118 0.46 -14.73 2.75
C TYR B 118 1.52 -13.85 3.38
N LYS B 119 1.71 -12.62 2.91
CA LYS B 119 2.79 -11.77 3.47
C LYS B 119 2.65 -11.52 4.99
N ASP B 120 1.41 -11.52 5.49
CA ASP B 120 1.17 -11.37 6.93
C ASP B 120 1.17 -12.71 7.69
N GLN B 121 1.58 -13.81 7.05
CA GLN B 121 1.72 -15.10 7.70
C GLN B 121 3.19 -15.53 7.76
N PRO B 122 3.55 -16.34 8.77
CA PRO B 122 4.93 -16.81 8.98
C PRO B 122 5.52 -17.81 7.93
N VAL B 123 5.47 -17.46 6.65
CA VAL B 123 5.86 -18.39 5.59
C VAL B 123 7.33 -18.17 5.26
N ASN B 124 8.08 -19.26 5.16
CA ASN B 124 9.50 -19.20 4.74
C ASN B 124 9.47 -19.48 3.25
N VAL B 125 9.90 -18.51 2.46
CA VAL B 125 9.89 -18.63 0.97
C VAL B 125 11.31 -18.80 0.50
N VAL B 126 11.59 -19.99 0.03
CA VAL B 126 12.90 -20.39 -0.32
C VAL B 126 13.02 -20.28 -1.83
N MET B 127 13.82 -19.33 -2.28
CA MET B 127 13.97 -19.03 -3.69
C MET B 127 15.29 -19.60 -4.16
N ILE B 128 15.23 -20.66 -4.96
CA ILE B 128 16.44 -21.33 -5.37
C ILE B 128 16.80 -20.72 -6.70
N MET B 129 18.04 -20.26 -6.79
CA MET B 129 18.53 -19.54 -7.97
C MET B 129 19.74 -20.32 -8.52
N SER B 130 20.92 -19.75 -8.48
CA SER B 130 22.11 -20.40 -9.00
C SER B 130 23.26 -19.49 -8.64
N THR B 131 24.47 -20.04 -8.53
CA THR B 131 25.66 -19.18 -8.44
C THR B 131 25.77 -18.26 -9.65
N ALA B 132 25.09 -18.60 -10.75
CA ALA B 132 24.98 -17.70 -11.92
C ALA B 132 24.35 -16.33 -11.60
N ALA B 133 23.56 -16.28 -10.53
CA ALA B 133 22.94 -15.02 -10.03
C ALA B 133 23.95 -14.06 -9.42
N GLN B 134 25.12 -14.58 -9.03
CA GLN B 134 26.10 -13.88 -8.21
C GLN B 134 27.30 -13.32 -9.00
N GLN B 135 27.49 -13.80 -10.22
CA GLN B 135 28.65 -13.50 -11.05
C GLN B 135 28.28 -13.69 -12.54
N PRO B 136 28.99 -13.05 -13.41
CA PRO B 136 28.79 -13.27 -14.83
C PRO B 136 29.55 -14.52 -15.25
N LYS B 137 29.13 -15.16 -16.33
CA LYS B 137 29.79 -16.35 -16.84
C LYS B 137 29.73 -16.38 -18.38
N ALA B 138 30.88 -16.61 -19.03
CA ALA B 138 30.94 -16.73 -20.47
C ALA B 138 30.12 -17.95 -20.89
N GLN B 139 29.44 -17.87 -22.04
CA GLN B 139 28.56 -18.89 -22.54
C GLN B 139 27.31 -19.09 -21.69
N GLU B 140 27.07 -18.24 -20.69
CA GLU B 140 25.87 -18.33 -19.90
C GLU B 140 25.20 -16.95 -19.79
N SER B 141 25.36 -16.09 -20.78
CA SER B 141 24.87 -14.71 -20.67
C SER B 141 23.39 -14.55 -20.34
N THR B 142 22.52 -15.32 -21.00
CA THR B 142 21.09 -15.25 -20.77
C THR B 142 20.67 -15.97 -19.53
N TYR B 143 21.40 -17.00 -19.14
CA TYR B 143 21.16 -17.69 -17.87
C TYR B 143 21.53 -16.81 -16.68
N CYS B 144 22.71 -16.19 -16.75
CA CYS B 144 23.08 -15.10 -15.84
C CYS B 144 21.99 -14.03 -15.81
N ALA B 145 21.55 -13.58 -16.98
CA ALA B 145 20.50 -12.55 -17.03
C ALA B 145 19.28 -12.91 -16.19
N VAL B 146 18.74 -14.12 -16.37
CA VAL B 146 17.53 -14.53 -15.70
C VAL B 146 17.75 -14.79 -14.22
N LYS B 147 18.93 -15.29 -13.84
CA LYS B 147 19.23 -15.53 -12.43
C LYS B 147 19.55 -14.25 -11.65
N TRP B 148 20.33 -13.35 -12.25
CA TRP B 148 20.52 -12.00 -11.69
C TRP B 148 19.14 -11.32 -11.49
N ALA B 149 18.26 -11.45 -12.49
CA ALA B 149 16.93 -10.82 -12.42
C ALA B 149 16.15 -11.31 -11.17
N VAL B 150 16.12 -12.62 -10.96
CA VAL B 150 15.46 -13.15 -9.79
C VAL B 150 16.09 -12.63 -8.50
N LYS B 151 17.42 -12.47 -8.44
CA LYS B 151 18.05 -11.95 -7.24
C LYS B 151 17.68 -10.46 -7.06
N GLY B 152 17.70 -9.67 -8.12
CA GLY B 152 17.17 -8.32 -8.01
C GLY B 152 15.73 -8.28 -7.48
N LEU B 153 14.86 -9.15 -7.98
CA LEU B 153 13.46 -9.26 -7.53
C LEU B 153 13.41 -9.54 -6.03
N ILE B 154 14.10 -10.59 -5.57
CA ILE B 154 13.95 -11.01 -4.17
C ILE B 154 14.57 -10.01 -3.17
N GLU B 155 15.68 -9.39 -3.54
CA GLU B 155 16.31 -8.44 -2.66
C GLU B 155 15.48 -7.17 -2.52
N SER B 156 14.71 -6.85 -3.58
CA SER B 156 13.76 -5.77 -3.58
C SER B 156 12.54 -6.13 -2.75
N VAL B 157 11.93 -7.30 -2.98
CA VAL B 157 10.76 -7.71 -2.20
C VAL B 157 11.15 -7.87 -0.69
N ARG B 158 12.35 -8.35 -0.40
CA ARG B 158 12.79 -8.36 1.03
C ARG B 158 12.71 -7.00 1.73
N LEU B 159 13.07 -5.91 1.03
CA LEU B 159 12.88 -4.55 1.58
C LEU B 159 11.40 -4.22 1.82
N GLU B 160 10.53 -4.67 0.91
CA GLU B 160 9.08 -4.49 1.04
C GLU B 160 8.44 -5.32 2.19
N LEU B 161 9.09 -6.41 2.53
CA LEU B 161 8.64 -7.31 3.61
C LEU B 161 9.18 -6.97 4.99
N LYS B 162 10.00 -5.92 5.09
CA LYS B 162 10.55 -5.48 6.34
C LYS B 162 9.43 -5.39 7.38
N GLY B 163 9.60 -6.04 8.53
CA GLY B 163 8.58 -6.00 9.56
C GLY B 163 7.34 -6.85 9.25
N LYS B 164 7.49 -7.93 8.48
CA LYS B 164 6.39 -8.85 8.19
C LYS B 164 6.85 -10.24 8.49
N PRO B 165 5.93 -11.16 8.82
CA PRO B 165 6.37 -12.47 9.23
C PRO B 165 6.95 -13.30 8.07
N MET B 166 6.54 -13.02 6.83
CA MET B 166 7.04 -13.77 5.67
C MET B 166 8.52 -13.43 5.48
N LYS B 167 9.31 -14.45 5.21
CA LYS B 167 10.74 -14.30 5.06
C LYS B 167 11.11 -14.93 3.74
N ILE B 168 12.03 -14.28 3.03
CA ILE B 168 12.59 -14.84 1.80
C ILE B 168 14.02 -15.38 2.09
N ILE B 169 14.22 -16.63 1.75
CA ILE B 169 15.48 -17.33 1.86
C ILE B 169 16.05 -17.53 0.44
N ALA B 170 17.29 -17.14 0.26
CA ALA B 170 17.97 -17.21 -1.06
C ALA B 170 18.94 -18.35 -1.05
N VAL B 171 18.87 -19.20 -2.06
CA VAL B 171 19.72 -20.36 -2.19
C VAL B 171 20.40 -20.31 -3.55
N TYR B 172 21.71 -20.54 -3.56
CA TYR B 172 22.53 -20.41 -4.75
C TYR B 172 23.38 -21.67 -5.02
N PRO B 173 22.80 -22.68 -5.70
CA PRO B 173 23.53 -23.91 -6.05
C PRO B 173 24.47 -23.72 -7.19
N GLY B 174 25.64 -24.29 -7.04
CA GLY B 174 26.67 -24.24 -8.04
C GLY B 174 27.11 -25.64 -8.39
N GLY B 175 27.38 -25.89 -9.68
CA GLY B 175 27.97 -27.19 -10.09
C GLY B 175 27.04 -28.41 -10.08
N MET B 176 25.76 -28.19 -10.37
CA MET B 176 24.81 -29.30 -10.55
C MET B 176 24.81 -29.69 -12.05
N PHE B 193 28.69 -31.70 -11.29
CA PHE B 193 28.95 -32.95 -10.58
C PHE B 193 28.27 -33.04 -9.19
N MET B 194 27.82 -31.91 -8.61
CA MET B 194 27.02 -31.98 -7.40
C MET B 194 25.69 -32.58 -7.87
N SER B 195 25.23 -33.64 -7.20
CA SER B 195 23.98 -34.31 -7.59
C SER B 195 22.78 -33.64 -6.91
N ALA B 196 21.63 -33.70 -7.57
CA ALA B 196 20.40 -33.16 -7.00
C ALA B 196 20.18 -33.72 -5.61
N GLU B 197 20.56 -34.99 -5.37
CA GLU B 197 20.40 -35.59 -4.05
C GLU B 197 21.23 -34.95 -2.91
N ASP B 198 22.49 -34.68 -3.19
CA ASP B 198 23.39 -34.15 -2.16
C ASP B 198 23.17 -32.63 -1.96
N ALA B 199 22.98 -31.90 -3.06
CA ALA B 199 22.46 -30.51 -3.03
C ALA B 199 21.18 -30.43 -2.18
N ALA B 200 20.23 -31.32 -2.45
CA ALA B 200 19.05 -31.49 -1.57
C ALA B 200 19.41 -31.65 -0.09
N LEU B 201 20.34 -32.55 0.21
CA LEU B 201 20.69 -32.82 1.62
C LEU B 201 21.23 -31.62 2.34
N MET B 202 22.13 -30.92 1.69
CA MET B 202 22.79 -29.76 2.32
C MET B 202 21.86 -28.59 2.43
N ILE B 203 21.08 -28.33 1.37
CA ILE B 203 20.03 -27.34 1.49
C ILE B 203 19.05 -27.69 2.59
N HIS B 204 18.42 -28.86 2.54
CA HIS B 204 17.45 -29.22 3.57
C HIS B 204 18.12 -29.17 4.95
N GLY B 205 19.34 -29.69 4.99
CA GLY B 205 20.21 -29.62 6.20
C GLY B 205 20.47 -28.23 6.74
N ALA B 206 20.72 -27.23 5.88
CA ALA B 206 21.09 -25.88 6.34
C ALA B 206 19.94 -24.96 6.73
N LEU B 207 18.80 -25.05 6.07
CA LEU B 207 17.70 -24.14 6.39
C LEU B 207 17.22 -24.39 7.79
N ALA B 208 17.01 -23.30 8.54
CA ALA B 208 16.64 -23.39 9.95
C ALA B 208 16.14 -22.04 10.40
N ASN B 209 15.21 -22.08 11.36
CA ASN B 209 14.62 -20.92 11.99
C ASN B 209 14.74 -21.11 13.51
N ILE B 210 15.96 -21.26 13.99
CA ILE B 210 16.22 -21.53 15.41
C ILE B 210 16.25 -20.25 16.21
N GLY B 211 15.35 -20.13 17.19
CA GLY B 211 15.41 -19.03 18.14
C GLY B 211 14.98 -17.77 17.48
N ASN B 212 15.72 -16.68 17.75
CA ASN B 212 15.43 -15.37 17.16
C ASN B 212 16.05 -15.20 15.74
N GLY B 213 16.49 -16.26 15.10
CA GLY B 213 17.21 -16.10 13.84
C GLY B 213 16.89 -17.12 12.79
N TYR B 214 17.39 -16.88 11.59
CA TYR B 214 17.17 -17.82 10.49
C TYR B 214 18.32 -17.74 9.52
N VAL B 215 18.49 -18.81 8.77
CA VAL B 215 19.47 -18.85 7.71
C VAL B 215 18.79 -18.16 6.53
N SER B 216 19.32 -17.00 6.16
CA SER B 216 18.71 -16.19 5.09
C SER B 216 19.29 -16.42 3.69
N ASP B 217 20.51 -16.89 3.59
CA ASP B 217 21.17 -17.06 2.32
C ASP B 217 22.17 -18.20 2.44
N ILE B 218 22.15 -19.08 1.44
CA ILE B 218 22.99 -20.27 1.39
C ILE B 218 23.55 -20.40 0.00
N THR B 219 24.84 -20.63 -0.09
CA THR B 219 25.49 -21.03 -1.32
C THR B 219 26.07 -22.42 -1.17
N VAL B 220 25.76 -23.27 -2.12
CA VAL B 220 26.16 -24.69 -2.09
C VAL B 220 26.96 -24.97 -3.37
N ASN B 221 28.18 -25.47 -3.21
CA ASN B 221 29.04 -25.72 -4.34
C ASN B 221 29.57 -27.17 -4.34
N ARG B 222 30.11 -27.60 -5.48
CA ARG B 222 30.67 -28.95 -5.52
C ARG B 222 32.14 -28.98 -5.04
N GLU B 223 32.50 -30.04 -4.33
CA GLU B 223 33.89 -30.34 -3.92
C GLU B 223 34.74 -30.74 -5.12
N LEU C 3 40.49 -32.64 14.42
CA LEU C 3 40.75 -31.47 15.34
C LEU C 3 40.14 -30.21 14.77
N ILE C 4 39.43 -29.48 15.62
CA ILE C 4 38.85 -28.21 15.25
C ILE C 4 39.57 -27.08 16.01
N VAL C 5 40.23 -26.18 15.28
CA VAL C 5 40.87 -24.98 15.86
C VAL C 5 39.90 -23.80 15.73
N ILE C 6 39.60 -23.17 16.86
CA ILE C 6 38.67 -22.09 16.91
C ILE C 6 39.36 -20.84 17.46
N THR C 7 39.40 -19.78 16.66
CA THR C 7 39.90 -18.46 17.16
C THR C 7 38.71 -17.64 17.60
N GLY C 8 38.97 -16.65 18.44
CA GLY C 8 37.88 -15.86 18.98
C GLY C 8 37.02 -16.71 19.91
N ALA C 9 37.63 -17.68 20.58
CA ALA C 9 36.85 -18.67 21.28
C ALA C 9 36.55 -18.31 22.73
N SER C 10 37.04 -17.16 23.24
CA SER C 10 36.82 -16.71 24.62
C SER C 10 35.39 -16.44 24.93
N SER C 11 34.64 -15.99 23.93
CA SER C 11 33.23 -15.66 24.10
C SER C 11 32.50 -15.69 22.76
N GLY C 12 31.20 -15.39 22.82
CA GLY C 12 30.41 -15.12 21.65
C GLY C 12 30.23 -16.35 20.82
N LEU C 13 30.18 -16.14 19.50
CA LEU C 13 30.01 -17.19 18.51
C LEU C 13 31.02 -18.31 18.59
N GLY C 14 32.29 -17.95 18.73
CA GLY C 14 33.36 -18.91 18.74
C GLY C 14 33.27 -19.82 19.97
N ALA C 15 32.82 -19.26 21.11
CA ALA C 15 32.65 -20.08 22.37
C ALA C 15 31.49 -21.03 22.15
N GLU C 16 30.39 -20.50 21.61
CA GLU C 16 29.20 -21.34 21.37
C GLU C 16 29.42 -22.41 20.35
N LEU C 17 30.18 -22.11 19.27
CA LEU C 17 30.62 -23.16 18.32
C LEU C 17 31.45 -24.26 18.98
N ALA C 18 32.37 -23.88 19.87
CA ALA C 18 33.25 -24.88 20.52
C ALA C 18 32.40 -25.93 21.31
N LYS C 19 31.38 -25.47 21.98
CA LYS C 19 30.43 -26.30 22.75
C LYS C 19 29.62 -27.24 21.88
N LEU C 20 29.28 -26.82 20.64
CA LEU C 20 28.62 -27.70 19.69
C LEU C 20 29.52 -28.78 19.13
N TYR C 21 30.74 -28.43 18.70
CA TYR C 21 31.69 -29.45 18.22
C TYR C 21 32.00 -30.43 19.35
N ASP C 22 32.19 -29.88 20.55
CA ASP C 22 32.54 -30.71 21.69
C ASP C 22 31.46 -31.75 21.97
N ALA C 23 30.20 -31.31 21.98
CA ALA C 23 29.06 -32.21 22.13
C ALA C 23 29.00 -33.34 21.12
N GLU C 24 29.45 -33.11 19.89
CA GLU C 24 29.51 -34.17 18.89
C GLU C 24 30.68 -35.12 19.11
N GLY C 25 31.44 -34.91 20.17
CA GLY C 25 32.63 -35.71 20.44
C GLY C 25 33.85 -35.34 19.62
N LYS C 26 33.96 -34.07 19.25
CA LYS C 26 35.10 -33.62 18.46
C LYS C 26 36.09 -32.84 19.31
N ALA C 27 37.38 -33.10 19.09
CA ALA C 27 38.49 -32.45 19.77
C ALA C 27 38.63 -30.97 19.31
N THR C 28 38.66 -30.05 20.27
CA THR C 28 38.88 -28.65 19.99
C THR C 28 40.17 -28.12 20.60
N TYR C 29 40.73 -27.15 19.89
CA TYR C 29 41.82 -26.34 20.40
C TYR C 29 41.38 -24.87 20.27
N LEU C 30 41.37 -24.14 21.37
CA LEU C 30 40.77 -22.80 21.42
C LEU C 30 41.82 -21.74 21.59
N THR C 31 41.59 -20.60 20.94
CA THR C 31 42.38 -19.41 21.14
C THR C 31 41.48 -18.17 21.25
N GLY C 32 41.99 -17.16 21.94
CA GLY C 32 41.29 -15.93 22.22
C GLY C 32 42.31 -15.05 22.92
N ARG C 33 41.94 -13.84 23.30
CA ARG C 33 42.92 -12.94 23.96
C ARG C 33 43.11 -13.19 25.49
N SER C 34 42.08 -13.71 26.16
CA SER C 34 42.09 -13.91 27.63
C SER C 34 42.24 -15.38 28.00
N GLU C 35 43.39 -15.76 28.54
CA GLU C 35 43.59 -17.12 29.05
C GLU C 35 42.48 -17.51 30.03
N SER C 36 42.16 -16.56 30.88
CA SER C 36 41.11 -16.67 31.86
C SER C 36 39.73 -17.00 31.26
N LYS C 37 39.33 -16.33 30.17
CA LYS C 37 38.01 -16.59 29.55
C LYS C 37 38.01 -17.89 28.85
N LEU C 38 39.13 -18.25 28.24
CA LEU C 38 39.31 -19.51 27.59
C LEU C 38 39.13 -20.67 28.57
N SER C 39 39.74 -20.56 29.75
CA SER C 39 39.54 -21.58 30.81
C SER C 39 38.05 -21.75 31.17
N THR C 40 37.30 -20.65 31.30
CA THR C 40 35.88 -20.72 31.62
C THR C 40 35.05 -21.44 30.55
N VAL C 41 35.39 -21.20 29.28
CA VAL C 41 34.77 -21.95 28.18
C VAL C 41 35.13 -23.43 28.22
N THR C 42 36.42 -23.73 28.34
CA THR C 42 36.92 -25.08 28.44
C THR C 42 36.27 -25.89 29.64
N ASN C 43 35.89 -25.23 30.74
CA ASN C 43 35.18 -25.91 31.84
C ASN C 43 33.85 -26.48 31.38
N CYS C 44 33.27 -25.91 30.31
CA CYS C 44 32.05 -26.45 29.72
C CYS C 44 32.27 -27.67 28.85
N LEU C 45 33.50 -27.98 28.50
CA LEU C 45 33.81 -28.94 27.44
C LEU C 45 34.36 -30.26 28.00
N SER C 46 34.09 -31.38 27.33
CA SER C 46 34.61 -32.67 27.81
C SER C 46 35.62 -33.32 26.86
N ASN C 47 35.81 -32.77 25.67
CA ASN C 47 36.80 -33.31 24.72
C ASN C 47 37.85 -32.32 24.27
N ASN C 48 37.96 -31.20 24.97
CA ASN C 48 38.97 -30.19 24.62
C ASN C 48 40.39 -30.76 24.71
N VAL C 49 41.23 -30.44 23.75
CA VAL C 49 42.65 -30.75 23.80
C VAL C 49 43.55 -29.51 23.95
N GLY C 50 43.00 -28.44 24.50
CA GLY C 50 43.86 -27.30 24.89
C GLY C 50 43.35 -25.94 24.48
N TYR C 51 43.98 -24.94 25.10
CA TYR C 51 43.66 -23.57 24.87
C TYR C 51 44.93 -22.70 25.06
N ARG C 52 44.91 -21.53 24.43
CA ARG C 52 46.08 -20.68 24.45
C ARG C 52 45.72 -19.25 24.07
N ALA C 53 46.11 -18.29 24.89
CA ALA C 53 45.88 -16.91 24.57
C ALA C 53 46.83 -16.49 23.47
N ARG C 54 46.31 -15.83 22.45
CA ARG C 54 47.12 -15.33 21.34
C ARG C 54 46.58 -13.97 20.89
N ASP C 55 47.48 -13.07 20.50
CA ASP C 55 47.08 -11.86 19.75
C ASP C 55 47.29 -12.13 18.29
N LEU C 56 46.21 -12.37 17.58
CA LEU C 56 46.24 -12.76 16.17
C LEU C 56 46.71 -11.64 15.18
N ALA C 57 46.77 -10.38 15.67
CA ALA C 57 47.35 -9.25 14.92
C ALA C 57 48.85 -9.42 14.73
N SER C 58 49.47 -10.25 15.56
CA SER C 58 50.90 -10.53 15.44
C SER C 58 51.12 -11.78 14.61
N HIS C 59 51.76 -11.65 13.46
CA HIS C 59 51.94 -12.78 12.59
C HIS C 59 52.85 -13.85 13.23
N GLN C 60 53.85 -13.44 14.02
CA GLN C 60 54.64 -14.43 14.77
C GLN C 60 53.85 -15.27 15.79
N GLU C 61 52.93 -14.65 16.49
CA GLU C 61 52.08 -15.39 17.43
C GLU C 61 51.18 -16.40 16.69
N VAL C 62 50.69 -16.00 15.50
CA VAL C 62 49.87 -16.89 14.67
C VAL C 62 50.72 -18.08 14.13
N GLU C 63 51.92 -17.81 13.64
CA GLU C 63 52.87 -18.88 13.27
C GLU C 63 53.09 -19.91 14.42
N GLN C 64 53.27 -19.42 15.64
CA GLN C 64 53.49 -20.28 16.80
C GLN C 64 52.26 -21.00 17.27
N LEU C 65 51.09 -20.35 17.17
CA LEU C 65 49.83 -21.01 17.41
C LEU C 65 49.74 -22.34 16.63
N PHE C 66 50.03 -22.33 15.34
CA PHE C 66 49.88 -23.50 14.51
C PHE C 66 51.11 -24.40 14.60
N GLU C 67 52.29 -23.83 14.83
CA GLU C 67 53.52 -24.59 15.06
C GLU C 67 53.37 -25.61 16.20
N GLN C 68 52.71 -25.24 17.31
CA GLN C 68 52.63 -26.15 18.47
C GLN C 68 51.50 -27.15 18.39
N LEU C 69 50.80 -27.25 17.25
CA LEU C 69 49.73 -28.22 17.17
C LEU C 69 50.31 -29.61 16.89
N ASP C 70 49.72 -30.63 17.48
CA ASP C 70 50.18 -32.03 17.36
C ASP C 70 49.66 -32.71 16.10
N SER C 71 48.67 -32.12 15.44
CA SER C 71 48.23 -32.67 14.16
C SER C 71 47.59 -31.60 13.28
N ILE C 72 47.16 -32.05 12.10
CA ILE C 72 46.64 -31.21 11.04
C ILE C 72 45.14 -31.03 11.32
N PRO C 73 44.68 -29.77 11.51
CA PRO C 73 43.27 -29.57 11.86
C PRO C 73 42.40 -29.95 10.67
N SER C 74 41.19 -30.40 10.94
CA SER C 74 40.28 -30.74 9.86
C SER C 74 39.41 -29.49 9.53
N THR C 75 39.00 -28.74 10.58
CA THR C 75 38.38 -27.45 10.44
C THR C 75 39.12 -26.36 11.26
N VAL C 76 39.31 -25.19 10.65
CA VAL C 76 39.69 -24.02 11.43
C VAL C 76 38.59 -22.96 11.34
N VAL C 77 38.06 -22.57 12.48
CA VAL C 77 37.03 -21.53 12.58
C VAL C 77 37.64 -20.22 13.05
N HIS C 78 37.71 -19.23 12.15
CA HIS C 78 38.16 -17.88 12.53
C HIS C 78 36.99 -16.98 12.89
N SER C 79 36.77 -16.76 14.18
CA SER C 79 35.71 -15.88 14.67
C SER C 79 36.25 -14.68 15.48
N ALA C 80 37.54 -14.43 15.48
CA ALA C 80 38.13 -13.25 16.12
C ALA C 80 37.70 -11.97 15.41
N GLY C 81 37.48 -10.92 16.18
CA GLY C 81 36.96 -9.68 15.64
C GLY C 81 36.50 -8.80 16.75
N SER C 82 36.22 -7.56 16.41
CA SER C 82 35.63 -6.60 17.33
C SER C 82 34.88 -5.55 16.52
N GLY C 83 33.92 -4.91 17.20
CA GLY C 83 33.19 -3.80 16.68
C GLY C 83 33.71 -2.44 17.16
N TYR C 84 33.56 -1.44 16.30
CA TYR C 84 33.66 -0.05 16.74
C TYR C 84 32.79 0.71 15.79
N PHE C 85 32.13 1.76 16.30
CA PHE C 85 31.02 2.42 15.58
C PHE C 85 30.96 3.90 15.88
N GLY C 86 30.19 4.62 15.06
CA GLY C 86 29.99 6.04 15.12
C GLY C 86 30.16 6.72 13.74
N LEU C 87 29.58 7.92 13.60
CA LEU C 87 29.79 8.69 12.37
C LEU C 87 31.29 8.84 12.22
N LEU C 88 31.82 8.92 11.01
CA LEU C 88 33.28 8.85 10.86
C LEU C 88 34.05 9.98 11.58
N GLN C 89 33.58 11.23 11.48
CA GLN C 89 34.18 12.39 12.18
C GLN C 89 34.29 12.18 13.68
N GLU C 90 33.32 11.48 14.25
CA GLU C 90 33.32 11.16 15.68
C GLU C 90 34.24 9.99 16.11
N GLN C 91 34.75 9.24 15.14
CA GLN C 91 35.57 8.07 15.47
C GLN C 91 36.98 8.46 15.84
N ASP C 92 37.51 7.77 16.85
CA ASP C 92 38.84 7.99 17.35
C ASP C 92 39.84 7.18 16.54
N PRO C 93 40.83 7.84 15.93
CA PRO C 93 41.85 7.21 15.10
C PRO C 93 42.57 6.02 15.75
N GLU C 94 42.91 6.12 17.04
CA GLU C 94 43.55 4.98 17.75
C GLU C 94 42.65 3.72 17.77
N GLN C 95 41.36 3.92 18.03
CA GLN C 95 40.35 2.87 18.04
C GLN C 95 40.12 2.29 16.64
N ILE C 96 40.30 3.12 15.63
CA ILE C 96 40.15 2.65 14.25
C ILE C 96 41.34 1.75 13.94
N GLN C 97 42.52 2.16 14.39
CA GLN C 97 43.70 1.34 14.25
C GLN C 97 43.54 -0.03 14.97
N THR C 98 42.95 -0.04 16.18
CA THR C 98 42.67 -1.30 16.91
C THR C 98 41.71 -2.20 16.14
N LEU C 99 40.64 -1.60 15.62
CA LEU C 99 39.66 -2.24 14.71
C LEU C 99 40.30 -2.92 13.48
N ILE C 100 41.22 -2.23 12.80
CA ILE C 100 41.97 -2.77 11.66
C ILE C 100 42.79 -3.96 12.12
N GLU C 101 43.54 -3.79 13.20
CA GLU C 101 44.27 -4.91 13.83
C GLU C 101 43.42 -6.14 14.18
N ASN C 102 42.31 -5.98 14.90
CA ASN C 102 41.52 -7.11 15.40
C ASN C 102 40.78 -7.85 14.33
N ASN C 103 40.46 -7.16 13.24
CA ASN C 103 39.63 -7.73 12.18
C ASN C 103 40.42 -8.08 10.93
N LEU C 104 41.13 -7.09 10.39
CA LEU C 104 41.79 -7.31 9.11
C LEU C 104 43.14 -7.98 9.29
N SER C 105 43.95 -7.48 10.22
CA SER C 105 45.29 -8.03 10.37
C SER C 105 45.24 -9.46 10.83
N SER C 106 44.31 -9.73 11.72
CA SER C 106 44.11 -11.04 12.31
C SER C 106 43.63 -12.05 11.26
N ALA C 107 42.71 -11.60 10.42
CA ALA C 107 42.17 -12.44 9.35
C ALA C 107 43.25 -12.74 8.32
N ILE C 108 44.07 -11.74 8.00
CA ILE C 108 45.14 -11.90 7.02
C ILE C 108 46.19 -12.89 7.53
N ASN C 109 46.60 -12.68 8.80
CA ASN C 109 47.61 -13.55 9.40
C ASN C 109 47.15 -14.97 9.56
N VAL C 110 45.95 -15.20 10.05
CA VAL C 110 45.43 -16.53 10.17
C VAL C 110 45.31 -17.18 8.80
N LEU C 111 44.69 -16.49 7.84
CA LEU C 111 44.53 -17.12 6.55
C LEU C 111 45.87 -17.38 5.87
N ARG C 112 46.76 -16.40 5.88
CA ARG C 112 48.09 -16.62 5.30
C ARG C 112 48.78 -17.87 5.91
N GLU C 113 48.76 -17.99 7.24
CA GLU C 113 49.44 -19.10 7.90
C GLU C 113 48.78 -20.48 7.51
N LEU C 114 47.46 -20.50 7.43
CA LEU C 114 46.71 -21.64 7.00
C LEU C 114 47.06 -22.03 5.58
N VAL C 115 47.07 -21.08 4.64
CA VAL C 115 47.48 -21.39 3.29
C VAL C 115 48.93 -21.91 3.22
N LYS C 116 49.83 -21.25 3.93
CA LYS C 116 51.23 -21.63 3.95
C LYS C 116 51.45 -23.10 4.36
N ARG C 117 50.79 -23.54 5.42
CA ARG C 117 50.99 -24.85 5.97
C ARG C 117 50.10 -25.89 5.33
N TYR C 118 48.86 -25.51 5.03
CA TYR C 118 47.85 -26.54 4.79
C TYR C 118 47.10 -26.44 3.48
N LYS C 119 47.61 -25.70 2.50
CA LYS C 119 46.80 -25.52 1.28
C LYS C 119 46.57 -26.87 0.56
N ASP C 120 47.49 -27.82 0.74
CA ASP C 120 47.44 -29.12 0.07
C ASP C 120 46.81 -30.21 0.98
N GLN C 121 45.98 -29.80 1.95
CA GLN C 121 45.24 -30.68 2.85
C GLN C 121 43.76 -30.35 2.91
N PRO C 122 42.92 -31.34 3.24
CA PRO C 122 41.49 -31.07 3.29
C PRO C 122 41.11 -30.39 4.59
N VAL C 123 41.48 -29.11 4.72
CA VAL C 123 41.06 -28.27 5.83
C VAL C 123 39.89 -27.38 5.34
N ASN C 124 38.81 -27.35 6.11
CA ASN C 124 37.75 -26.40 5.94
C ASN C 124 38.10 -25.17 6.80
N VAL C 125 38.31 -24.04 6.15
CA VAL C 125 38.64 -22.78 6.83
C VAL C 125 37.36 -21.94 6.84
N VAL C 126 36.77 -21.84 8.00
CA VAL C 126 35.50 -21.11 8.19
C VAL C 126 35.76 -19.69 8.66
N MET C 127 35.55 -18.74 7.75
CA MET C 127 35.87 -17.34 8.01
C MET C 127 34.60 -16.64 8.37
N ILE C 128 34.48 -16.23 9.62
CA ILE C 128 33.27 -15.56 10.07
C ILE C 128 33.47 -14.06 10.00
N MET C 129 32.55 -13.37 9.28
CA MET C 129 32.64 -11.95 8.99
C MET C 129 31.41 -11.33 9.62
N SER C 130 30.50 -10.81 8.82
CA SER C 130 29.42 -9.97 9.26
C SER C 130 28.65 -9.57 8.00
N THR C 131 27.34 -9.34 8.13
CA THR C 131 26.59 -8.77 6.99
C THR C 131 27.09 -7.37 6.64
N ALA C 132 27.84 -6.73 7.54
CA ALA C 132 28.56 -5.51 7.23
C ALA C 132 29.57 -5.68 6.09
N ALA C 133 29.97 -6.92 5.80
CA ALA C 133 30.92 -7.22 4.73
C ALA C 133 30.24 -7.08 3.36
N GLN C 134 28.91 -7.13 3.34
CA GLN C 134 28.10 -7.24 2.14
C GLN C 134 27.39 -5.93 1.74
N GLN C 135 27.26 -5.00 2.66
CA GLN C 135 26.58 -3.76 2.40
C GLN C 135 27.27 -2.64 3.15
N PRO C 136 27.08 -1.42 2.69
CA PRO C 136 27.50 -0.22 3.44
C PRO C 136 26.52 0.08 4.54
N LYS C 137 26.98 0.61 5.67
CA LYS C 137 26.09 0.99 6.78
C LYS C 137 26.58 2.27 7.44
N ALA C 138 25.66 3.22 7.59
CA ALA C 138 25.94 4.48 8.27
C ALA C 138 26.25 4.15 9.71
N GLN C 139 27.16 4.94 10.24
CA GLN C 139 27.77 4.78 11.55
C GLN C 139 28.63 3.53 11.71
N GLU C 140 28.88 2.80 10.63
CA GLU C 140 29.73 1.61 10.70
C GLU C 140 30.76 1.61 9.58
N SER C 141 31.20 2.79 9.16
CA SER C 141 32.04 2.91 7.97
C SER C 141 33.38 2.20 8.05
N THR C 142 34.08 2.30 9.16
CA THR C 142 35.39 1.60 9.35
C THR C 142 35.19 0.13 9.65
N TYR C 143 34.06 -0.23 10.22
CA TYR C 143 33.73 -1.62 10.49
C TYR C 143 33.37 -2.30 9.16
N CYS C 144 32.52 -1.66 8.38
CA CYS C 144 32.28 -2.13 6.98
C CYS C 144 33.59 -2.24 6.25
N ALA C 145 34.46 -1.23 6.41
CA ALA C 145 35.75 -1.23 5.71
C ALA C 145 36.53 -2.49 6.01
N VAL C 146 36.64 -2.87 7.31
CA VAL C 146 37.47 -4.02 7.63
C VAL C 146 36.79 -5.36 7.24
N LYS C 147 35.45 -5.40 7.26
CA LYS C 147 34.72 -6.61 6.86
C LYS C 147 34.65 -6.83 5.35
N TRP C 148 34.51 -5.71 4.63
CA TRP C 148 34.69 -5.71 3.18
C TRP C 148 36.08 -6.15 2.83
N ALA C 149 37.06 -5.65 3.57
CA ALA C 149 38.43 -6.06 3.34
C ALA C 149 38.60 -7.56 3.45
N VAL C 150 38.07 -8.16 4.52
CA VAL C 150 38.20 -9.58 4.72
C VAL C 150 37.48 -10.39 3.62
N LYS C 151 36.31 -9.94 3.18
CA LYS C 151 35.63 -10.53 2.02
C LYS C 151 36.48 -10.55 0.73
N GLY C 152 37.13 -9.41 0.40
CA GLY C 152 38.01 -9.31 -0.75
C GLY C 152 39.19 -10.26 -0.67
N LEU C 153 39.80 -10.31 0.51
CA LEU C 153 40.87 -11.25 0.83
C LEU C 153 40.48 -12.67 0.52
N ILE C 154 39.39 -13.11 1.13
CA ILE C 154 38.99 -14.51 0.99
C ILE C 154 38.52 -14.83 -0.42
N GLU C 155 37.83 -13.90 -1.10
CA GLU C 155 37.36 -14.21 -2.49
C GLU C 155 38.57 -14.32 -3.41
N SER C 156 39.62 -13.57 -3.12
CA SER C 156 40.86 -13.64 -3.89
C SER C 156 41.65 -14.91 -3.62
N VAL C 157 41.79 -15.30 -2.34
CA VAL C 157 42.50 -16.57 -1.96
C VAL C 157 41.71 -17.81 -2.46
N ARG C 158 40.39 -17.74 -2.47
CA ARG C 158 39.59 -18.83 -3.12
C ARG C 158 40.03 -19.05 -4.57
N LEU C 159 40.27 -17.97 -5.31
CA LEU C 159 40.85 -18.11 -6.67
C LEU C 159 42.25 -18.72 -6.68
N GLU C 160 43.06 -18.46 -5.67
CA GLU C 160 44.40 -19.09 -5.60
C GLU C 160 44.33 -20.57 -5.21
N LEU C 161 43.24 -20.98 -4.56
CA LEU C 161 43.10 -22.33 -4.05
C LEU C 161 42.39 -23.23 -5.03
N LYS C 162 42.07 -22.70 -6.21
CA LYS C 162 41.54 -23.53 -7.27
C LYS C 162 42.32 -24.82 -7.45
N GLY C 163 41.63 -25.94 -7.32
CA GLY C 163 42.27 -27.23 -7.61
C GLY C 163 42.79 -27.89 -6.36
N LYS C 164 42.93 -27.13 -5.28
CA LYS C 164 43.53 -27.64 -4.05
C LYS C 164 42.46 -28.14 -3.10
N PRO C 165 42.82 -28.99 -2.13
CA PRO C 165 41.79 -29.51 -1.28
C PRO C 165 41.29 -28.57 -0.17
N MET C 166 42.04 -27.51 0.12
CA MET C 166 41.65 -26.60 1.19
C MET C 166 40.49 -25.76 0.64
N LYS C 167 39.49 -25.58 1.46
CA LYS C 167 38.35 -24.74 1.12
C LYS C 167 38.09 -23.66 2.14
N ILE C 168 37.62 -22.52 1.66
CA ILE C 168 37.20 -21.41 2.52
C ILE C 168 35.71 -21.32 2.43
N ILE C 169 35.11 -21.30 3.61
CA ILE C 169 33.70 -21.19 3.84
C ILE C 169 33.41 -19.80 4.43
N ALA C 170 32.54 -19.01 3.81
CA ALA C 170 32.33 -17.63 4.27
C ALA C 170 31.06 -17.63 5.09
N VAL C 171 31.07 -16.99 6.25
CA VAL C 171 29.89 -16.91 7.11
C VAL C 171 29.61 -15.48 7.47
N TYR C 172 28.36 -15.05 7.33
CA TYR C 172 27.96 -13.65 7.48
C TYR C 172 26.79 -13.49 8.49
N PRO C 173 27.10 -13.30 9.78
CA PRO C 173 26.00 -13.13 10.74
C PRO C 173 25.55 -11.69 10.80
N GLY C 174 24.27 -11.46 11.08
CA GLY C 174 23.73 -10.14 11.25
C GLY C 174 22.72 -10.18 12.37
N GLY C 175 22.48 -9.04 12.99
CA GLY C 175 21.45 -8.91 14.00
C GLY C 175 21.86 -9.47 15.37
N MET C 176 23.18 -9.58 15.61
CA MET C 176 23.73 -10.03 16.92
C MET C 176 24.06 -8.78 17.75
N ALA C 177 24.18 -8.98 19.07
CA ALA C 177 24.32 -7.89 20.04
C ALA C 177 25.63 -7.12 19.85
N THR C 178 26.63 -7.84 19.37
CA THR C 178 27.98 -7.33 19.13
C THR C 178 28.10 -6.24 18.03
N GLU C 179 27.01 -6.00 17.29
CA GLU C 179 26.96 -4.92 16.31
C GLU C 179 25.85 -3.92 16.67
N PHE C 180 25.48 -3.87 17.96
CA PHE C 180 24.49 -2.91 18.45
C PHE C 180 25.19 -1.59 18.79
N TRP C 181 24.86 -0.54 18.04
CA TRP C 181 25.27 0.82 18.38
C TRP C 181 24.07 1.76 18.24
N SER C 191 17.21 -8.05 23.41
CA SER C 191 16.30 -9.21 23.51
C SER C 191 15.80 -9.64 22.12
N SER C 192 15.67 -8.66 21.23
CA SER C 192 15.23 -8.90 19.86
C SER C 192 16.37 -9.37 18.91
N PHE C 193 17.63 -9.18 19.32
CA PHE C 193 18.81 -9.74 18.61
C PHE C 193 18.83 -11.27 18.58
N MET C 194 19.51 -11.83 17.57
CA MET C 194 19.82 -13.26 17.49
C MET C 194 20.97 -13.53 18.46
N SER C 195 20.86 -14.62 19.21
CA SER C 195 21.88 -14.95 20.22
C SER C 195 23.04 -15.72 19.60
N ALA C 196 24.21 -15.58 20.21
CA ALA C 196 25.37 -16.38 19.89
C ALA C 196 25.06 -17.88 19.88
N GLU C 197 24.26 -18.38 20.84
CA GLU C 197 23.95 -19.80 20.88
C GLU C 197 23.08 -20.20 19.70
N ASP C 198 22.09 -19.38 19.37
CA ASP C 198 21.18 -19.69 18.24
C ASP C 198 21.96 -19.64 16.89
N ALA C 199 22.72 -18.57 16.68
CA ALA C 199 23.56 -18.41 15.49
C ALA C 199 24.51 -19.58 15.34
N ALA C 200 25.14 -19.96 16.45
CA ALA C 200 26.04 -21.10 16.44
C ALA C 200 25.36 -22.40 16.07
N LEU C 201 24.16 -22.67 16.59
CA LEU C 201 23.44 -23.88 16.18
C LEU C 201 23.17 -23.92 14.66
N MET C 202 22.69 -22.79 14.15
CA MET C 202 22.45 -22.64 12.68
C MET C 202 23.74 -22.77 11.85
N ILE C 203 24.79 -22.04 12.23
CA ILE C 203 26.04 -22.13 11.47
C ILE C 203 26.55 -23.55 11.55
N HIS C 204 26.57 -24.12 12.77
CA HIS C 204 27.07 -25.49 12.94
C HIS C 204 26.21 -26.51 12.18
N GLY C 205 24.90 -26.44 12.30
CA GLY C 205 24.03 -27.32 11.49
C GLY C 205 24.28 -27.15 9.99
N ALA C 206 24.32 -25.91 9.55
CA ALA C 206 24.44 -25.64 8.11
C ALA C 206 25.75 -26.11 7.54
N LEU C 207 26.84 -26.01 8.29
CA LEU C 207 28.11 -26.40 7.74
C LEU C 207 28.06 -27.86 7.47
N ALA C 208 28.02 -28.18 6.19
CA ALA C 208 27.90 -29.55 5.75
C ALA C 208 28.84 -29.73 4.60
N ASN C 209 29.49 -30.89 4.58
CA ASN C 209 30.14 -31.42 3.39
C ASN C 209 29.55 -32.81 3.29
N ILE C 210 28.59 -32.94 2.37
CA ILE C 210 27.91 -34.21 2.07
C ILE C 210 28.19 -34.53 0.61
N GLY C 211 28.58 -35.77 0.34
CA GLY C 211 28.89 -36.19 -1.02
C GLY C 211 29.83 -35.23 -1.71
N ASN C 212 29.58 -34.95 -2.99
CA ASN C 212 30.44 -34.09 -3.78
C ASN C 212 30.06 -32.59 -3.60
N GLY C 213 29.74 -32.15 -2.38
CA GLY C 213 29.31 -30.76 -2.20
C GLY C 213 29.57 -30.21 -0.82
N TYR C 214 29.43 -28.89 -0.69
CA TYR C 214 29.55 -28.27 0.61
C TYR C 214 28.88 -26.90 0.57
N VAL C 215 28.58 -26.42 1.76
CA VAL C 215 28.04 -25.11 1.94
C VAL C 215 29.20 -24.14 1.97
N SER C 216 29.31 -23.35 0.95
CA SER C 216 30.45 -22.44 0.78
C SER C 216 30.22 -21.08 1.39
N ASP C 217 28.98 -20.68 1.57
CA ASP C 217 28.64 -19.34 2.00
C ASP C 217 27.30 -19.43 2.75
N ILE C 218 27.23 -18.82 3.92
CA ILE C 218 26.01 -18.80 4.67
C ILE C 218 25.82 -17.45 5.35
N THR C 219 24.59 -16.99 5.33
CA THR C 219 24.18 -15.77 5.95
C THR C 219 23.08 -16.09 6.96
N VAL C 220 23.27 -15.60 8.18
CA VAL C 220 22.34 -15.83 9.29
C VAL C 220 21.93 -14.51 9.83
N ASN C 221 20.61 -14.29 9.93
CA ASN C 221 20.03 -13.03 10.35
C ASN C 221 18.96 -13.27 11.43
N ARG C 222 18.64 -12.20 12.15
CA ARG C 222 17.49 -12.22 13.06
C ARG C 222 16.18 -11.94 12.33
N GLU C 223 15.10 -12.58 12.80
CA GLU C 223 13.71 -12.31 12.39
C GLU C 223 12.79 -12.64 13.56
N LEU D 3 39.93 26.11 -4.79
CA LEU D 3 41.17 25.32 -4.42
C LEU D 3 41.02 23.80 -4.66
N ILE D 4 42.00 23.18 -5.32
CA ILE D 4 42.02 21.73 -5.52
C ILE D 4 43.20 21.12 -4.75
N VAL D 5 42.86 20.32 -3.74
CA VAL D 5 43.84 19.56 -2.99
C VAL D 5 43.95 18.15 -3.58
N ILE D 6 45.16 17.77 -3.93
CA ILE D 6 45.47 16.47 -4.49
C ILE D 6 46.54 15.67 -3.69
N THR D 7 46.14 14.51 -3.18
CA THR D 7 47.11 13.61 -2.55
C THR D 7 47.66 12.64 -3.59
N GLY D 8 48.85 12.09 -3.32
CA GLY D 8 49.52 11.23 -4.23
C GLY D 8 49.95 11.99 -5.47
N ALA D 9 50.28 13.26 -5.28
CA ALA D 9 50.45 14.20 -6.37
C ALA D 9 51.89 14.33 -6.89
N SER D 10 52.83 13.56 -6.34
CA SER D 10 54.25 13.62 -6.76
C SER D 10 54.60 12.73 -7.95
N SER D 11 53.72 11.77 -8.28
CA SER D 11 53.80 11.06 -9.54
C SER D 11 52.43 10.55 -9.97
N GLY D 12 52.39 9.88 -11.12
CA GLY D 12 51.24 9.12 -11.58
C GLY D 12 50.04 10.01 -11.83
N LEU D 13 48.88 9.44 -11.62
CA LEU D 13 47.61 10.05 -11.91
C LEU D 13 47.42 11.38 -11.17
N GLY D 14 47.82 11.40 -9.90
CA GLY D 14 47.74 12.61 -9.08
C GLY D 14 48.50 13.79 -9.69
N ALA D 15 49.71 13.54 -10.21
CA ALA D 15 50.56 14.62 -10.80
C ALA D 15 49.98 15.07 -12.15
N GLU D 16 49.52 14.10 -12.94
CA GLU D 16 48.88 14.40 -14.26
C GLU D 16 47.57 15.14 -14.08
N LEU D 17 46.80 14.80 -13.05
CA LEU D 17 45.58 15.58 -12.75
C LEU D 17 45.97 17.01 -12.32
N ALA D 18 47.04 17.13 -11.53
CA ALA D 18 47.49 18.47 -11.13
C ALA D 18 47.72 19.35 -12.38
N LYS D 19 48.40 18.79 -13.39
CA LYS D 19 48.75 19.53 -14.59
C LYS D 19 47.52 20.00 -15.37
N LEU D 20 46.49 19.14 -15.49
CA LEU D 20 45.27 19.50 -16.24
C LEU D 20 44.45 20.57 -15.50
N TYR D 21 44.40 20.48 -14.18
CA TYR D 21 43.68 21.50 -13.40
C TYR D 21 44.44 22.84 -13.46
N ASP D 22 45.76 22.79 -13.27
CA ASP D 22 46.61 23.98 -13.37
C ASP D 22 46.47 24.66 -14.75
N ALA D 23 46.69 23.91 -15.83
CA ALA D 23 46.41 24.37 -17.20
C ALA D 23 45.03 25.04 -17.41
N GLU D 24 44.03 24.72 -16.59
CA GLU D 24 42.73 25.43 -16.65
C GLU D 24 42.74 26.69 -15.81
N GLY D 25 43.92 27.13 -15.40
CA GLY D 25 44.03 28.27 -14.50
C GLY D 25 43.70 28.04 -13.03
N LYS D 26 43.41 26.81 -12.59
CA LYS D 26 42.92 26.62 -11.21
C LYS D 26 44.03 26.41 -10.16
N ALA D 27 43.83 26.97 -8.97
CA ALA D 27 44.79 26.80 -7.87
C ALA D 27 44.77 25.35 -7.33
N THR D 28 45.96 24.76 -7.25
CA THR D 28 46.20 23.43 -6.67
C THR D 28 47.15 23.48 -5.43
N TYR D 29 46.88 22.60 -4.45
CA TYR D 29 47.78 22.30 -3.34
C TYR D 29 48.11 20.80 -3.35
N LEU D 30 49.40 20.48 -3.53
CA LEU D 30 49.83 19.13 -3.77
C LEU D 30 50.50 18.47 -2.54
N THR D 31 50.13 17.21 -2.28
CA THR D 31 50.78 16.48 -1.19
C THR D 31 51.26 15.12 -1.72
N GLY D 32 52.30 14.63 -1.10
CA GLY D 32 52.95 13.35 -1.46
C GLY D 32 53.95 13.06 -0.36
N ARG D 33 54.72 11.99 -0.51
CA ARG D 33 55.67 11.63 0.54
C ARG D 33 57.01 12.36 0.38
N SER D 34 57.35 12.69 -0.87
CA SER D 34 58.63 13.29 -1.23
C SER D 34 58.55 14.76 -1.66
N GLU D 35 59.00 15.65 -0.79
CA GLU D 35 59.15 17.07 -1.14
C GLU D 35 60.04 17.27 -2.39
N SER D 36 61.10 16.48 -2.54
CA SER D 36 61.91 16.57 -3.78
C SER D 36 61.08 16.36 -5.05
N LYS D 37 60.41 15.20 -5.14
CA LYS D 37 59.43 14.95 -6.25
C LYS D 37 58.25 15.98 -6.36
N LEU D 38 57.62 16.38 -5.25
CA LEU D 38 56.62 17.45 -5.26
C LEU D 38 57.11 18.76 -5.91
N SER D 39 58.25 19.28 -5.45
CA SER D 39 58.93 20.41 -6.10
C SER D 39 58.91 20.30 -7.62
N THR D 40 59.41 19.19 -8.15
CA THR D 40 59.58 19.06 -9.59
C THR D 40 58.23 19.09 -10.30
N VAL D 41 57.19 18.51 -9.69
CA VAL D 41 55.84 18.57 -10.24
C VAL D 41 55.37 20.01 -10.20
N THR D 42 55.53 20.67 -9.07
CA THR D 42 54.99 22.02 -8.83
C THR D 42 55.70 23.12 -9.66
N ASN D 43 56.91 22.83 -10.13
CA ASN D 43 57.69 23.74 -10.96
C ASN D 43 57.30 23.65 -12.42
N CYS D 44 56.44 22.68 -12.78
CA CYS D 44 55.71 22.69 -14.07
C CYS D 44 54.42 23.51 -14.03
N LEU D 45 53.95 23.87 -12.85
CA LEU D 45 52.67 24.52 -12.70
C LEU D 45 52.89 26.01 -12.63
N SER D 46 51.85 26.79 -12.92
CA SER D 46 51.91 28.24 -12.87
C SER D 46 50.86 28.86 -11.92
N ASN D 47 49.84 28.11 -11.50
CA ASN D 47 48.81 28.59 -10.54
C ASN D 47 48.81 27.83 -9.20
N ASN D 48 49.83 27.00 -9.02
CA ASN D 48 49.97 26.24 -7.77
C ASN D 48 50.22 27.13 -6.56
N VAL D 49 49.55 26.80 -5.45
CA VAL D 49 49.61 27.61 -4.24
C VAL D 49 50.22 26.83 -3.08
N GLY D 50 51.09 25.88 -3.38
CA GLY D 50 51.77 25.16 -2.32
C GLY D 50 51.76 23.66 -2.52
N TYR D 51 52.63 23.04 -1.77
CA TYR D 51 52.77 21.60 -1.68
C TYR D 51 53.36 21.29 -0.32
N ARG D 52 53.08 20.11 0.20
CA ARG D 52 53.66 19.72 1.48
C ARG D 52 53.80 18.21 1.54
N ALA D 53 55.00 17.74 1.83
CA ALA D 53 55.26 16.32 2.05
C ALA D 53 54.52 15.88 3.29
N ARG D 54 53.73 14.80 3.19
CA ARG D 54 53.02 14.26 4.33
C ARG D 54 52.97 12.73 4.24
N ASP D 55 53.02 12.09 5.40
CA ASP D 55 52.67 10.67 5.55
C ASP D 55 51.21 10.60 5.96
N LEU D 56 50.33 10.28 5.01
CA LEU D 56 48.90 10.26 5.26
C LEU D 56 48.47 9.12 6.23
N ALA D 57 49.37 8.18 6.49
CA ALA D 57 49.11 7.10 7.47
C ALA D 57 49.14 7.63 8.90
N SER D 58 49.54 8.88 9.06
CA SER D 58 49.59 9.57 10.33
C SER D 58 48.40 10.48 10.46
N HIS D 59 47.55 10.24 11.44
CA HIS D 59 46.40 11.11 11.58
C HIS D 59 46.81 12.53 12.00
N GLN D 60 47.93 12.66 12.72
CA GLN D 60 48.46 13.99 13.11
C GLN D 60 48.93 14.77 11.86
N GLU D 61 49.64 14.10 10.98
CA GLU D 61 50.12 14.79 9.79
C GLU D 61 48.95 15.21 8.87
N VAL D 62 47.91 14.39 8.79
CA VAL D 62 46.72 14.72 7.97
C VAL D 62 45.92 15.90 8.56
N GLU D 63 45.81 15.94 9.88
CA GLU D 63 45.13 17.02 10.56
C GLU D 63 45.92 18.33 10.33
N GLN D 64 47.25 18.28 10.37
CA GLN D 64 48.06 19.49 10.07
C GLN D 64 48.00 19.92 8.62
N LEU D 65 47.85 18.95 7.71
CA LEU D 65 47.78 19.25 6.28
C LEU D 65 46.62 20.20 6.06
N PHE D 66 45.45 19.88 6.57
CA PHE D 66 44.29 20.69 6.29
C PHE D 66 44.21 21.96 7.13
N GLU D 67 44.80 21.93 8.32
CA GLU D 67 44.80 23.10 9.20
C GLU D 67 45.53 24.26 8.52
N GLN D 68 46.62 23.97 7.83
CA GLN D 68 47.48 25.01 7.28
C GLN D 68 47.01 25.55 5.94
N LEU D 69 45.91 25.05 5.39
CA LEU D 69 45.41 25.57 4.13
C LEU D 69 44.83 26.94 4.38
N ASP D 70 44.90 27.79 3.35
CA ASP D 70 44.39 29.16 3.43
C ASP D 70 42.90 29.34 3.12
N SER D 71 42.28 28.33 2.51
CA SER D 71 40.86 28.42 2.20
C SER D 71 40.27 27.01 2.16
N ILE D 72 38.95 26.95 1.98
CA ILE D 72 38.22 25.71 1.94
C ILE D 72 38.42 25.16 0.53
N PRO D 73 38.87 23.90 0.43
CA PRO D 73 38.99 23.39 -0.93
C PRO D 73 37.63 23.21 -1.59
N SER D 74 37.60 23.35 -2.90
CA SER D 74 36.38 23.07 -3.64
C SER D 74 36.38 21.61 -4.14
N THR D 75 37.58 21.08 -4.39
CA THR D 75 37.75 19.66 -4.71
C THR D 75 38.95 19.13 -3.92
N VAL D 76 38.82 17.89 -3.48
CA VAL D 76 39.91 17.12 -2.94
C VAL D 76 39.97 15.79 -3.69
N VAL D 77 41.11 15.52 -4.28
CA VAL D 77 41.27 14.32 -5.03
C VAL D 77 42.23 13.44 -4.25
N HIS D 78 41.76 12.30 -3.80
CA HIS D 78 42.65 11.39 -3.10
C HIS D 78 43.12 10.31 -4.06
N SER D 79 44.39 10.36 -4.42
CA SER D 79 45.02 9.39 -5.31
C SER D 79 46.24 8.66 -4.72
N ALA D 80 46.52 8.85 -3.43
CA ALA D 80 47.55 8.12 -2.72
C ALA D 80 47.29 6.60 -2.57
N GLY D 81 48.34 5.80 -2.72
CA GLY D 81 48.19 4.36 -2.61
C GLY D 81 49.40 3.69 -3.14
N SER D 82 49.41 2.37 -3.04
CA SER D 82 50.55 1.59 -3.49
C SER D 82 50.10 0.17 -3.72
N GLY D 83 50.90 -0.58 -4.45
CA GLY D 83 50.61 -1.94 -4.80
C GLY D 83 51.57 -2.87 -4.10
N TYR D 84 51.11 -4.10 -3.92
CA TYR D 84 51.99 -5.18 -3.54
C TYR D 84 51.25 -6.45 -3.84
N PHE D 85 51.96 -7.44 -4.38
CA PHE D 85 51.29 -8.60 -4.96
C PHE D 85 52.02 -9.91 -4.72
N GLY D 86 51.38 -11.01 -5.14
CA GLY D 86 51.93 -12.36 -5.02
C GLY D 86 50.93 -13.29 -4.31
N LEU D 87 51.16 -14.59 -4.42
CA LEU D 87 50.36 -15.57 -3.72
C LEU D 87 50.44 -15.25 -2.23
N LEU D 88 49.32 -15.41 -1.51
CA LEU D 88 49.26 -14.95 -0.12
C LEU D 88 50.41 -15.54 0.76
N GLN D 89 50.68 -16.83 0.61
CA GLN D 89 51.71 -17.48 1.40
C GLN D 89 53.12 -16.94 1.09
N GLU D 90 53.32 -16.33 -0.08
CA GLU D 90 54.62 -15.75 -0.47
C GLU D 90 54.74 -14.32 0.00
N GLN D 91 53.63 -13.70 0.43
CA GLN D 91 53.71 -12.30 0.79
C GLN D 91 54.37 -12.08 2.15
N ASP D 92 55.15 -11.02 2.23
CA ASP D 92 55.88 -10.67 3.44
C ASP D 92 54.95 -9.84 4.35
N PRO D 93 54.76 -10.24 5.62
CA PRO D 93 53.81 -9.51 6.44
C PRO D 93 54.12 -8.03 6.64
N GLU D 94 55.39 -7.64 6.63
CA GLU D 94 55.80 -6.23 6.85
C GLU D 94 55.32 -5.40 5.64
N GLN D 95 55.52 -5.95 4.45
CA GLN D 95 55.02 -5.35 3.23
C GLN D 95 53.47 -5.27 3.14
N ILE D 96 52.79 -6.28 3.69
CA ILE D 96 51.34 -6.24 3.83
C ILE D 96 50.92 -5.08 4.76
N GLN D 97 51.61 -4.91 5.87
CA GLN D 97 51.35 -3.81 6.76
C GLN D 97 51.52 -2.44 6.08
N THR D 98 52.56 -2.27 5.27
CA THR D 98 52.77 -1.05 4.47
C THR D 98 51.63 -0.79 3.50
N LEU D 99 51.14 -1.88 2.89
CA LEU D 99 50.00 -1.78 1.98
C LEU D 99 48.76 -1.20 2.69
N ILE D 100 48.50 -1.71 3.91
CA ILE D 100 47.38 -1.27 4.72
C ILE D 100 47.51 0.21 5.06
N GLU D 101 48.70 0.59 5.51
CA GLU D 101 48.99 2.00 5.84
C GLU D 101 48.82 2.94 4.65
N ASN D 102 49.45 2.61 3.53
CA ASN D 102 49.44 3.48 2.35
C ASN D 102 48.08 3.59 1.64
N ASN D 103 47.23 2.56 1.75
CA ASN D 103 45.93 2.55 1.05
C ASN D 103 44.74 2.78 1.97
N LEU D 104 44.64 1.98 3.02
CA LEU D 104 43.47 2.03 3.87
C LEU D 104 43.59 3.13 4.94
N SER D 105 44.71 3.16 5.64
CA SER D 105 44.87 4.14 6.71
C SER D 105 44.82 5.54 6.09
N SER D 106 45.52 5.70 4.97
CA SER D 106 45.65 7.01 4.32
C SER D 106 44.28 7.49 3.90
N ALA D 107 43.49 6.57 3.31
CA ALA D 107 42.13 6.85 2.90
C ALA D 107 41.22 7.21 4.08
N ILE D 108 41.32 6.49 5.19
CA ILE D 108 40.45 6.74 6.37
C ILE D 108 40.81 8.12 6.98
N ASN D 109 42.10 8.38 7.13
CA ASN D 109 42.57 9.66 7.74
C ASN D 109 42.20 10.86 6.90
N VAL D 110 42.42 10.79 5.59
CA VAL D 110 41.97 11.88 4.69
C VAL D 110 40.48 12.07 4.66
N LEU D 111 39.70 11.02 4.39
CA LEU D 111 38.25 11.17 4.39
C LEU D 111 37.64 11.59 5.74
N ARG D 112 38.17 11.07 6.83
CA ARG D 112 37.65 11.46 8.13
C ARG D 112 37.91 12.97 8.38
N GLU D 113 39.10 13.43 8.03
CA GLU D 113 39.45 14.83 8.24
C GLU D 113 38.59 15.74 7.35
N LEU D 114 38.35 15.30 6.10
CA LEU D 114 37.41 15.99 5.22
C LEU D 114 36.00 16.10 5.76
N VAL D 115 35.47 15.01 6.36
CA VAL D 115 34.10 15.03 6.86
C VAL D 115 33.97 15.85 8.13
N LYS D 116 34.98 15.76 8.96
CA LYS D 116 35.10 16.55 10.19
C LYS D 116 35.01 18.05 9.86
N ARG D 117 35.80 18.50 8.90
CA ARG D 117 35.98 19.94 8.64
C ARG D 117 34.97 20.50 7.63
N TYR D 118 34.59 19.71 6.63
CA TYR D 118 33.92 20.26 5.44
C TYR D 118 32.64 19.57 5.04
N LYS D 119 32.03 18.81 5.92
CA LYS D 119 30.83 18.07 5.52
C LYS D 119 29.67 18.99 5.11
N ASP D 120 29.58 20.17 5.71
CA ASP D 120 28.49 21.11 5.42
C ASP D 120 28.90 22.14 4.32
N GLN D 121 30.07 21.92 3.71
CA GLN D 121 30.57 22.73 2.59
C GLN D 121 30.41 21.96 1.27
N PRO D 122 30.17 22.67 0.16
CA PRO D 122 30.05 21.96 -1.13
C PRO D 122 31.44 21.53 -1.65
N VAL D 123 31.97 20.45 -1.12
CA VAL D 123 33.27 19.96 -1.55
C VAL D 123 33.01 18.67 -2.34
N ASN D 124 33.79 18.43 -3.38
CA ASN D 124 33.70 17.19 -4.15
C ASN D 124 34.93 16.40 -3.76
N VAL D 125 34.72 15.27 -3.09
CA VAL D 125 35.82 14.44 -2.69
C VAL D 125 35.94 13.31 -3.71
N VAL D 126 37.01 13.31 -4.45
CA VAL D 126 37.23 12.33 -5.47
C VAL D 126 38.13 11.24 -4.91
N MET D 127 37.53 10.10 -4.62
CA MET D 127 38.32 8.96 -4.09
C MET D 127 38.78 8.00 -5.19
N ILE D 128 40.07 7.96 -5.48
CA ILE D 128 40.56 7.08 -6.53
C ILE D 128 40.95 5.73 -5.94
N MET D 129 40.33 4.67 -6.47
CA MET D 129 40.54 3.34 -5.94
C MET D 129 41.22 2.54 -7.05
N SER D 130 40.59 1.46 -7.50
CA SER D 130 41.18 0.59 -8.50
C SER D 130 40.07 -0.35 -8.88
N THR D 131 40.18 -0.95 -10.06
CA THR D 131 39.25 -2.04 -10.43
C THR D 131 39.35 -3.20 -9.46
N ALA D 132 40.48 -3.33 -8.75
CA ALA D 132 40.65 -4.35 -7.69
C ALA D 132 39.65 -4.18 -6.51
N ALA D 133 39.01 -3.01 -6.39
CA ALA D 133 37.99 -2.74 -5.38
C ALA D 133 36.68 -3.42 -5.68
N GLN D 134 36.50 -3.85 -6.91
CA GLN D 134 35.21 -4.36 -7.37
C GLN D 134 35.19 -5.84 -7.74
N GLN D 135 36.33 -6.53 -7.72
CA GLN D 135 36.40 -7.97 -8.01
C GLN D 135 37.55 -8.56 -7.22
N PRO D 136 37.54 -9.88 -7.04
CA PRO D 136 38.69 -10.52 -6.44
C PRO D 136 39.71 -10.84 -7.52
N LYS D 137 40.96 -10.95 -7.15
CA LYS D 137 42.03 -11.31 -8.10
C LYS D 137 43.07 -12.22 -7.44
N ALA D 138 43.35 -13.34 -8.09
CA ALA D 138 44.48 -14.18 -7.73
C ALA D 138 45.79 -13.40 -7.70
N GLN D 139 46.55 -13.64 -6.64
CA GLN D 139 47.82 -12.98 -6.38
C GLN D 139 47.70 -11.50 -5.98
N GLU D 140 46.50 -11.05 -5.70
CA GLU D 140 46.31 -9.67 -5.29
C GLU D 140 45.44 -9.61 -4.05
N SER D 141 45.51 -10.64 -3.23
CA SER D 141 44.50 -10.81 -2.20
C SER D 141 44.48 -9.62 -1.22
N THR D 142 45.65 -9.19 -0.76
CA THR D 142 45.75 -8.06 0.21
C THR D 142 45.54 -6.70 -0.46
N TYR D 143 45.89 -6.60 -1.74
CA TYR D 143 45.57 -5.41 -2.55
C TYR D 143 44.09 -5.26 -2.71
N CYS D 144 43.40 -6.34 -3.10
CA CYS D 144 41.98 -6.32 -3.15
C CYS D 144 41.44 -6.00 -1.76
N ALA D 145 42.02 -6.62 -0.74
CA ALA D 145 41.51 -6.38 0.61
C ALA D 145 41.44 -4.90 0.94
N VAL D 146 42.56 -4.19 0.75
CA VAL D 146 42.63 -2.73 1.08
C VAL D 146 41.76 -1.83 0.14
N LYS D 147 41.61 -2.22 -1.12
CA LYS D 147 40.78 -1.51 -2.07
C LYS D 147 39.31 -1.76 -1.86
N TRP D 148 38.94 -3.01 -1.55
CA TRP D 148 37.58 -3.28 -1.11
C TRP D 148 37.26 -2.52 0.20
N ALA D 149 38.24 -2.47 1.10
CA ALA D 149 38.09 -1.73 2.36
C ALA D 149 37.72 -0.23 2.11
N VAL D 150 38.50 0.40 1.26
CA VAL D 150 38.19 1.77 0.86
C VAL D 150 36.77 1.94 0.28
N LYS D 151 36.32 1.04 -0.60
CA LYS D 151 34.97 1.11 -1.14
C LYS D 151 33.86 0.94 -0.09
N GLY D 152 34.06 0.06 0.88
CA GLY D 152 33.10 -0.08 1.94
C GLY D 152 33.05 1.18 2.79
N LEU D 153 34.21 1.76 3.04
CA LEU D 153 34.31 3.05 3.75
C LEU D 153 33.53 4.12 3.00
N ILE D 154 33.86 4.34 1.73
CA ILE D 154 33.18 5.47 1.01
C ILE D 154 31.67 5.23 0.82
N GLU D 155 31.24 3.98 0.68
CA GLU D 155 29.83 3.73 0.44
C GLU D 155 28.99 3.93 1.71
N SER D 156 29.64 3.69 2.82
CA SER D 156 29.09 3.99 4.11
C SER D 156 29.03 5.49 4.40
N VAL D 157 30.13 6.17 4.16
CA VAL D 157 30.25 7.63 4.43
C VAL D 157 29.24 8.34 3.46
N ARG D 158 29.10 7.85 2.22
CA ARG D 158 28.05 8.41 1.34
C ARG D 158 26.69 8.42 2.00
N LEU D 159 26.32 7.33 2.67
CA LEU D 159 25.05 7.28 3.40
C LEU D 159 25.01 8.33 4.55
N GLU D 160 26.12 8.56 5.26
CA GLU D 160 26.19 9.56 6.36
C GLU D 160 26.13 10.99 5.80
N LEU D 161 26.42 11.11 4.51
CA LEU D 161 26.42 12.40 3.86
C LEU D 161 25.13 12.70 3.11
N LYS D 162 24.13 11.85 3.26
CA LYS D 162 22.81 12.12 2.72
C LYS D 162 22.34 13.55 3.13
N GLY D 163 22.01 14.37 2.13
CA GLY D 163 21.44 15.70 2.40
C GLY D 163 22.47 16.76 2.70
N LYS D 164 23.76 16.40 2.64
CA LYS D 164 24.82 17.35 2.88
C LYS D 164 25.34 17.72 1.54
N PRO D 165 26.03 18.87 1.47
CA PRO D 165 26.54 19.34 0.20
C PRO D 165 27.82 18.66 -0.24
N MET D 166 28.57 18.10 0.70
CA MET D 166 29.76 17.33 0.34
C MET D 166 29.28 16.04 -0.36
N LYS D 167 30.00 15.67 -1.40
CA LYS D 167 29.72 14.49 -2.21
C LYS D 167 30.99 13.68 -2.38
N ILE D 168 30.86 12.37 -2.49
CA ILE D 168 32.02 11.56 -2.82
C ILE D 168 31.88 10.96 -4.24
N ILE D 169 32.92 11.14 -5.03
CA ILE D 169 33.00 10.63 -6.43
C ILE D 169 33.98 9.45 -6.40
N ALA D 170 33.51 8.32 -6.92
CA ALA D 170 34.33 7.08 -6.87
C ALA D 170 34.92 6.83 -8.23
N VAL D 171 36.21 6.63 -8.28
CA VAL D 171 36.91 6.42 -9.53
C VAL D 171 37.68 5.11 -9.40
N TYR D 172 37.56 4.25 -10.42
CA TYR D 172 38.16 2.91 -10.43
C TYR D 172 38.98 2.71 -11.69
N PRO D 173 40.27 3.04 -11.63
CA PRO D 173 41.12 2.77 -12.78
C PRO D 173 41.61 1.34 -12.81
N GLY D 174 41.81 0.85 -14.02
CA GLY D 174 42.42 -0.48 -14.21
C GLY D 174 43.38 -0.41 -15.38
N GLY D 175 44.43 -1.21 -15.31
CA GLY D 175 45.39 -1.30 -16.40
C GLY D 175 46.42 -0.17 -16.43
N MET D 176 46.65 0.46 -15.30
CA MET D 176 47.72 1.46 -15.20
C MET D 176 48.94 0.77 -14.60
N ALA D 177 50.11 1.30 -14.93
CA ALA D 177 51.37 0.95 -14.26
C ALA D 177 51.24 0.98 -12.74
N THR D 178 50.68 2.07 -12.21
CA THR D 178 50.62 2.35 -10.77
C THR D 178 50.79 1.10 -9.96
N GLU D 179 49.92 0.12 -10.23
CA GLU D 179 49.97 -1.14 -9.52
C GLU D 179 49.22 -2.18 -10.37
N PHE D 180 49.98 -2.80 -11.28
CA PHE D 180 49.51 -3.91 -12.09
C PHE D 180 50.44 -5.10 -11.85
N TRP D 181 49.92 -6.29 -12.12
CA TRP D 181 50.64 -7.53 -11.82
C TRP D 181 50.42 -8.52 -12.93
N GLU D 182 51.47 -8.77 -13.69
CA GLU D 182 51.45 -9.82 -14.70
C GLU D 182 52.41 -10.92 -14.30
N THR D 183 51.93 -12.15 -14.37
CA THR D 183 52.71 -13.32 -14.03
C THR D 183 53.63 -13.81 -15.20
N SER D 184 53.44 -13.24 -16.39
CA SER D 184 54.23 -13.57 -17.58
C SER D 184 53.83 -12.62 -18.68
N GLY D 185 54.68 -12.45 -19.67
CA GLY D 185 54.43 -11.53 -20.76
C GLY D 185 55.70 -11.24 -21.56
N LYS D 186 55.54 -10.43 -22.60
CA LYS D 186 56.62 -9.94 -23.44
C LYS D 186 57.18 -8.71 -22.74
N SER D 187 58.26 -8.13 -23.23
CA SER D 187 58.87 -6.97 -22.53
C SER D 187 57.94 -5.72 -22.45
N LEU D 188 57.72 -5.22 -21.25
CA LEU D 188 56.59 -4.31 -20.95
C LEU D 188 56.61 -2.98 -21.71
N SER D 191 52.58 0.81 -24.29
CA SER D 191 51.22 0.41 -24.67
C SER D 191 50.75 -0.83 -23.89
N SER D 192 51.63 -1.40 -23.06
CA SER D 192 51.24 -2.33 -22.01
C SER D 192 50.16 -1.78 -21.02
N PHE D 193 50.07 -0.45 -20.93
CA PHE D 193 49.28 0.22 -19.89
C PHE D 193 48.49 1.41 -20.40
N MET D 194 47.48 1.77 -19.64
CA MET D 194 46.84 3.06 -19.77
C MET D 194 47.79 4.03 -19.10
N SER D 195 48.27 5.03 -19.84
CA SER D 195 49.16 6.04 -19.27
C SER D 195 48.40 6.89 -18.26
N ALA D 196 49.13 7.35 -17.22
CA ALA D 196 48.58 8.31 -16.28
C ALA D 196 48.03 9.57 -16.95
N GLU D 197 48.73 10.04 -17.99
CA GLU D 197 48.30 11.19 -18.79
C GLU D 197 46.91 10.94 -19.36
N ASP D 198 46.69 9.79 -19.99
CA ASP D 198 45.40 9.54 -20.67
C ASP D 198 44.29 9.24 -19.66
N ALA D 199 44.59 8.46 -18.63
CA ALA D 199 43.62 8.24 -17.51
C ALA D 199 43.17 9.54 -16.92
N ALA D 200 44.15 10.44 -16.69
CA ALA D 200 43.84 11.72 -16.04
C ALA D 200 42.96 12.56 -16.97
N LEU D 201 43.20 12.47 -18.28
CA LEU D 201 42.38 13.23 -19.28
C LEU D 201 40.91 12.79 -19.22
N MET D 202 40.69 11.49 -19.22
CA MET D 202 39.33 10.91 -19.10
C MET D 202 38.62 11.20 -17.79
N ILE D 203 39.37 11.11 -16.68
CA ILE D 203 38.80 11.34 -15.34
C ILE D 203 38.43 12.80 -15.24
N HIS D 204 39.37 13.67 -15.61
CA HIS D 204 39.12 15.10 -15.63
C HIS D 204 37.92 15.48 -16.51
N GLY D 205 37.88 15.01 -17.74
CA GLY D 205 36.68 15.24 -18.60
C GLY D 205 35.34 14.89 -17.95
N ALA D 206 35.23 13.69 -17.37
CA ALA D 206 34.00 13.22 -16.69
C ALA D 206 33.62 14.03 -15.42
N LEU D 207 34.62 14.44 -14.66
CA LEU D 207 34.32 15.22 -13.48
C LEU D 207 33.95 16.69 -13.79
N ALA D 208 34.20 17.17 -15.00
CA ALA D 208 33.89 18.58 -15.36
C ALA D 208 32.41 18.79 -15.67
N ASN D 209 31.55 18.64 -14.64
CA ASN D 209 30.11 18.63 -14.84
C ASN D 209 29.59 20.05 -15.00
N ILE D 210 29.00 20.32 -16.17
CA ILE D 210 28.47 21.64 -16.57
C ILE D 210 26.96 21.77 -16.33
N GLY D 211 26.30 20.70 -15.92
CA GLY D 211 24.82 20.70 -15.75
C GLY D 211 24.37 20.23 -14.38
N ASN D 212 23.10 19.84 -14.27
CA ASN D 212 22.48 19.40 -13.03
C ASN D 212 22.63 17.87 -12.78
N GLY D 213 23.25 17.15 -13.71
CA GLY D 213 23.70 15.76 -13.46
C GLY D 213 25.18 15.79 -13.14
N TYR D 214 25.67 14.84 -12.34
CA TYR D 214 27.12 14.66 -12.17
C TYR D 214 27.51 13.17 -12.22
N VAL D 215 28.79 12.90 -12.51
CA VAL D 215 29.30 11.52 -12.58
C VAL D 215 29.70 11.18 -11.15
N SER D 216 28.96 10.27 -10.54
CA SER D 216 29.21 9.81 -9.15
C SER D 216 30.21 8.66 -9.08
N ASP D 217 30.34 7.90 -10.16
CA ASP D 217 31.17 6.70 -10.17
C ASP D 217 31.66 6.51 -11.59
N ILE D 218 32.96 6.31 -11.77
CA ILE D 218 33.50 6.08 -13.06
C ILE D 218 34.62 5.02 -13.05
N THR D 219 34.59 4.14 -14.06
CA THR D 219 35.60 3.13 -14.24
C THR D 219 36.30 3.40 -15.59
N VAL D 220 37.60 3.33 -15.58
CA VAL D 220 38.36 3.63 -16.78
C VAL D 220 39.31 2.45 -16.89
N ASN D 221 39.47 1.89 -18.10
CA ASN D 221 40.22 0.67 -18.29
C ASN D 221 41.09 0.79 -19.53
N ARG D 222 42.18 0.06 -19.55
CA ARG D 222 42.96 -0.03 -20.77
C ARG D 222 42.18 -0.90 -21.75
N GLU D 223 42.26 -0.61 -23.03
CA GLU D 223 41.78 -1.54 -24.05
C GLU D 223 42.91 -2.46 -24.47
N GLY D 224 42.60 -3.75 -24.65
CA GLY D 224 43.62 -4.69 -25.17
C GLY D 224 43.14 -6.12 -25.25
N LEU E 3 -13.28 -20.52 20.02
CA LEU E 3 -12.80 -19.50 21.01
C LEU E 3 -13.43 -18.11 20.78
N ILE E 4 -13.98 -17.54 21.85
CA ILE E 4 -14.58 -16.20 21.79
C ILE E 4 -13.66 -15.22 22.52
N VAL E 5 -12.98 -14.34 21.77
CA VAL E 5 -12.26 -13.24 22.37
C VAL E 5 -13.17 -12.00 22.59
N ILE E 6 -13.12 -11.41 23.77
CA ILE E 6 -14.04 -10.29 24.10
C ILE E 6 -13.24 -9.07 24.60
N THR E 7 -13.33 -7.94 23.91
CA THR E 7 -12.78 -6.69 24.45
C THR E 7 -13.85 -5.91 25.21
N GLY E 8 -13.38 -5.00 26.06
CA GLY E 8 -14.21 -4.29 27.01
C GLY E 8 -14.95 -5.17 28.01
N ALA E 9 -14.28 -6.25 28.43
CA ALA E 9 -14.90 -7.31 29.23
C ALA E 9 -14.64 -7.15 30.73
N SER E 10 -14.01 -6.02 31.13
CA SER E 10 -13.86 -5.64 32.53
C SER E 10 -15.22 -5.47 33.21
N SER E 11 -16.22 -5.05 32.46
CA SER E 11 -17.51 -4.70 33.02
C SER E 11 -18.53 -4.53 31.94
N GLY E 12 -19.77 -4.32 32.38
CA GLY E 12 -20.84 -3.96 31.47
C GLY E 12 -21.17 -5.05 30.46
N LEU E 13 -21.39 -4.63 29.22
CA LEU E 13 -21.93 -5.48 28.20
C LEU E 13 -20.98 -6.61 27.86
N GLY E 14 -19.70 -6.28 27.75
CA GLY E 14 -18.68 -7.28 27.48
C GLY E 14 -18.70 -8.37 28.54
N ALA E 15 -18.64 -7.94 29.80
CA ALA E 15 -18.69 -8.88 30.95
C ALA E 15 -19.95 -9.73 30.91
N GLU E 16 -21.11 -9.13 30.60
CA GLU E 16 -22.35 -9.91 30.63
C GLU E 16 -22.38 -10.87 29.45
N LEU E 17 -21.88 -10.46 28.27
CA LEU E 17 -21.78 -11.39 27.15
C LEU E 17 -20.87 -12.57 27.51
N ALA E 18 -19.73 -12.30 28.15
CA ALA E 18 -18.80 -13.33 28.57
C ALA E 18 -19.52 -14.38 29.42
N LYS E 19 -20.33 -13.95 30.37
CA LYS E 19 -21.07 -14.87 31.25
C LYS E 19 -22.01 -15.80 30.47
N LEU E 20 -22.64 -15.27 29.42
CA LEU E 20 -23.58 -16.07 28.60
C LEU E 20 -22.91 -17.11 27.74
N TYR E 21 -21.82 -16.72 27.08
CA TYR E 21 -21.03 -17.65 26.30
C TYR E 21 -20.45 -18.74 27.16
N ASP E 22 -19.97 -18.35 28.34
CA ASP E 22 -19.42 -19.27 29.32
C ASP E 22 -20.47 -20.31 29.74
N ALA E 23 -21.66 -19.83 30.08
CA ALA E 23 -22.77 -20.71 30.48
C ALA E 23 -23.18 -21.75 29.40
N GLU E 24 -22.84 -21.52 28.13
CA GLU E 24 -23.05 -22.48 27.05
C GLU E 24 -21.88 -23.44 26.82
N GLY E 25 -20.85 -23.34 27.65
CA GLY E 25 -19.69 -24.24 27.52
C GLY E 25 -18.55 -23.73 26.64
N LYS E 26 -18.60 -22.49 26.20
CA LYS E 26 -17.61 -21.99 25.22
C LYS E 26 -16.44 -21.30 25.92
N ALA E 27 -15.24 -21.54 25.42
CA ALA E 27 -14.06 -20.96 25.99
C ALA E 27 -14.02 -19.49 25.59
N THR E 28 -13.70 -18.64 26.55
CA THR E 28 -13.53 -17.23 26.27
C THR E 28 -12.10 -16.80 26.61
N TYR E 29 -11.70 -15.68 26.03
CA TYR E 29 -10.50 -15.00 26.39
C TYR E 29 -10.87 -13.53 26.48
N LEU E 30 -10.70 -12.94 27.65
CA LEU E 30 -11.17 -11.58 27.91
C LEU E 30 -10.06 -10.56 27.97
N THR E 31 -10.32 -9.38 27.43
CA THR E 31 -9.43 -8.28 27.62
C THR E 31 -10.18 -7.04 28.10
N GLY E 32 -9.42 -6.16 28.73
CA GLY E 32 -9.94 -4.90 29.22
C GLY E 32 -8.78 -4.08 29.79
N ARG E 33 -9.08 -2.97 30.42
CA ARG E 33 -8.02 -2.12 30.92
C ARG E 33 -7.60 -2.52 32.32
N SER E 34 -8.57 -2.92 33.15
CA SER E 34 -8.24 -3.34 34.51
C SER E 34 -7.97 -4.83 34.66
N GLU E 35 -6.73 -5.13 34.98
CA GLU E 35 -6.35 -6.47 35.41
C GLU E 35 -7.26 -6.99 36.54
N SER E 36 -7.49 -6.15 37.55
CA SER E 36 -8.24 -6.55 38.75
C SER E 36 -9.74 -6.74 38.52
N LYS E 37 -10.34 -5.93 37.63
CA LYS E 37 -11.74 -6.13 37.27
C LYS E 37 -11.90 -7.36 36.39
N LEU E 38 -10.98 -7.57 35.45
CA LEU E 38 -11.01 -8.78 34.62
C LEU E 38 -10.93 -10.02 35.52
N SER E 39 -10.05 -9.97 36.50
CA SER E 39 -9.94 -11.03 37.52
C SER E 39 -11.30 -11.30 38.19
N THR E 40 -12.01 -10.23 38.56
CA THR E 40 -13.34 -10.38 39.17
C THR E 40 -14.34 -11.08 38.26
N VAL E 41 -14.38 -10.71 36.98
CA VAL E 41 -15.34 -11.29 36.04
C VAL E 41 -14.99 -12.75 35.80
N THR E 42 -13.71 -13.00 35.56
CA THR E 42 -13.20 -14.33 35.31
C THR E 42 -13.53 -15.33 36.45
N ASN E 43 -13.60 -14.85 37.69
CA ASN E 43 -14.00 -15.71 38.83
C ASN E 43 -15.45 -16.21 38.76
N CYS E 44 -16.30 -15.57 37.95
CA CYS E 44 -17.67 -16.06 37.71
C CYS E 44 -17.79 -17.15 36.67
N LEU E 45 -16.71 -17.41 35.96
CA LEU E 45 -16.75 -18.23 34.76
C LEU E 45 -16.06 -19.55 35.03
N SER E 46 -16.54 -20.62 34.42
CA SER E 46 -15.99 -21.94 34.61
C SER E 46 -15.19 -22.43 33.39
N ASN E 47 -15.31 -21.73 32.24
CA ASN E 47 -14.70 -22.16 30.98
C ASN E 47 -13.72 -21.16 30.36
N ASN E 48 -13.36 -20.11 31.10
CA ASN E 48 -12.49 -19.05 30.60
C ASN E 48 -11.11 -19.65 30.43
N VAL E 49 -10.42 -19.28 29.36
CA VAL E 49 -9.09 -19.81 29.08
C VAL E 49 -8.03 -18.71 29.09
N GLY E 50 -8.30 -17.60 29.76
CA GLY E 50 -7.31 -16.53 29.84
C GLY E 50 -7.91 -15.14 29.83
N TYR E 51 -7.13 -14.18 30.31
CA TYR E 51 -7.48 -12.78 30.24
C TYR E 51 -6.22 -11.95 30.37
N ARG E 52 -6.32 -10.71 29.91
CA ARG E 52 -5.14 -9.86 29.78
C ARG E 52 -5.57 -8.39 29.68
N ALA E 53 -5.09 -7.57 30.61
CA ALA E 53 -5.29 -6.14 30.57
C ALA E 53 -4.54 -5.62 29.36
N ARG E 54 -5.15 -4.74 28.56
CA ARG E 54 -4.51 -4.14 27.38
C ARG E 54 -5.06 -2.75 27.20
N ASP E 55 -4.20 -1.83 26.76
CA ASP E 55 -4.64 -0.54 26.26
C ASP E 55 -4.84 -0.69 24.75
N LEU E 56 -6.08 -0.67 24.31
CA LEU E 56 -6.41 -0.88 22.87
C LEU E 56 -6.11 0.31 21.98
N ALA E 57 -5.80 1.45 22.59
CA ALA E 57 -5.34 2.63 21.85
C ALA E 57 -3.92 2.46 21.33
N SER E 58 -3.19 1.50 21.87
CA SER E 58 -1.81 1.23 21.43
C SER E 58 -1.80 0.07 20.45
N HIS E 59 -1.32 0.30 19.24
CA HIS E 59 -1.33 -0.74 18.23
C HIS E 59 -0.34 -1.88 18.60
N GLN E 60 0.73 -1.55 19.29
CA GLN E 60 1.64 -2.58 19.82
C GLN E 60 0.98 -3.52 20.80
N GLU E 61 0.30 -2.96 21.78
CA GLU E 61 -0.38 -3.80 22.75
C GLU E 61 -1.43 -4.70 22.08
N VAL E 62 -2.12 -4.18 21.06
CA VAL E 62 -3.13 -4.92 20.32
C VAL E 62 -2.51 -6.05 19.50
N GLU E 63 -1.40 -5.78 18.80
CA GLU E 63 -0.66 -6.84 18.08
C GLU E 63 -0.25 -7.94 19.07
N GLN E 64 0.20 -7.55 20.27
CA GLN E 64 0.70 -8.53 21.23
C GLN E 64 -0.44 -9.37 21.81
N LEU E 65 -1.60 -8.74 22.03
CA LEU E 65 -2.84 -9.43 22.44
C LEU E 65 -3.16 -10.65 21.57
N PHE E 66 -3.13 -10.47 20.24
CA PHE E 66 -3.55 -11.52 19.32
C PHE E 66 -2.42 -12.47 19.02
N GLU E 67 -1.18 -11.94 19.01
CA GLU E 67 0.01 -12.75 18.86
C GLU E 67 0.03 -13.86 19.90
N GLN E 68 -0.36 -13.55 21.13
CA GLN E 68 -0.25 -14.50 22.23
C GLN E 68 -1.32 -15.56 22.31
N LEU E 69 -2.35 -15.46 21.48
CA LEU E 69 -3.42 -16.45 21.50
C LEU E 69 -2.91 -17.78 20.99
N ASP E 70 -3.40 -18.85 21.61
CA ASP E 70 -2.98 -20.19 21.27
C ASP E 70 -3.82 -20.84 20.20
N SER E 71 -4.94 -20.23 19.84
CA SER E 71 -5.74 -20.66 18.69
C SER E 71 -6.31 -19.45 17.96
N ILE E 72 -6.81 -19.71 16.77
CA ILE E 72 -7.51 -18.73 15.95
C ILE E 72 -8.93 -18.56 16.54
N PRO E 73 -9.35 -17.32 16.88
CA PRO E 73 -10.69 -17.07 17.41
C PRO E 73 -11.79 -17.40 16.42
N SER E 74 -12.93 -17.90 16.89
CA SER E 74 -14.05 -18.13 15.99
C SER E 74 -14.95 -16.91 15.98
N THR E 75 -15.00 -16.19 17.11
CA THR E 75 -15.79 -14.95 17.25
C THR E 75 -14.92 -13.98 18.03
N VAL E 76 -14.93 -12.71 17.62
CA VAL E 76 -14.35 -11.66 18.43
C VAL E 76 -15.41 -10.63 18.64
N VAL E 77 -15.71 -10.32 19.89
CA VAL E 77 -16.65 -9.24 20.21
C VAL E 77 -15.91 -8.01 20.71
N HIS E 78 -16.09 -6.88 20.05
CA HIS E 78 -15.43 -5.66 20.43
C HIS E 78 -16.44 -4.81 21.16
N SER E 79 -16.34 -4.74 22.50
CA SER E 79 -17.26 -3.89 23.28
C SER E 79 -16.54 -2.81 24.08
N ALA E 80 -15.27 -2.58 23.78
CA ALA E 80 -14.49 -1.50 24.39
C ALA E 80 -15.07 -0.17 23.91
N GLY E 81 -15.16 0.79 24.82
CA GLY E 81 -15.69 2.11 24.50
C GLY E 81 -15.96 2.85 25.80
N SER E 82 -16.30 4.13 25.71
CA SER E 82 -16.61 4.92 26.90
C SER E 82 -17.48 6.10 26.46
N GLY E 83 -18.03 6.81 27.42
CA GLY E 83 -18.96 7.89 27.12
C GLY E 83 -18.42 9.18 27.69
N TYR E 84 -18.87 10.28 27.10
CA TYR E 84 -18.53 11.60 27.55
C TYR E 84 -19.52 12.52 26.89
N PHE E 85 -20.04 13.46 27.65
CA PHE E 85 -21.23 14.21 27.24
C PHE E 85 -21.19 15.65 27.74
N GLY E 86 -22.01 16.50 27.15
CA GLY E 86 -21.88 17.93 27.35
C GLY E 86 -22.16 18.67 26.04
N LEU E 87 -22.67 19.89 26.16
CA LEU E 87 -22.74 20.78 25.02
C LEU E 87 -21.29 20.98 24.61
N LEU E 88 -21.01 21.12 23.32
CA LEU E 88 -19.58 21.06 22.85
C LEU E 88 -18.67 22.06 23.53
N GLN E 89 -19.15 23.29 23.73
CA GLN E 89 -18.30 24.33 24.38
C GLN E 89 -17.98 24.02 25.85
N GLU E 90 -18.72 23.09 26.47
CA GLU E 90 -18.47 22.73 27.87
C GLU E 90 -17.53 21.56 28.01
N GLN E 91 -17.38 20.80 26.91
CA GLN E 91 -16.50 19.64 26.91
C GLN E 91 -15.04 20.04 27.07
N ASP E 92 -14.33 19.27 27.89
CA ASP E 92 -12.87 19.40 28.08
C ASP E 92 -12.09 18.71 26.94
N PRO E 93 -11.22 19.45 26.24
CA PRO E 93 -10.46 18.78 25.18
C PRO E 93 -9.68 17.53 25.61
N GLU E 94 -9.08 17.52 26.81
CA GLU E 94 -8.37 16.34 27.29
C GLU E 94 -9.29 15.11 27.40
N GLN E 95 -10.55 15.35 27.74
CA GLN E 95 -11.52 14.26 27.82
C GLN E 95 -12.07 13.85 26.47
N ILE E 96 -12.16 14.81 25.57
CA ILE E 96 -12.50 14.48 24.19
C ILE E 96 -11.42 13.54 23.61
N GLN E 97 -10.16 13.77 23.92
CA GLN E 97 -9.04 12.94 23.40
C GLN E 97 -9.13 11.51 23.91
N THR E 98 -9.37 11.37 25.20
CA THR E 98 -9.66 10.07 25.79
C THR E 98 -10.81 9.34 25.10
N LEU E 99 -11.87 10.07 24.80
CA LEU E 99 -13.00 9.52 24.09
C LEU E 99 -12.61 8.95 22.70
N ILE E 100 -11.81 9.71 21.95
CA ILE E 100 -11.31 9.23 20.63
C ILE E 100 -10.45 7.95 20.83
N GLU E 101 -9.56 7.98 21.81
CA GLU E 101 -8.67 6.85 22.11
C GLU E 101 -9.44 5.59 22.50
N ASN E 102 -10.42 5.74 23.38
CA ASN E 102 -11.19 4.59 23.91
C ASN E 102 -12.16 3.97 22.93
N ASN E 103 -12.73 4.82 22.06
CA ASN E 103 -13.76 4.40 21.11
C ASN E 103 -13.26 4.17 19.69
N LEU E 104 -12.59 5.17 19.14
CA LEU E 104 -12.21 5.11 17.70
C LEU E 104 -10.85 4.38 17.52
N SER E 105 -9.84 4.78 18.26
CA SER E 105 -8.52 4.18 18.10
C SER E 105 -8.53 2.70 18.46
N SER E 106 -9.27 2.35 19.51
CA SER E 106 -9.44 0.97 19.90
C SER E 106 -10.10 0.14 18.78
N ALA E 107 -11.19 0.66 18.20
CA ALA E 107 -11.88 -0.03 17.11
C ALA E 107 -10.95 -0.19 15.89
N ILE E 108 -10.22 0.86 15.51
CA ILE E 108 -9.29 0.78 14.36
C ILE E 108 -8.22 -0.27 14.64
N ASN E 109 -7.56 -0.22 15.79
CA ASN E 109 -6.49 -1.21 16.11
C ASN E 109 -6.94 -2.66 16.18
N VAL E 110 -8.08 -2.91 16.84
CA VAL E 110 -8.57 -4.26 16.91
C VAL E 110 -8.97 -4.72 15.53
N LEU E 111 -9.78 -3.94 14.81
CA LEU E 111 -10.28 -4.41 13.51
C LEU E 111 -9.10 -4.56 12.53
N ARG E 112 -8.11 -3.68 12.60
CA ARG E 112 -6.97 -3.78 11.70
C ARG E 112 -6.15 -5.08 11.93
N GLU E 113 -5.90 -5.38 13.20
CA GLU E 113 -5.20 -6.57 13.58
C GLU E 113 -5.98 -7.83 13.21
N LEU E 114 -7.30 -7.83 13.41
CA LEU E 114 -8.13 -8.94 12.97
C LEU E 114 -8.12 -9.13 11.45
N VAL E 115 -8.09 -8.06 10.68
CA VAL E 115 -8.10 -8.20 9.24
C VAL E 115 -6.72 -8.71 8.76
N LYS E 116 -5.65 -8.22 9.39
CA LYS E 116 -4.28 -8.60 9.08
C LYS E 116 -4.08 -10.09 9.30
N ARG E 117 -4.49 -10.57 10.45
CA ARG E 117 -4.31 -11.97 10.81
C ARG E 117 -5.35 -12.94 10.29
N TYR E 118 -6.63 -12.56 10.24
CA TYR E 118 -7.73 -13.55 10.13
C TYR E 118 -8.76 -13.34 9.02
N LYS E 119 -8.52 -12.40 8.11
CA LYS E 119 -9.46 -12.14 7.05
C LYS E 119 -9.81 -13.37 6.21
N ASP E 120 -8.88 -14.32 6.13
CA ASP E 120 -9.10 -15.56 5.41
C ASP E 120 -9.49 -16.72 6.29
N GLN E 121 -10.01 -16.40 7.50
CA GLN E 121 -10.56 -17.40 8.43
C GLN E 121 -12.01 -17.08 8.71
N PRO E 122 -12.80 -18.10 9.05
CA PRO E 122 -14.22 -17.88 9.34
C PRO E 122 -14.35 -17.37 10.80
N VAL E 123 -14.13 -16.06 10.93
CA VAL E 123 -14.22 -15.39 12.21
C VAL E 123 -15.44 -14.46 12.11
N ASN E 124 -16.26 -14.46 13.15
CA ASN E 124 -17.35 -13.48 13.24
C ASN E 124 -16.87 -12.32 14.10
N VAL E 125 -16.84 -11.13 13.55
CA VAL E 125 -16.34 -9.97 14.29
C VAL E 125 -17.52 -9.14 14.63
N VAL E 126 -17.88 -9.14 15.90
CA VAL E 126 -19.03 -8.35 16.37
C VAL E 126 -18.56 -6.99 16.87
N MET E 127 -18.91 -5.92 16.16
CA MET E 127 -18.45 -4.60 16.56
C MET E 127 -19.63 -3.92 17.23
N ILE E 128 -19.57 -3.72 18.54
CA ILE E 128 -20.68 -3.10 19.26
C ILE E 128 -20.45 -1.59 19.28
N MET E 129 -21.41 -0.82 18.76
CA MET E 129 -21.28 0.64 18.70
C MET E 129 -22.37 1.20 19.63
N SER E 130 -23.42 1.80 19.07
CA SER E 130 -24.42 2.56 19.81
C SER E 130 -25.39 3.14 18.78
N THR E 131 -26.64 3.41 19.19
CA THR E 131 -27.59 4.16 18.38
C THR E 131 -27.10 5.57 18.05
N ALA E 132 -26.15 6.06 18.84
CA ALA E 132 -25.47 7.32 18.58
C ALA E 132 -24.65 7.27 17.29
N ALA E 133 -24.34 6.07 16.79
CA ALA E 133 -23.69 5.90 15.46
C ALA E 133 -24.64 6.13 14.31
N GLN E 134 -25.94 6.16 14.59
CA GLN E 134 -26.97 6.21 13.56
C GLN E 134 -27.69 7.53 13.43
N GLN E 135 -27.65 8.34 14.47
CA GLN E 135 -28.32 9.65 14.47
C GLN E 135 -27.44 10.66 15.21
N PRO E 136 -27.62 11.96 14.92
CA PRO E 136 -26.98 12.98 15.73
C PRO E 136 -27.77 13.21 17.02
N LYS E 137 -27.08 13.57 18.09
CA LYS E 137 -27.71 13.81 19.38
C LYS E 137 -27.15 15.07 20.05
N ALA E 138 -28.04 16.00 20.40
CA ALA E 138 -27.66 17.15 21.26
C ALA E 138 -26.89 16.69 22.50
N GLN E 139 -25.86 17.44 22.86
CA GLN E 139 -24.98 17.14 24.01
C GLN E 139 -24.18 15.83 23.93
N GLU E 140 -24.23 15.14 22.79
CA GLU E 140 -23.38 13.99 22.55
C GLU E 140 -22.57 14.13 21.26
N SER E 141 -22.11 15.33 20.93
CA SER E 141 -21.53 15.60 19.60
C SER E 141 -20.24 14.85 19.35
N THR E 142 -19.38 14.82 20.34
CA THR E 142 -18.14 14.03 20.25
C THR E 142 -18.35 12.56 20.40
N TYR E 143 -19.42 12.15 21.10
CA TYR E 143 -19.71 10.73 21.24
C TYR E 143 -20.29 10.20 19.94
N CYS E 144 -21.22 10.95 19.36
CA CYS E 144 -21.71 10.65 18.02
C CYS E 144 -20.53 10.62 17.04
N ALA E 145 -19.67 11.64 17.11
CA ALA E 145 -18.46 11.69 16.26
C ALA E 145 -17.61 10.40 16.28
N VAL E 146 -17.31 9.85 17.44
CA VAL E 146 -16.53 8.63 17.50
C VAL E 146 -17.35 7.36 17.09
N LYS E 147 -18.65 7.33 17.40
CA LYS E 147 -19.50 6.21 16.95
C LYS E 147 -19.81 6.22 15.47
N TRP E 148 -20.10 7.40 14.92
CA TRP E 148 -20.22 7.54 13.49
C TRP E 148 -18.91 7.05 12.82
N ALA E 149 -17.77 7.37 13.44
CA ALA E 149 -16.45 7.01 12.87
C ALA E 149 -16.33 5.48 12.78
N VAL E 150 -16.69 4.76 13.83
CA VAL E 150 -16.61 3.32 13.86
C VAL E 150 -17.54 2.72 12.81
N LYS E 151 -18.74 3.28 12.66
CA LYS E 151 -19.67 2.75 11.65
C LYS E 151 -19.06 2.95 10.24
N GLY E 152 -18.50 4.13 10.01
CA GLY E 152 -17.81 4.44 8.76
C GLY E 152 -16.68 3.45 8.44
N LEU E 153 -15.84 3.17 9.45
CA LEU E 153 -14.75 2.19 9.39
C LEU E 153 -15.30 0.81 9.01
N ILE E 154 -16.29 0.34 9.74
CA ILE E 154 -16.80 -1.03 9.54
C ILE E 154 -17.52 -1.21 8.23
N GLU E 155 -18.29 -0.22 7.76
CA GLU E 155 -18.97 -0.38 6.49
C GLU E 155 -17.97 -0.39 5.35
N SER E 156 -16.83 0.30 5.52
CA SER E 156 -15.79 0.31 4.51
C SER E 156 -14.99 -0.97 4.48
N VAL E 157 -14.61 -1.46 5.65
CA VAL E 157 -13.89 -2.72 5.75
C VAL E 157 -14.81 -3.89 5.28
N ARG E 158 -16.13 -3.81 5.50
CA ARG E 158 -17.03 -4.82 4.91
C ARG E 158 -16.91 -4.88 3.39
N LEU E 159 -16.82 -3.73 2.71
CA LEU E 159 -16.61 -3.68 1.26
C LEU E 159 -15.24 -4.36 0.88
N GLU E 160 -14.25 -4.24 1.75
CA GLU E 160 -12.92 -4.81 1.48
C GLU E 160 -12.90 -6.31 1.68
N LEU E 161 -13.83 -6.80 2.50
CA LEU E 161 -13.96 -8.20 2.88
C LEU E 161 -14.87 -8.99 2.00
N LYS E 162 -15.43 -8.38 0.95
CA LYS E 162 -16.35 -9.07 0.07
C LYS E 162 -15.67 -10.30 -0.51
N GLY E 163 -16.29 -11.46 -0.43
CA GLY E 163 -15.64 -12.66 -0.94
C GLY E 163 -14.67 -13.31 0.02
N LYS E 164 -14.44 -12.74 1.20
CA LYS E 164 -13.65 -13.40 2.24
C LYS E 164 -14.54 -14.04 3.32
N PRO E 165 -14.03 -15.08 4.02
CA PRO E 165 -14.82 -15.73 5.06
C PRO E 165 -15.06 -14.89 6.31
N MET E 166 -14.20 -13.92 6.62
CA MET E 166 -14.43 -13.06 7.82
C MET E 166 -15.64 -12.14 7.62
N LYS E 167 -16.52 -12.11 8.62
CA LYS E 167 -17.70 -11.23 8.57
C LYS E 167 -17.72 -10.24 9.72
N ILE E 168 -18.22 -9.04 9.45
CA ILE E 168 -18.37 -8.01 10.45
C ILE E 168 -19.88 -7.89 10.75
N ILE E 169 -20.21 -8.00 12.02
CA ILE E 169 -21.56 -7.91 12.48
C ILE E 169 -21.62 -6.60 13.29
N ALA E 170 -22.64 -5.79 13.02
CA ALA E 170 -22.78 -4.46 13.61
C ALA E 170 -23.93 -4.52 14.63
N VAL E 171 -23.68 -4.12 15.88
CA VAL E 171 -24.67 -4.09 16.93
C VAL E 171 -24.79 -2.64 17.44
N TYR E 172 -26.03 -2.16 17.59
CA TYR E 172 -26.29 -0.76 17.93
C TYR E 172 -27.20 -0.75 19.17
N PRO E 173 -26.61 -0.84 20.38
CA PRO E 173 -27.46 -0.73 21.58
C PRO E 173 -27.89 0.71 21.88
N GLY E 174 -29.10 0.87 22.37
CA GLY E 174 -29.60 2.19 22.77
C GLY E 174 -30.22 2.09 24.16
N GLY E 175 -30.02 3.12 24.97
CA GLY E 175 -30.74 3.27 26.22
C GLY E 175 -30.10 2.54 27.38
N MET E 176 -28.77 2.45 27.40
CA MET E 176 -28.03 1.76 28.46
C MET E 176 -27.50 2.76 29.51
N PHE E 193 -33.71 2.53 31.97
CA PHE E 193 -32.60 2.19 31.07
C PHE E 193 -32.45 0.68 30.92
N MET E 194 -32.08 0.23 29.72
CA MET E 194 -31.78 -1.18 29.47
C MET E 194 -30.58 -1.58 30.33
N SER E 195 -30.65 -2.76 30.96
CA SER E 195 -29.53 -3.26 31.75
C SER E 195 -28.50 -3.95 30.84
N ALA E 196 -27.22 -3.88 31.24
CA ALA E 196 -26.14 -4.55 30.51
C ALA E 196 -26.43 -6.06 30.34
N GLU E 197 -27.06 -6.66 31.34
CA GLU E 197 -27.46 -8.06 31.30
C GLU E 197 -28.54 -8.36 30.25
N ASP E 198 -29.59 -7.55 30.22
CA ASP E 198 -30.69 -7.76 29.24
C ASP E 198 -30.25 -7.46 27.79
N ALA E 199 -29.55 -6.34 27.58
CA ALA E 199 -28.88 -6.07 26.29
C ALA E 199 -28.09 -7.30 25.88
N ALA E 200 -27.30 -7.85 26.81
CA ALA E 200 -26.46 -9.00 26.52
C ALA E 200 -27.28 -10.21 26.12
N LEU E 201 -28.41 -10.47 26.81
CA LEU E 201 -29.30 -11.58 26.44
C LEU E 201 -29.85 -11.43 25.00
N MET E 202 -30.38 -10.27 24.67
CA MET E 202 -30.97 -10.07 23.32
C MET E 202 -29.89 -10.14 22.23
N ILE E 203 -28.74 -9.55 22.50
CA ILE E 203 -27.64 -9.55 21.54
C ILE E 203 -27.17 -10.98 21.30
N HIS E 204 -26.82 -11.67 22.37
CA HIS E 204 -26.43 -13.07 22.34
C HIS E 204 -27.51 -13.94 21.72
N GLY E 205 -28.75 -13.66 22.05
CA GLY E 205 -29.87 -14.40 21.46
C GLY E 205 -30.12 -14.11 19.99
N ALA E 206 -29.85 -12.89 19.52
CA ALA E 206 -30.19 -12.53 18.15
C ALA E 206 -29.10 -12.95 17.16
N LEU E 207 -27.86 -12.92 17.59
CA LEU E 207 -26.77 -13.23 16.70
C LEU E 207 -26.78 -14.68 16.33
N ALA E 208 -26.85 -14.96 15.04
CA ALA E 208 -26.93 -16.33 14.54
C ALA E 208 -26.39 -16.44 13.10
N ASN E 209 -25.89 -17.65 12.80
CA ASN E 209 -25.52 -18.12 11.48
C ASN E 209 -26.29 -19.44 11.28
N ILE E 210 -27.31 -19.42 10.42
CA ILE E 210 -28.07 -20.63 10.15
C ILE E 210 -28.00 -20.81 8.65
N GLY E 211 -27.49 -21.98 8.23
CA GLY E 211 -27.38 -22.31 6.82
C GLY E 211 -26.66 -21.25 6.02
N ASN E 212 -27.39 -20.67 5.08
CA ASN E 212 -26.79 -19.82 4.08
C ASN E 212 -26.81 -18.33 4.40
N GLY E 213 -26.98 -18.00 5.68
CA GLY E 213 -27.22 -16.62 6.08
C GLY E 213 -26.77 -16.34 7.48
N TYR E 214 -26.83 -15.05 7.85
CA TYR E 214 -26.40 -14.60 9.16
C TYR E 214 -27.09 -13.26 9.50
N VAL E 215 -27.17 -13.00 10.79
CA VAL E 215 -27.67 -11.71 11.24
C VAL E 215 -26.49 -10.74 11.18
N SER E 216 -26.60 -9.73 10.32
CA SER E 216 -25.47 -8.85 10.02
C SER E 216 -25.47 -7.53 10.80
N ASP E 217 -26.67 -7.09 11.20
CA ASP E 217 -26.85 -5.82 11.89
C ASP E 217 -28.10 -5.96 12.79
N ILE E 218 -27.94 -5.53 14.04
CA ILE E 218 -29.04 -5.58 15.00
C ILE E 218 -29.03 -4.31 15.83
N THR E 219 -30.20 -3.74 16.09
CA THR E 219 -30.34 -2.62 16.99
C THR E 219 -31.26 -3.04 18.13
N VAL E 220 -30.84 -2.70 19.34
CA VAL E 220 -31.50 -3.11 20.57
C VAL E 220 -31.84 -1.82 21.32
N ASN E 221 -33.09 -1.69 21.74
CA ASN E 221 -33.57 -0.49 22.42
C ASN E 221 -34.30 -0.80 23.73
N ARG E 222 -34.51 0.26 24.50
CA ARG E 222 -35.23 0.22 25.78
C ARG E 222 -36.73 0.08 25.61
N LEU F 3 -15.20 39.86 7.77
CA LEU F 3 -13.98 39.00 7.95
C LEU F 3 -14.29 37.52 7.73
N ILE F 4 -13.55 36.91 6.79
CA ILE F 4 -13.62 35.47 6.54
C ILE F 4 -12.36 34.85 7.03
N VAL F 5 -12.49 33.90 7.94
CA VAL F 5 -11.38 33.11 8.39
C VAL F 5 -11.38 31.79 7.65
N ILE F 6 -10.23 31.38 7.13
CA ILE F 6 -10.08 30.12 6.37
C ILE F 6 -8.96 29.26 6.94
N THR F 7 -9.32 28.06 7.38
CA THR F 7 -8.38 27.00 7.69
C THR F 7 -8.08 26.12 6.44
N GLY F 8 -6.94 25.40 6.48
CA GLY F 8 -6.40 24.68 5.30
C GLY F 8 -6.11 25.57 4.13
N ALA F 9 -5.65 26.80 4.39
CA ALA F 9 -5.49 27.82 3.37
C ALA F 9 -4.08 27.84 2.76
N SER F 10 -3.23 26.90 3.16
CA SER F 10 -1.83 26.83 2.70
C SER F 10 -1.74 26.40 1.24
N SER F 11 -2.75 25.64 0.80
CA SER F 11 -2.79 25.07 -0.55
C SER F 11 -4.18 24.50 -0.79
N GLY F 12 -4.41 24.04 -2.01
CA GLY F 12 -5.66 23.40 -2.37
C GLY F 12 -6.89 24.25 -2.26
N LEU F 13 -7.97 23.61 -1.87
CA LEU F 13 -9.30 24.22 -1.80
C LEU F 13 -9.36 25.50 -0.97
N GLY F 14 -8.84 25.42 0.24
CA GLY F 14 -8.76 26.59 1.11
C GLY F 14 -8.07 27.80 0.46
N ALA F 15 -6.97 27.55 -0.23
CA ALA F 15 -6.21 28.65 -0.81
C ALA F 15 -6.99 29.27 -1.96
N GLU F 16 -7.65 28.43 -2.75
CA GLU F 16 -8.44 28.91 -3.87
C GLU F 16 -9.71 29.68 -3.45
N LEU F 17 -10.32 29.29 -2.33
CA LEU F 17 -11.44 30.05 -1.75
C LEU F 17 -10.92 31.42 -1.31
N ALA F 18 -9.76 31.46 -0.66
CA ALA F 18 -9.14 32.74 -0.24
C ALA F 18 -9.01 33.71 -1.42
N LYS F 19 -8.48 33.22 -2.53
CA LYS F 19 -8.35 34.02 -3.75
C LYS F 19 -9.71 34.59 -4.22
N LEU F 20 -10.75 33.75 -4.18
CA LEU F 20 -12.07 34.18 -4.65
C LEU F 20 -12.69 35.22 -3.75
N TYR F 21 -12.63 35.02 -2.43
CA TYR F 21 -13.16 36.02 -1.48
C TYR F 21 -12.39 37.34 -1.60
N ASP F 22 -11.06 37.23 -1.68
CA ASP F 22 -10.22 38.41 -1.82
C ASP F 22 -10.57 39.24 -3.05
N ALA F 23 -10.90 38.58 -4.15
CA ALA F 23 -11.25 39.24 -5.43
C ALA F 23 -12.54 40.07 -5.36
N GLU F 24 -13.42 39.80 -4.40
CA GLU F 24 -14.64 40.59 -4.21
C GLU F 24 -14.45 41.63 -3.10
N GLY F 25 -13.21 41.89 -2.70
CA GLY F 25 -12.92 42.97 -1.75
C GLY F 25 -13.05 42.56 -0.29
N LYS F 26 -13.14 41.26 -0.03
CA LYS F 26 -13.47 40.81 1.31
C LYS F 26 -12.24 40.47 2.10
N ALA F 27 -12.20 40.96 3.35
CA ALA F 27 -11.08 40.71 4.26
C ALA F 27 -10.99 39.23 4.60
N THR F 28 -9.79 38.66 4.48
CA THR F 28 -9.49 37.32 4.93
C THR F 28 -8.42 37.27 5.99
N TYR F 29 -8.47 36.22 6.81
CA TYR F 29 -7.41 35.87 7.72
C TYR F 29 -7.20 34.37 7.54
N LEU F 30 -5.97 33.99 7.16
CA LEU F 30 -5.69 32.62 6.74
C LEU F 30 -4.87 31.84 7.73
N THR F 31 -5.19 30.55 7.82
CA THR F 31 -4.40 29.63 8.60
C THR F 31 -4.21 28.34 7.81
N GLY F 32 -3.18 27.62 8.20
CA GLY F 32 -2.73 26.42 7.50
C GLY F 32 -1.53 25.90 8.24
N ARG F 33 -0.96 24.80 7.78
CA ARG F 33 0.11 24.19 8.55
C ARG F 33 1.49 24.71 8.17
N SER F 34 1.64 25.22 6.96
CA SER F 34 2.90 25.75 6.48
C SER F 34 2.93 27.27 6.40
N GLU F 35 3.75 27.90 7.24
CA GLU F 35 3.90 29.32 7.17
C GLU F 35 4.45 29.80 5.80
N SER F 36 5.41 29.07 5.24
CA SER F 36 5.98 29.48 3.95
C SER F 36 4.92 29.45 2.83
N LYS F 37 4.10 28.39 2.80
CA LYS F 37 3.00 28.35 1.79
C LYS F 37 1.99 29.46 2.04
N LEU F 38 1.65 29.69 3.30
CA LEU F 38 0.70 30.75 3.62
C LEU F 38 1.21 32.08 3.11
N SER F 39 2.53 32.27 3.21
CA SER F 39 3.10 33.50 2.80
C SER F 39 2.86 33.69 1.30
N THR F 40 3.19 32.67 0.51
CA THR F 40 3.05 32.75 -0.94
C THR F 40 1.57 32.92 -1.37
N VAL F 41 0.64 32.22 -0.71
CA VAL F 41 -0.79 32.41 -1.00
C VAL F 41 -1.23 33.86 -0.75
N THR F 42 -0.83 34.39 0.40
CA THR F 42 -1.16 35.74 0.81
C THR F 42 -0.61 36.82 -0.13
N ASN F 43 0.56 36.57 -0.71
CA ASN F 43 1.12 37.54 -1.69
C ASN F 43 0.26 37.76 -2.92
N CYS F 44 -0.65 36.84 -3.25
CA CYS F 44 -1.58 37.05 -4.38
C CYS F 44 -2.82 37.83 -4.01
N LEU F 45 -2.93 38.25 -2.75
CA LEU F 45 -4.14 38.88 -2.23
C LEU F 45 -3.91 40.36 -2.01
N SER F 46 -4.98 41.14 -2.07
CA SER F 46 -4.88 42.57 -1.81
C SER F 46 -5.66 43.05 -0.59
N ASN F 47 -6.50 42.19 0.00
CA ASN F 47 -7.34 42.54 1.16
C ASN F 47 -7.11 41.70 2.44
N ASN F 48 -6.14 40.82 2.41
CA ASN F 48 -5.81 39.98 3.57
C ASN F 48 -5.46 40.82 4.78
N VAL F 49 -5.92 40.42 5.96
CA VAL F 49 -5.58 41.14 7.18
C VAL F 49 -4.70 40.29 8.10
N GLY F 50 -4.08 39.23 7.56
CA GLY F 50 -3.18 38.39 8.34
C GLY F 50 -3.23 36.92 7.96
N TYR F 51 -2.27 36.18 8.50
CA TYR F 51 -2.19 34.74 8.34
C TYR F 51 -1.28 34.21 9.43
N ARG F 52 -1.35 32.91 9.71
CA ARG F 52 -0.59 32.27 10.80
C ARG F 52 -0.68 30.75 10.71
N ALA F 53 0.47 30.06 10.68
CA ALA F 53 0.49 28.62 10.77
C ALA F 53 0.01 28.15 12.12
N ARG F 54 -0.83 27.12 12.13
CA ARG F 54 -1.28 26.50 13.39
C ARG F 54 -1.37 25.00 13.24
N ASP F 55 -1.10 24.28 14.34
CA ASP F 55 -1.52 22.87 14.46
C ASP F 55 -2.94 22.87 15.04
N LEU F 56 -3.94 22.63 14.20
CA LEU F 56 -5.35 22.65 14.61
C LEU F 56 -5.73 21.49 15.57
N ALA F 57 -4.87 20.48 15.65
CA ALA F 57 -5.05 19.37 16.57
C ALA F 57 -4.71 19.75 18.01
N SER F 58 -4.07 20.91 18.18
CA SER F 58 -3.80 21.50 19.50
C SER F 58 -4.88 22.49 19.89
N HIS F 59 -5.68 22.17 20.90
CA HIS F 59 -6.77 23.07 21.30
C HIS F 59 -6.27 24.45 21.74
N GLN F 60 -5.12 24.50 22.44
CA GLN F 60 -4.41 25.77 22.78
C GLN F 60 -4.08 26.64 21.58
N GLU F 61 -3.48 26.04 20.55
CA GLU F 61 -3.17 26.82 19.37
C GLU F 61 -4.41 27.40 18.72
N VAL F 62 -5.50 26.62 18.71
CA VAL F 62 -6.76 27.04 18.12
C VAL F 62 -7.43 28.16 18.94
N GLU F 63 -7.38 28.02 20.26
CA GLU F 63 -7.78 29.13 21.16
C GLU F 63 -7.04 30.46 20.82
N GLN F 64 -5.73 30.38 20.66
CA GLN F 64 -4.92 31.57 20.27
C GLN F 64 -5.21 32.13 18.87
N LEU F 65 -5.56 31.25 17.92
CA LEU F 65 -5.94 31.68 16.57
C LEU F 65 -7.06 32.70 16.62
N PHE F 66 -8.12 32.36 17.35
CA PHE F 66 -9.28 33.22 17.43
C PHE F 66 -9.07 34.40 18.40
N GLU F 67 -8.30 34.18 19.48
CA GLU F 67 -8.00 35.23 20.45
C GLU F 67 -7.35 36.45 19.78
N GLN F 68 -6.35 36.24 18.93
CA GLN F 68 -5.66 37.35 18.27
C GLN F 68 -6.49 38.08 17.21
N LEU F 69 -7.67 37.59 16.85
CA LEU F 69 -8.48 38.27 15.83
C LEU F 69 -8.93 39.62 16.34
N ASP F 70 -9.10 40.57 15.43
CA ASP F 70 -9.45 41.95 15.77
C ASP F 70 -10.94 42.18 15.81
N SER F 71 -11.68 41.35 15.09
CA SER F 71 -13.10 41.50 15.00
C SER F 71 -13.76 40.13 14.97
N ILE F 72 -15.09 40.12 14.92
CA ILE F 72 -15.84 38.88 14.84
C ILE F 72 -15.90 38.44 13.39
N PRO F 73 -15.47 37.21 13.13
CA PRO F 73 -15.64 36.68 11.77
C PRO F 73 -17.10 36.62 11.35
N SER F 74 -17.39 36.89 10.08
CA SER F 74 -18.72 36.75 9.58
C SER F 74 -18.87 35.38 8.88
N THR F 75 -17.77 34.88 8.31
CA THR F 75 -17.71 33.51 7.82
C THR F 75 -16.42 32.82 8.30
N VAL F 76 -16.52 31.54 8.65
CA VAL F 76 -15.34 30.74 8.93
C VAL F 76 -15.44 29.49 8.04
N VAL F 77 -14.39 29.27 7.25
CA VAL F 77 -14.37 28.17 6.31
C VAL F 77 -13.31 27.23 6.84
N HIS F 78 -13.75 26.05 7.23
CA HIS F 78 -12.86 25.04 7.69
C HIS F 78 -12.59 24.02 6.58
N SER F 79 -11.41 24.13 5.98
CA SER F 79 -11.02 23.20 4.92
C SER F 79 -9.74 22.41 5.23
N ALA F 80 -9.24 22.48 6.46
CA ALA F 80 -8.12 21.64 6.88
C ALA F 80 -8.51 20.17 6.80
N GLY F 81 -7.58 19.38 6.30
CA GLY F 81 -7.78 17.93 6.25
C GLY F 81 -6.58 17.33 5.53
N SER F 82 -6.59 16.03 5.39
CA SER F 82 -5.59 15.33 4.60
C SER F 82 -6.10 13.95 4.32
N GLY F 83 -5.50 13.29 3.33
CA GLY F 83 -5.88 11.95 2.98
C GLY F 83 -4.85 10.89 3.32
N TYR F 84 -5.29 9.66 3.37
CA TYR F 84 -4.41 8.50 3.48
C TYR F 84 -5.25 7.31 3.13
N PHE F 85 -4.68 6.39 2.37
CA PHE F 85 -5.48 5.35 1.73
C PHE F 85 -4.75 4.01 1.74
N GLY F 86 -5.53 2.97 1.46
CA GLY F 86 -5.06 1.61 1.32
C GLY F 86 -5.96 0.67 2.09
N LEU F 87 -5.81 -0.63 1.79
CA LEU F 87 -6.57 -1.64 2.51
C LEU F 87 -6.16 -1.53 3.97
N LEU F 88 -7.09 -1.80 4.88
CA LEU F 88 -6.87 -1.43 6.27
C LEU F 88 -5.62 -2.08 6.83
N GLN F 89 -5.48 -3.38 6.57
CA GLN F 89 -4.35 -4.14 7.05
C GLN F 89 -2.97 -3.66 6.50
N GLU F 90 -2.97 -2.87 5.43
CA GLU F 90 -1.76 -2.29 4.89
C GLU F 90 -1.43 -0.91 5.48
N GLN F 91 -2.38 -0.26 6.14
CA GLN F 91 -2.19 1.13 6.58
C GLN F 91 -1.29 1.14 7.80
N ASP F 92 -0.44 2.15 7.88
CA ASP F 92 0.48 2.28 8.98
C ASP F 92 -0.23 3.03 10.14
N PRO F 93 -0.19 2.45 11.36
CA PRO F 93 -0.95 3.07 12.46
C PRO F 93 -0.51 4.50 12.79
N GLU F 94 0.77 4.82 12.58
CA GLU F 94 1.28 6.18 12.77
C GLU F 94 0.61 7.15 11.80
N GLN F 95 0.42 6.70 10.57
CA GLN F 95 -0.29 7.48 9.56
C GLN F 95 -1.78 7.62 9.86
N ILE F 96 -2.38 6.57 10.40
CA ILE F 96 -3.79 6.65 10.86
C ILE F 96 -3.91 7.72 11.95
N GLN F 97 -2.99 7.73 12.91
CA GLN F 97 -3.01 8.74 13.98
C GLN F 97 -2.98 10.14 13.42
N THR F 98 -2.09 10.39 12.48
CA THR F 98 -2.04 11.66 11.77
C THR F 98 -3.30 11.98 11.02
N LEU F 99 -3.91 10.96 10.43
CA LEU F 99 -5.23 11.21 9.77
C LEU F 99 -6.31 11.70 10.79
N ILE F 100 -6.33 11.07 11.97
CA ILE F 100 -7.29 11.45 13.04
C ILE F 100 -6.98 12.88 13.49
N GLU F 101 -5.71 13.17 13.74
CA GLU F 101 -5.34 14.57 14.10
C GLU F 101 -5.69 15.61 13.04
N ASN F 102 -5.35 15.35 11.80
CA ASN F 102 -5.55 16.37 10.73
C ASN F 102 -6.98 16.62 10.36
N ASN F 103 -7.82 15.60 10.55
CA ASN F 103 -9.22 15.69 10.12
C ASN F 103 -10.26 15.83 11.27
N LEU F 104 -10.19 14.95 12.25
CA LEU F 104 -11.21 14.90 13.27
C LEU F 104 -10.86 15.86 14.43
N SER F 105 -9.68 15.75 15.02
CA SER F 105 -9.21 16.66 16.07
C SER F 105 -9.26 18.10 15.64
N SER F 106 -8.81 18.38 14.41
CA SER F 106 -8.90 19.70 13.86
C SER F 106 -10.33 20.25 13.78
N ALA F 107 -11.26 19.46 13.22
CA ALA F 107 -12.66 19.88 13.14
C ALA F 107 -13.28 20.16 14.53
N ILE F 108 -12.99 19.29 15.49
CA ILE F 108 -13.53 19.37 16.87
C ILE F 108 -12.99 20.64 17.53
N ASN F 109 -11.70 20.84 17.49
CA ASN F 109 -11.12 22.04 18.08
C ASN F 109 -11.66 23.32 17.49
N VAL F 110 -11.74 23.38 16.16
CA VAL F 110 -12.16 24.58 15.51
C VAL F 110 -13.63 24.80 15.80
N LEU F 111 -14.46 23.77 15.68
CA LEU F 111 -15.89 23.93 15.91
C LEU F 111 -16.18 24.27 17.38
N ARG F 112 -15.47 23.62 18.31
CA ARG F 112 -15.63 23.86 19.74
C ARG F 112 -15.27 25.32 20.07
N GLU F 113 -14.13 25.75 19.56
CA GLU F 113 -13.73 27.12 19.76
C GLU F 113 -14.74 28.14 19.19
N LEU F 114 -15.34 27.84 18.03
CA LEU F 114 -16.26 28.74 17.39
C LEU F 114 -17.61 28.80 18.12
N VAL F 115 -18.12 27.63 18.55
CA VAL F 115 -19.32 27.62 19.37
C VAL F 115 -19.04 28.34 20.69
N LYS F 116 -17.89 28.09 21.31
CA LYS F 116 -17.53 28.74 22.56
C LYS F 116 -17.58 30.27 22.43
N ARG F 117 -16.91 30.84 21.42
CA ARG F 117 -16.88 32.31 21.21
C ARG F 117 -18.08 32.95 20.50
N TYR F 118 -18.67 32.26 19.53
CA TYR F 118 -19.52 32.95 18.58
C TYR F 118 -20.90 32.35 18.37
N LYS F 119 -21.32 31.39 19.20
CA LYS F 119 -22.63 30.77 18.96
C LYS F 119 -23.78 31.77 18.95
N ASP F 120 -23.58 32.88 19.70
CA ASP F 120 -24.59 33.93 19.77
C ASP F 120 -24.35 35.06 18.80
N GLN F 121 -23.38 34.91 17.91
CA GLN F 121 -23.18 35.84 16.81
C GLN F 121 -23.61 35.26 15.42
N PRO F 122 -23.95 36.14 14.45
CA PRO F 122 -24.37 35.71 13.13
C PRO F 122 -23.18 35.30 12.26
N VAL F 123 -22.62 34.13 12.52
CA VAL F 123 -21.48 33.60 11.81
C VAL F 123 -21.88 32.35 11.00
N ASN F 124 -21.55 32.34 9.73
CA ASN F 124 -21.74 31.13 8.89
C ASN F 124 -20.43 30.30 8.99
N VAL F 125 -20.52 29.10 9.53
CA VAL F 125 -19.39 28.19 9.65
C VAL F 125 -19.48 27.13 8.54
N VAL F 126 -18.54 27.13 7.61
CA VAL F 126 -18.61 26.22 6.47
C VAL F 126 -17.64 25.07 6.75
N MET F 127 -18.18 23.89 6.95
CA MET F 127 -17.37 22.71 7.26
C MET F 127 -17.24 21.87 6.01
N ILE F 128 -16.01 21.82 5.46
CA ILE F 128 -15.74 21.09 4.24
C ILE F 128 -15.26 19.72 4.63
N MET F 129 -15.97 18.70 4.15
CA MET F 129 -15.70 17.33 4.48
C MET F 129 -15.31 16.65 3.13
N SER F 130 -16.12 15.73 2.64
CA SER F 130 -15.82 14.93 1.50
C SER F 130 -17.03 14.03 1.28
N THR F 131 -17.25 13.59 0.04
CA THR F 131 -18.24 12.55 -0.23
C THR F 131 -17.91 11.26 0.55
N ALA F 132 -16.67 11.12 1.03
CA ALA F 132 -16.31 9.98 1.91
C ALA F 132 -17.09 9.99 3.27
N ALA F 133 -17.62 11.16 3.69
CA ALA F 133 -18.45 11.31 4.91
C ALA F 133 -19.85 10.69 4.76
N GLN F 134 -20.27 10.45 3.54
CA GLN F 134 -21.65 10.06 3.27
C GLN F 134 -21.80 8.62 2.81
N GLN F 135 -20.69 7.92 2.62
CA GLN F 135 -20.75 6.57 2.09
C GLN F 135 -19.44 5.84 2.44
N PRO F 136 -19.50 4.52 2.54
CA PRO F 136 -18.31 3.74 2.77
C PRO F 136 -17.55 3.56 1.47
N LYS F 137 -16.23 3.39 1.57
CA LYS F 137 -15.37 3.28 0.36
C LYS F 137 -14.24 2.33 0.68
N ALA F 138 -14.13 1.26 -0.10
CA ALA F 138 -13.05 0.32 0.02
C ALA F 138 -11.69 1.03 -0.15
N GLN F 139 -10.70 0.58 0.60
CA GLN F 139 -9.40 1.24 0.67
C GLN F 139 -9.41 2.70 1.21
N GLU F 140 -10.53 3.14 1.79
CA GLU F 140 -10.58 4.45 2.46
C GLU F 140 -11.20 4.33 3.85
N SER F 141 -11.05 3.19 4.48
CA SER F 141 -11.83 2.89 5.68
C SER F 141 -11.57 3.89 6.79
N THR F 142 -10.31 4.25 7.03
CA THR F 142 -9.97 5.24 8.05
C THR F 142 -10.23 6.67 7.62
N TYR F 143 -10.16 6.99 6.32
CA TYR F 143 -10.58 8.28 5.81
C TYR F 143 -12.08 8.48 5.91
N CYS F 144 -12.82 7.47 5.56
CA CYS F 144 -14.23 7.41 5.82
C CYS F 144 -14.54 7.60 7.31
N ALA F 145 -13.80 6.92 8.18
CA ALA F 145 -14.01 7.00 9.61
C ALA F 145 -13.93 8.43 10.06
N VAL F 146 -12.86 9.14 9.64
CA VAL F 146 -12.65 10.48 10.15
C VAL F 146 -13.67 11.46 9.57
N LYS F 147 -14.11 11.23 8.33
CA LYS F 147 -15.07 12.13 7.70
C LYS F 147 -16.50 11.87 8.16
N TRP F 148 -16.89 10.59 8.32
CA TRP F 148 -18.11 10.25 9.02
C TRP F 148 -18.14 10.90 10.42
N ALA F 149 -17.01 10.86 11.15
CA ALA F 149 -16.92 11.50 12.48
C ALA F 149 -17.28 13.01 12.46
N VAL F 150 -16.71 13.75 11.52
CA VAL F 150 -17.00 15.18 11.39
C VAL F 150 -18.45 15.38 10.99
N LYS F 151 -18.99 14.55 10.07
CA LYS F 151 -20.42 14.62 9.83
C LYS F 151 -21.27 14.37 11.12
N GLY F 152 -20.94 13.38 11.93
CA GLY F 152 -21.67 13.13 13.18
C GLY F 152 -21.57 14.34 14.15
N LEU F 153 -20.36 14.83 14.33
CA LEU F 153 -20.09 16.08 15.03
C LEU F 153 -21.01 17.24 14.58
N ILE F 154 -21.01 17.58 13.30
CA ILE F 154 -21.69 18.79 12.87
C ILE F 154 -23.19 18.64 12.89
N GLU F 155 -23.71 17.48 12.54
CA GLU F 155 -25.16 17.26 12.69
C GLU F 155 -25.61 17.32 14.15
N SER F 156 -24.77 16.88 15.10
CA SER F 156 -25.08 16.96 16.52
C SER F 156 -25.00 18.44 17.02
N VAL F 157 -23.97 19.14 16.60
CA VAL F 157 -23.83 20.54 16.95
C VAL F 157 -24.94 21.37 16.35
N ARG F 158 -25.42 21.05 15.14
CA ARG F 158 -26.55 21.76 14.56
C ARG F 158 -27.83 21.72 15.44
N LEU F 159 -28.06 20.62 16.14
CA LEU F 159 -29.18 20.50 17.08
C LEU F 159 -28.94 21.40 18.29
N GLU F 160 -27.69 21.49 18.72
CA GLU F 160 -27.32 22.37 19.82
C GLU F 160 -27.49 23.86 19.46
N LEU F 161 -27.38 24.21 18.19
CA LEU F 161 -27.49 25.59 17.79
C LEU F 161 -28.90 26.00 17.30
N LYS F 162 -29.91 25.14 17.49
CA LYS F 162 -31.29 25.45 17.12
C LYS F 162 -31.71 26.72 17.83
N GLY F 163 -32.30 27.65 17.07
CA GLY F 163 -32.64 28.97 17.60
C GLY F 163 -31.47 29.91 17.87
N LYS F 164 -30.31 29.64 17.28
CA LYS F 164 -29.14 30.49 17.51
C LYS F 164 -28.74 31.09 16.18
N PRO F 165 -28.03 32.24 16.20
CA PRO F 165 -27.76 32.88 14.93
C PRO F 165 -26.58 32.26 14.12
N MET F 166 -25.73 31.46 14.79
CA MET F 166 -24.62 30.71 14.15
C MET F 166 -25.22 29.54 13.40
N LYS F 167 -24.85 29.44 12.13
CA LYS F 167 -25.26 28.32 11.29
C LYS F 167 -24.01 27.56 10.83
N ILE F 168 -24.18 26.25 10.62
CA ILE F 168 -23.19 25.34 10.02
C ILE F 168 -23.69 24.92 8.63
N ILE F 169 -22.84 25.17 7.65
CA ILE F 169 -23.05 24.82 6.29
C ILE F 169 -22.13 23.59 6.04
N ALA F 170 -22.65 22.53 5.44
CA ALA F 170 -21.87 21.31 5.19
C ALA F 170 -21.55 21.19 3.73
N VAL F 171 -20.27 20.92 3.37
CA VAL F 171 -19.83 20.85 1.99
C VAL F 171 -19.09 19.54 1.78
N TYR F 172 -19.49 18.82 0.74
CA TYR F 172 -19.04 17.45 0.53
C TYR F 172 -18.41 17.36 -0.88
N PRO F 173 -17.11 17.71 -1.00
CA PRO F 173 -16.44 17.60 -2.31
C PRO F 173 -16.09 16.16 -2.60
N GLY F 174 -16.15 15.81 -3.88
CA GLY F 174 -15.92 14.46 -4.34
C GLY F 174 -15.16 14.55 -5.65
N GLY F 175 -14.11 13.74 -5.78
CA GLY F 175 -13.24 13.74 -6.97
C GLY F 175 -12.26 14.90 -7.08
N MET F 176 -11.51 15.16 -6.01
CA MET F 176 -10.47 16.22 -6.00
C MET F 176 -9.07 15.56 -5.96
N PHE F 193 -10.20 14.76 -13.06
CA PHE F 193 -10.45 15.27 -11.70
C PHE F 193 -10.93 16.72 -11.64
N MET F 194 -11.71 16.99 -10.61
CA MET F 194 -12.11 18.33 -10.32
C MET F 194 -10.89 19.07 -9.74
N SER F 195 -10.53 20.19 -10.35
CA SER F 195 -9.49 21.06 -9.81
C SER F 195 -9.95 21.78 -8.54
N ALA F 196 -9.00 22.11 -7.68
CA ALA F 196 -9.27 22.86 -6.47
C ALA F 196 -9.82 24.23 -6.88
N GLU F 197 -9.31 24.77 -7.97
CA GLU F 197 -9.85 26.03 -8.46
C GLU F 197 -11.35 25.99 -8.83
N ASP F 198 -11.77 24.98 -9.60
CA ASP F 198 -13.17 24.92 -10.06
C ASP F 198 -14.15 24.43 -8.95
N ALA F 199 -13.68 23.51 -8.11
CA ALA F 199 -14.36 23.19 -6.87
C ALA F 199 -14.57 24.49 -6.07
N ALA F 200 -13.52 25.25 -5.84
CA ALA F 200 -13.68 26.56 -5.17
C ALA F 200 -14.71 27.47 -5.84
N LEU F 201 -14.68 27.61 -7.17
CA LEU F 201 -15.69 28.42 -7.88
C LEU F 201 -17.10 27.92 -7.60
N MET F 202 -17.31 26.61 -7.67
CA MET F 202 -18.68 26.05 -7.46
C MET F 202 -19.16 26.19 -6.00
N ILE F 203 -18.30 25.92 -5.03
CA ILE F 203 -18.64 26.11 -3.60
C ILE F 203 -18.90 27.57 -3.29
N HIS F 204 -18.02 28.45 -3.75
CA HIS F 204 -18.13 29.87 -3.46
C HIS F 204 -19.39 30.44 -4.10
N GLY F 205 -19.73 29.95 -5.29
CA GLY F 205 -20.89 30.43 -6.02
C GLY F 205 -22.19 29.90 -5.48
N ALA F 206 -22.18 28.71 -4.88
CA ALA F 206 -23.39 28.08 -4.36
C ALA F 206 -23.76 28.60 -2.99
N LEU F 207 -22.79 28.93 -2.16
CA LEU F 207 -23.14 29.36 -0.83
C LEU F 207 -23.87 30.69 -0.95
N ALA F 208 -25.07 30.77 -0.35
CA ALA F 208 -25.83 32.01 -0.36
C ALA F 208 -26.73 32.02 0.84
N ASN F 209 -27.01 33.21 1.39
CA ASN F 209 -28.01 33.41 2.44
C ASN F 209 -28.93 34.53 1.95
N ILE F 210 -30.06 34.16 1.37
CA ILE F 210 -30.94 35.12 0.70
C ILE F 210 -32.23 35.14 1.50
N GLY F 211 -32.65 36.34 1.93
CA GLY F 211 -33.96 36.51 2.50
C GLY F 211 -34.08 35.64 3.71
N ASN F 212 -35.14 34.85 3.78
CA ASN F 212 -35.35 33.99 4.95
C ASN F 212 -34.71 32.59 4.78
N GLY F 213 -33.73 32.46 3.87
CA GLY F 213 -33.16 31.12 3.57
C GLY F 213 -31.65 31.03 3.39
N TYR F 214 -31.10 29.82 3.50
CA TYR F 214 -29.69 29.63 3.20
C TYR F 214 -29.43 28.24 2.61
N VAL F 215 -28.33 28.10 1.89
CA VAL F 215 -27.84 26.84 1.36
C VAL F 215 -27.09 26.22 2.52
N SER F 216 -27.67 25.18 3.06
CA SER F 216 -27.13 24.55 4.22
C SER F 216 -26.25 23.35 3.93
N ASP F 217 -26.40 22.73 2.77
CA ASP F 217 -25.61 21.49 2.45
C ASP F 217 -25.38 21.49 0.98
N ILE F 218 -24.15 21.18 0.57
CA ILE F 218 -23.79 21.16 -0.83
C ILE F 218 -22.84 20.00 -1.11
N THR F 219 -23.11 19.28 -2.18
CA THR F 219 -22.22 18.22 -2.65
C THR F 219 -21.75 18.58 -4.04
N VAL F 220 -20.44 18.48 -4.25
CA VAL F 220 -19.86 18.87 -5.53
C VAL F 220 -19.03 17.66 -6.02
N ASN F 221 -19.28 17.23 -7.25
CA ASN F 221 -18.63 16.04 -7.79
C ASN F 221 -17.98 16.33 -9.13
N ARG F 222 -17.02 15.44 -9.41
CA ARG F 222 -16.28 15.32 -10.66
C ARG F 222 -17.14 15.41 -11.91
N LEU G 3 -52.28 -14.22 19.88
CA LEU G 3 -52.56 -14.31 18.42
C LEU G 3 -51.50 -13.56 17.55
N ILE G 4 -50.89 -14.29 16.62
CA ILE G 4 -49.99 -13.73 15.60
C ILE G 4 -50.74 -13.60 14.24
N VAL G 5 -50.91 -12.37 13.74
CA VAL G 5 -51.42 -12.15 12.36
C VAL G 5 -50.21 -11.98 11.37
N ILE G 6 -50.23 -12.76 10.30
CA ILE G 6 -49.20 -12.73 9.27
C ILE G 6 -49.77 -12.42 7.87
N THR G 7 -49.35 -11.29 7.31
CA THR G 7 -49.65 -10.97 5.90
C THR G 7 -48.55 -11.60 5.03
N GLY G 8 -48.75 -11.67 3.72
CA GLY G 8 -47.80 -12.37 2.83
C GLY G 8 -47.52 -13.80 3.25
N ALA G 9 -48.52 -14.46 3.87
CA ALA G 9 -48.34 -15.76 4.52
C ALA G 9 -48.56 -16.98 3.60
N SER G 10 -48.90 -16.74 2.33
CA SER G 10 -49.13 -17.82 1.32
C SER G 10 -47.89 -18.57 0.92
N SER G 11 -46.72 -17.93 1.05
CA SER G 11 -45.44 -18.57 0.77
C SER G 11 -44.29 -17.69 1.25
N GLY G 12 -43.08 -18.19 1.08
CA GLY G 12 -41.89 -17.43 1.35
C GLY G 12 -41.75 -17.30 2.85
N LEU G 13 -41.17 -16.17 3.24
CA LEU G 13 -40.92 -15.84 4.62
C LEU G 13 -42.18 -15.84 5.49
N GLY G 14 -43.25 -15.20 5.02
CA GLY G 14 -44.51 -15.18 5.76
C GLY G 14 -44.98 -16.57 6.12
N ALA G 15 -44.90 -17.51 5.16
CA ALA G 15 -45.27 -18.94 5.37
C ALA G 15 -44.37 -19.66 6.37
N GLU G 16 -43.06 -19.38 6.30
CA GLU G 16 -42.10 -20.03 7.19
C GLU G 16 -42.17 -19.50 8.62
N LEU G 17 -42.53 -18.23 8.79
CA LEU G 17 -42.70 -17.66 10.13
C LEU G 17 -43.97 -18.25 10.74
N ALA G 18 -45.00 -18.40 9.93
CA ALA G 18 -46.21 -19.13 10.30
C ALA G 18 -45.91 -20.49 10.94
N LYS G 19 -45.11 -21.31 10.26
CA LYS G 19 -44.73 -22.63 10.77
C LYS G 19 -43.97 -22.57 12.10
N LEU G 20 -43.07 -21.60 12.27
CA LEU G 20 -42.28 -21.52 13.51
C LEU G 20 -43.10 -21.07 14.73
N TYR G 21 -43.96 -20.07 14.54
CA TYR G 21 -44.88 -19.68 15.62
C TYR G 21 -45.87 -20.82 15.96
N ASP G 22 -46.14 -21.68 14.98
CA ASP G 22 -47.07 -22.83 15.16
C ASP G 22 -46.46 -23.88 16.07
N ALA G 23 -45.21 -24.23 15.79
CA ALA G 23 -44.49 -25.25 16.52
C ALA G 23 -44.23 -24.85 17.97
N GLU G 24 -44.37 -23.56 18.29
CA GLU G 24 -44.31 -23.10 19.67
C GLU G 24 -45.68 -23.12 20.31
N GLY G 25 -46.63 -23.75 19.63
CA GLY G 25 -47.99 -23.84 20.11
C GLY G 25 -48.69 -22.51 20.19
N LYS G 26 -48.29 -21.54 19.36
CA LYS G 26 -48.92 -20.21 19.34
C LYS G 26 -49.89 -20.09 18.18
N ALA G 27 -50.93 -19.27 18.40
CA ALA G 27 -52.06 -19.15 17.48
C ALA G 27 -51.78 -18.16 16.35
N THR G 28 -52.09 -18.57 15.11
CA THR G 28 -51.90 -17.68 13.94
C THR G 28 -53.17 -17.48 13.12
N TYR G 29 -53.27 -16.27 12.55
CA TYR G 29 -54.24 -15.93 11.57
C TYR G 29 -53.51 -15.44 10.30
N LEU G 30 -53.70 -16.14 9.18
CA LEU G 30 -52.95 -15.89 7.96
C LEU G 30 -53.72 -15.18 6.82
N THR G 31 -53.04 -14.22 6.17
CA THR G 31 -53.60 -13.58 4.99
C THR G 31 -52.58 -13.55 3.85
N GLY G 32 -53.11 -13.38 2.63
CA GLY G 32 -52.37 -13.51 1.37
C GLY G 32 -53.37 -13.32 0.24
N ARG G 33 -52.93 -13.24 -1.01
CA ARG G 33 -53.92 -12.96 -2.08
C ARG G 33 -54.73 -14.20 -2.46
N SER G 34 -54.20 -15.40 -2.26
CA SER G 34 -54.83 -16.62 -2.74
C SER G 34 -55.25 -17.57 -1.64
N GLU G 35 -56.56 -17.83 -1.59
CA GLU G 35 -57.14 -18.73 -0.60
C GLU G 35 -56.57 -20.14 -0.72
N SER G 36 -56.47 -20.63 -1.95
CA SER G 36 -55.88 -21.95 -2.21
C SER G 36 -54.46 -22.09 -1.60
N LYS G 37 -53.57 -21.14 -1.86
CA LYS G 37 -52.19 -21.19 -1.32
C LYS G 37 -52.13 -21.05 0.22
N LEU G 38 -53.00 -20.23 0.78
CA LEU G 38 -53.15 -20.13 2.22
C LEU G 38 -53.61 -21.46 2.83
N SER G 39 -54.46 -22.19 2.09
CA SER G 39 -54.89 -23.49 2.55
C SER G 39 -53.75 -24.51 2.56
N THR G 40 -52.89 -24.47 1.55
CA THR G 40 -51.69 -25.33 1.48
C THR G 40 -50.87 -25.15 2.76
N VAL G 41 -50.68 -23.90 3.18
CA VAL G 41 -49.83 -23.58 4.32
C VAL G 41 -50.46 -24.03 5.64
N THR G 42 -51.74 -23.73 5.80
CA THR G 42 -52.51 -24.10 7.00
C THR G 42 -52.60 -25.63 7.37
N ASN G 43 -52.54 -26.52 6.38
CA ASN G 43 -52.54 -27.98 6.65
C ASN G 43 -51.30 -28.48 7.40
N CYS G 44 -50.19 -27.73 7.31
CA CYS G 44 -48.97 -28.04 8.09
C CYS G 44 -49.13 -27.64 9.52
N LEU G 45 -50.07 -26.73 9.78
CA LEU G 45 -50.25 -26.12 11.09
C LEU G 45 -51.25 -26.94 11.91
N SER G 46 -51.14 -26.83 13.22
CA SER G 46 -52.07 -27.50 14.10
C SER G 46 -52.40 -26.61 15.29
N ASN G 47 -52.34 -25.28 15.11
CA ASN G 47 -52.87 -24.28 16.08
C ASN G 47 -53.41 -23.03 15.42
N ASN G 48 -53.62 -23.08 14.12
CA ASN G 48 -54.05 -21.92 13.36
C ASN G 48 -55.55 -21.65 13.59
N VAL G 49 -55.92 -20.38 13.66
CA VAL G 49 -57.29 -20.01 14.00
C VAL G 49 -57.91 -19.18 12.88
N GLY G 50 -57.52 -19.47 11.64
CA GLY G 50 -58.17 -18.89 10.48
C GLY G 50 -57.21 -18.39 9.43
N TYR G 51 -57.77 -18.06 8.27
CA TYR G 51 -57.03 -17.41 7.19
C TYR G 51 -58.02 -16.81 6.22
N ARG G 52 -57.59 -15.77 5.50
CA ARG G 52 -58.48 -15.07 4.59
C ARG G 52 -57.73 -14.38 3.44
N ALA G 53 -58.10 -14.74 2.22
CA ALA G 53 -57.68 -14.03 1.02
C ALA G 53 -57.98 -12.53 1.15
N ARG G 54 -56.98 -11.67 0.94
CA ARG G 54 -57.12 -10.22 1.04
C ARG G 54 -56.15 -9.55 0.05
N ASP G 55 -56.64 -8.49 -0.59
CA ASP G 55 -55.82 -7.60 -1.41
C ASP G 55 -55.57 -6.35 -0.56
N LEU G 56 -54.35 -6.26 -0.01
CA LEU G 56 -53.97 -5.21 0.97
C LEU G 56 -53.81 -3.81 0.36
N ALA G 57 -53.85 -3.74 -0.96
CA ALA G 57 -53.88 -2.48 -1.69
C ALA G 57 -55.23 -1.77 -1.57
N SER G 58 -56.21 -2.48 -1.02
CA SER G 58 -57.57 -1.98 -0.90
C SER G 58 -57.83 -1.64 0.57
N HIS G 59 -58.01 -0.37 0.88
CA HIS G 59 -58.13 -0.04 2.30
C HIS G 59 -59.41 -0.60 2.91
N GLN G 60 -60.38 -0.97 2.09
CA GLN G 60 -61.63 -1.56 2.57
C GLN G 60 -61.34 -2.98 3.03
N GLU G 61 -60.62 -3.74 2.21
CA GLU G 61 -60.31 -5.14 2.57
C GLU G 61 -59.39 -5.27 3.81
N VAL G 62 -58.53 -4.27 4.03
CA VAL G 62 -57.61 -4.27 5.18
C VAL G 62 -58.39 -4.06 6.48
N GLU G 63 -59.25 -3.06 6.44
CA GLU G 63 -60.18 -2.76 7.50
C GLU G 63 -61.04 -3.97 7.97
N GLN G 64 -61.60 -4.73 7.04
CA GLN G 64 -62.42 -5.86 7.47
C GLN G 64 -61.58 -7.04 7.93
N LEU G 65 -60.45 -7.29 7.26
CA LEU G 65 -59.42 -8.20 7.80
C LEU G 65 -59.27 -8.06 9.31
N PHE G 66 -59.31 -6.82 9.77
CA PHE G 66 -59.05 -6.51 11.14
C PHE G 66 -60.33 -6.41 11.96
N GLU G 67 -61.40 -5.88 11.37
CA GLU G 67 -62.69 -5.83 12.07
C GLU G 67 -63.06 -7.22 12.55
N GLN G 68 -62.98 -8.17 11.64
CA GLN G 68 -63.57 -9.48 11.81
C GLN G 68 -62.67 -10.46 12.52
N LEU G 69 -61.76 -9.99 13.36
CA LEU G 69 -60.88 -10.90 14.12
C LEU G 69 -61.40 -11.15 15.54
N ASP G 70 -61.31 -12.41 15.98
CA ASP G 70 -61.66 -12.89 17.34
C ASP G 70 -61.16 -12.07 18.51
N SER G 71 -60.06 -11.35 18.33
CA SER G 71 -59.34 -10.72 19.46
C SER G 71 -58.32 -9.68 18.99
N ILE G 72 -57.65 -9.04 19.96
CA ILE G 72 -56.55 -8.11 19.70
C ILE G 72 -55.27 -8.93 19.46
N PRO G 73 -54.54 -8.65 18.36
CA PRO G 73 -53.32 -9.44 18.11
C PRO G 73 -52.12 -9.06 19.03
N SER G 74 -51.29 -10.05 19.38
CA SER G 74 -50.03 -9.83 20.12
C SER G 74 -48.76 -9.55 19.23
N THR G 75 -48.76 -10.04 17.99
CA THR G 75 -47.74 -9.69 16.98
C THR G 75 -48.41 -9.65 15.61
N VAL G 76 -48.09 -8.64 14.81
CA VAL G 76 -48.56 -8.56 13.43
C VAL G 76 -47.32 -8.49 12.57
N VAL G 77 -47.16 -9.48 11.70
CA VAL G 77 -46.02 -9.55 10.79
C VAL G 77 -46.47 -9.15 9.41
N HIS G 78 -45.99 -8.01 8.91
CA HIS G 78 -46.25 -7.63 7.54
C HIS G 78 -45.11 -8.06 6.62
N SER G 79 -45.31 -9.13 5.87
CA SER G 79 -44.30 -9.67 4.97
C SER G 79 -44.81 -9.69 3.53
N ALA G 80 -45.92 -8.98 3.28
CA ALA G 80 -46.51 -8.86 1.94
C ALA G 80 -45.66 -8.00 1.05
N GLY G 81 -45.46 -8.42 -0.19
CA GLY G 81 -44.67 -7.60 -1.09
C GLY G 81 -44.37 -8.33 -2.36
N SER G 82 -43.63 -7.67 -3.23
CA SER G 82 -43.27 -8.26 -4.51
C SER G 82 -42.08 -7.53 -5.11
N GLY G 83 -41.47 -8.18 -6.10
CA GLY G 83 -40.30 -7.65 -6.78
C GLY G 83 -40.58 -7.27 -8.20
N TYR G 84 -39.86 -6.29 -8.70
CA TYR G 84 -39.81 -6.06 -10.13
C TYR G 84 -38.54 -5.28 -10.44
N PHE G 85 -37.83 -5.69 -11.49
CA PHE G 85 -36.48 -5.21 -11.72
C PHE G 85 -36.14 -4.93 -13.21
N GLY G 86 -35.00 -4.28 -13.45
CA GLY G 86 -34.60 -3.86 -14.76
C GLY G 86 -34.21 -2.41 -14.74
N LEU G 87 -33.50 -2.01 -15.78
CA LEU G 87 -33.15 -0.61 -16.01
C LEU G 87 -34.47 0.18 -16.18
N LEU G 88 -34.47 1.41 -15.70
CA LEU G 88 -35.72 2.12 -15.49
C LEU G 88 -36.43 2.27 -16.83
N GLN G 89 -35.62 2.63 -17.82
CA GLN G 89 -35.99 2.82 -19.21
C GLN G 89 -36.69 1.57 -19.82
N GLU G 90 -36.34 0.39 -19.33
CA GLU G 90 -36.90 -0.87 -19.81
C GLU G 90 -38.09 -1.34 -18.96
N GLN G 91 -38.41 -0.65 -17.87
CA GLN G 91 -39.48 -1.11 -17.01
C GLN G 91 -40.85 -0.70 -17.58
N ASP G 92 -41.84 -1.55 -17.36
CA ASP G 92 -43.20 -1.38 -17.82
C ASP G 92 -44.00 -0.59 -16.77
N PRO G 93 -44.56 0.59 -17.14
CA PRO G 93 -45.34 1.40 -16.21
C PRO G 93 -46.45 0.65 -15.50
N GLU G 94 -47.10 -0.29 -16.16
CA GLU G 94 -48.19 -1.06 -15.53
C GLU G 94 -47.62 -1.92 -14.39
N GLN G 95 -46.47 -2.53 -14.62
CA GLN G 95 -45.79 -3.32 -13.59
C GLN G 95 -45.17 -2.47 -12.47
N ILE G 96 -44.73 -1.24 -12.78
CA ILE G 96 -44.28 -0.31 -11.74
C ILE G 96 -45.49 -0.02 -10.80
N GLN G 97 -46.65 0.18 -11.40
CA GLN G 97 -47.87 0.42 -10.61
C GLN G 97 -48.16 -0.75 -9.67
N THR G 98 -48.09 -1.94 -10.23
CA THR G 98 -48.28 -3.15 -9.46
C THR G 98 -47.29 -3.16 -8.28
N LEU G 99 -46.03 -2.78 -8.55
CA LEU G 99 -45.04 -2.76 -7.50
C LEU G 99 -45.45 -1.81 -6.37
N ILE G 100 -45.92 -0.64 -6.75
CA ILE G 100 -46.34 0.38 -5.77
C ILE G 100 -47.45 -0.20 -4.90
N GLU G 101 -48.46 -0.76 -5.55
CA GLU G 101 -49.62 -1.39 -4.87
C GLU G 101 -49.25 -2.50 -3.90
N ASN G 102 -48.44 -3.45 -4.35
CA ASN G 102 -48.07 -4.60 -3.54
C ASN G 102 -47.12 -4.30 -2.39
N ASN G 103 -46.30 -3.26 -2.51
CA ASN G 103 -45.35 -2.92 -1.46
C ASN G 103 -45.72 -1.73 -0.63
N LEU G 104 -45.97 -0.59 -1.26
CA LEU G 104 -46.13 0.65 -0.52
C LEU G 104 -47.60 0.83 -0.09
N SER G 105 -48.55 0.58 -0.98
CA SER G 105 -49.97 0.73 -0.62
C SER G 105 -50.35 -0.25 0.45
N SER G 106 -49.90 -1.48 0.29
CA SER G 106 -50.14 -2.53 1.27
C SER G 106 -49.60 -2.15 2.64
N ALA G 107 -48.37 -1.61 2.64
CA ALA G 107 -47.71 -1.28 3.88
C ALA G 107 -48.41 -0.10 4.57
N ILE G 108 -48.89 0.85 3.78
CA ILE G 108 -49.56 2.03 4.33
C ILE G 108 -50.91 1.59 4.93
N ASN G 109 -51.66 0.83 4.15
CA ASN G 109 -52.97 0.32 4.58
C ASN G 109 -52.91 -0.55 5.81
N VAL G 110 -52.02 -1.53 5.83
CA VAL G 110 -51.84 -2.35 7.02
C VAL G 110 -51.38 -1.53 8.25
N LEU G 111 -50.42 -0.62 8.10
CA LEU G 111 -49.92 0.11 9.28
C LEU G 111 -50.90 1.18 9.77
N ARG G 112 -51.62 1.83 8.86
CA ARG G 112 -52.63 2.80 9.24
C ARG G 112 -53.75 2.14 10.07
N GLU G 113 -54.24 1.01 9.58
CA GLU G 113 -55.25 0.24 10.25
C GLU G 113 -54.77 -0.23 11.63
N LEU G 114 -53.57 -0.80 11.70
CA LEU G 114 -52.96 -1.17 12.97
C LEU G 114 -52.85 -0.02 13.96
N VAL G 115 -52.43 1.14 13.47
CA VAL G 115 -52.29 2.30 14.32
C VAL G 115 -53.68 2.79 14.80
N LYS G 116 -54.60 2.91 13.86
CA LYS G 116 -55.99 3.31 14.18
C LYS G 116 -56.59 2.42 15.29
N ARG G 117 -56.52 1.11 15.11
CA ARG G 117 -57.05 0.14 16.07
C ARG G 117 -56.20 0.00 17.35
N TYR G 118 -54.94 -0.37 17.22
CA TYR G 118 -54.17 -0.90 18.36
C TYR G 118 -53.05 -0.01 18.89
N LYS G 119 -53.07 1.28 18.64
CA LYS G 119 -51.95 2.11 19.07
C LYS G 119 -51.68 2.07 20.60
N ASP G 120 -52.72 1.74 21.38
CA ASP G 120 -52.64 1.76 22.85
C ASP G 120 -52.62 0.38 23.48
N GLN G 121 -52.41 -0.63 22.65
CA GLN G 121 -52.25 -1.99 23.14
C GLN G 121 -50.77 -2.33 22.94
N PRO G 122 -50.25 -3.27 23.74
CA PRO G 122 -48.89 -3.76 23.53
C PRO G 122 -48.80 -4.70 22.32
N VAL G 123 -48.92 -4.14 21.14
CA VAL G 123 -48.79 -4.91 19.88
C VAL G 123 -47.40 -4.64 19.28
N ASN G 124 -46.76 -5.71 18.81
CA ASN G 124 -45.52 -5.60 18.05
C ASN G 124 -45.86 -5.72 16.57
N VAL G 125 -45.51 -4.71 15.82
CA VAL G 125 -45.74 -4.75 14.40
C VAL G 125 -44.38 -4.95 13.75
N VAL G 126 -44.17 -6.14 13.20
CA VAL G 126 -42.95 -6.50 12.48
C VAL G 126 -43.13 -6.14 10.98
N MET G 127 -42.41 -5.12 10.54
CA MET G 127 -42.51 -4.66 9.15
C MET G 127 -41.32 -5.23 8.36
N ILE G 128 -41.56 -6.16 7.46
CA ILE G 128 -40.48 -6.79 6.76
C ILE G 128 -40.26 -6.05 5.45
N MET G 129 -39.08 -5.46 5.29
CA MET G 129 -38.75 -4.68 4.12
C MET G 129 -37.70 -5.47 3.31
N SER G 130 -36.52 -4.90 3.16
CA SER G 130 -35.48 -5.50 2.33
C SER G 130 -34.24 -4.65 2.54
N THR G 131 -33.06 -5.23 2.33
CA THR G 131 -31.85 -4.44 2.29
C THR G 131 -31.90 -3.40 1.16
N ALA G 132 -32.79 -3.53 0.19
CA ALA G 132 -33.01 -2.46 -0.81
C ALA G 132 -33.62 -1.14 -0.21
N ALA G 133 -34.12 -1.23 1.03
CA ALA G 133 -34.64 -0.06 1.75
C ALA G 133 -33.53 0.81 2.32
N GLN G 134 -32.29 0.28 2.33
CA GLN G 134 -31.15 0.86 3.03
C GLN G 134 -30.10 1.45 2.07
N GLN G 135 -30.19 1.14 0.78
CA GLN G 135 -29.19 1.59 -0.21
C GLN G 135 -29.77 1.60 -1.61
N PRO G 136 -29.19 2.38 -2.48
CA PRO G 136 -29.69 2.37 -3.85
C PRO G 136 -29.04 1.20 -4.57
N LYS G 137 -29.71 0.70 -5.59
CA LYS G 137 -29.20 -0.42 -6.37
C LYS G 137 -29.54 -0.24 -7.84
N ALA G 138 -28.56 -0.37 -8.73
CA ALA G 138 -28.81 -0.33 -10.15
C ALA G 138 -29.76 -1.48 -10.54
N GLN G 139 -30.69 -1.19 -11.48
CA GLN G 139 -31.70 -2.13 -11.98
C GLN G 139 -32.84 -2.45 -10.98
N GLU G 140 -32.84 -1.75 -9.86
CA GLU G 140 -33.87 -1.90 -8.83
C GLU G 140 -34.42 -0.52 -8.39
N SER G 141 -34.42 0.45 -9.31
CA SER G 141 -34.76 1.84 -8.94
C SER G 141 -36.17 1.99 -8.33
N THR G 142 -37.12 1.31 -8.95
CA THR G 142 -38.54 1.37 -8.48
C THR G 142 -38.77 0.50 -7.23
N TYR G 143 -37.99 -0.57 -7.08
CA TYR G 143 -38.06 -1.45 -5.93
C TYR G 143 -37.45 -0.76 -4.69
N CYS G 144 -36.24 -0.19 -4.87
CA CYS G 144 -35.68 0.70 -3.89
C CYS G 144 -36.68 1.81 -3.56
N ALA G 145 -37.34 2.41 -4.55
CA ALA G 145 -38.27 3.52 -4.29
C ALA G 145 -39.33 3.07 -3.33
N VAL G 146 -39.98 1.94 -3.61
CA VAL G 146 -41.03 1.46 -2.72
C VAL G 146 -40.49 0.96 -1.37
N LYS G 147 -39.34 0.30 -1.33
CA LYS G 147 -38.75 -0.09 -0.03
C LYS G 147 -38.24 1.06 0.82
N TRP G 148 -37.65 2.09 0.22
CA TRP G 148 -37.29 3.31 0.94
C TRP G 148 -38.59 4.02 1.44
N ALA G 149 -39.61 4.03 0.60
CA ALA G 149 -40.87 4.65 0.97
C ALA G 149 -41.38 4.02 2.28
N VAL G 150 -41.40 2.68 2.38
CA VAL G 150 -41.84 2.01 3.59
C VAL G 150 -40.94 2.30 4.77
N LYS G 151 -39.64 2.45 4.57
CA LYS G 151 -38.79 2.85 5.71
C LYS G 151 -39.12 4.24 6.24
N GLY G 152 -39.42 5.16 5.33
CA GLY G 152 -39.77 6.55 5.64
C GLY G 152 -41.06 6.58 6.41
N LEU G 153 -42.01 5.77 5.95
CA LEU G 153 -43.28 5.57 6.64
C LEU G 153 -43.06 5.11 8.07
N ILE G 154 -42.39 3.98 8.25
CA ILE G 154 -42.32 3.36 9.58
C ILE G 154 -41.45 4.17 10.56
N GLU G 155 -40.42 4.90 10.08
CA GLU G 155 -39.62 5.72 10.97
C GLU G 155 -40.41 6.96 11.38
N SER G 156 -41.29 7.43 10.50
CA SER G 156 -42.15 8.56 10.85
C SER G 156 -43.23 8.13 11.85
N VAL G 157 -43.82 6.96 11.64
CA VAL G 157 -44.87 6.46 12.51
C VAL G 157 -44.29 6.14 13.89
N ARG G 158 -43.03 5.66 13.94
CA ARG G 158 -42.35 5.43 15.22
C ARG G 158 -42.33 6.71 16.09
N LEU G 159 -42.14 7.86 15.46
CA LEU G 159 -42.12 9.12 16.19
C LEU G 159 -43.53 9.48 16.68
N GLU G 160 -44.56 9.11 15.93
CA GLU G 160 -45.92 9.30 16.39
C GLU G 160 -46.24 8.34 17.52
N LEU G 161 -45.54 7.23 17.61
CA LEU G 161 -45.84 6.21 18.60
C LEU G 161 -45.01 6.35 19.86
N LYS G 162 -44.27 7.45 20.02
CA LYS G 162 -43.59 7.69 21.27
C LYS G 162 -44.62 7.79 22.41
N GLY G 163 -44.27 7.23 23.56
CA GLY G 163 -45.13 7.24 24.75
C GLY G 163 -46.04 6.03 24.78
N LYS G 164 -46.36 5.51 23.59
CA LYS G 164 -47.41 4.54 23.44
C LYS G 164 -46.82 3.17 23.52
N PRO G 165 -47.67 2.17 23.79
CA PRO G 165 -47.24 0.79 23.91
C PRO G 165 -47.11 0.00 22.59
N MET G 166 -47.68 0.47 21.49
CA MET G 166 -47.41 -0.19 20.19
C MET G 166 -45.94 0.08 19.80
N LYS G 167 -45.24 -0.93 19.31
CA LYS G 167 -43.87 -0.78 18.77
C LYS G 167 -43.76 -1.31 17.33
N ILE G 168 -42.89 -0.65 16.55
CA ILE G 168 -42.55 -1.09 15.19
C ILE G 168 -41.10 -1.65 15.12
N ILE G 169 -41.01 -2.89 14.68
CA ILE G 169 -39.76 -3.60 14.59
C ILE G 169 -39.50 -3.65 13.09
N ALA G 170 -38.31 -3.25 12.68
CA ALA G 170 -37.94 -3.21 11.26
C ALA G 170 -37.05 -4.38 10.91
N VAL G 171 -37.32 -5.07 9.82
CA VAL G 171 -36.55 -6.23 9.42
C VAL G 171 -36.12 -6.06 7.95
N TYR G 172 -34.83 -6.28 7.67
CA TYR G 172 -34.27 -5.99 6.33
C TYR G 172 -33.57 -7.26 5.85
N PRO G 173 -34.30 -8.12 5.13
CA PRO G 173 -33.59 -9.30 4.62
C PRO G 173 -32.94 -9.01 3.27
N GLY G 174 -31.81 -9.66 3.01
CA GLY G 174 -31.16 -9.62 1.69
C GLY G 174 -30.65 -10.97 1.23
N GLY G 175 -30.67 -11.19 -0.08
CA GLY G 175 -30.12 -12.40 -0.68
C GLY G 175 -31.03 -13.63 -0.53
N MET G 176 -32.32 -13.40 -0.34
CA MET G 176 -33.34 -14.41 -0.51
C MET G 176 -33.69 -14.49 -2.00
N ALA G 177 -34.14 -15.68 -2.43
CA ALA G 177 -34.60 -15.91 -3.81
C ALA G 177 -35.70 -14.92 -4.13
N THR G 178 -36.35 -14.51 -3.05
CA THR G 178 -37.64 -13.88 -3.07
C THR G 178 -37.67 -12.61 -3.88
N GLU G 179 -36.65 -11.78 -3.75
CA GLU G 179 -36.65 -10.58 -4.52
C GLU G 179 -35.23 -10.21 -4.89
N PHE G 180 -34.44 -11.23 -5.27
CA PHE G 180 -33.10 -11.00 -5.71
C PHE G 180 -33.20 -10.52 -7.14
N TRP G 181 -32.35 -9.56 -7.45
CA TRP G 181 -31.91 -9.32 -8.81
C TRP G 181 -30.39 -9.56 -8.86
N GLU G 182 -29.97 -10.32 -9.86
CA GLU G 182 -28.57 -10.50 -10.18
C GLU G 182 -28.59 -10.50 -11.69
N THR G 183 -27.80 -9.64 -12.31
CA THR G 183 -27.84 -9.56 -13.79
C THR G 183 -27.09 -10.74 -14.48
N SER G 184 -26.31 -11.52 -13.72
CA SER G 184 -25.59 -12.68 -14.27
C SER G 184 -25.32 -13.69 -13.15
N GLY G 185 -25.14 -14.96 -13.51
CA GLY G 185 -24.84 -15.98 -12.53
C GLY G 185 -24.72 -17.38 -13.09
N LYS G 186 -24.11 -18.24 -12.30
CA LYS G 186 -24.01 -19.65 -12.63
C LYS G 186 -25.37 -20.30 -12.43
N SER G 187 -25.41 -21.60 -12.71
CA SER G 187 -26.61 -22.39 -12.49
C SER G 187 -27.05 -22.35 -11.02
N LEU G 188 -28.32 -22.08 -10.80
CA LEU G 188 -28.91 -22.15 -9.46
C LEU G 188 -28.49 -23.44 -8.76
N ASP G 189 -27.99 -23.30 -7.54
CA ASP G 189 -27.80 -24.45 -6.67
C ASP G 189 -28.20 -24.17 -5.23
N THR G 190 -28.15 -25.24 -4.47
CA THR G 190 -28.25 -25.26 -3.02
C THR G 190 -27.85 -23.91 -2.36
N SER G 191 -26.66 -23.39 -2.67
CA SER G 191 -26.13 -22.19 -1.99
C SER G 191 -26.36 -20.80 -2.63
N SER G 192 -27.08 -20.74 -3.75
CA SER G 192 -27.34 -19.47 -4.42
C SER G 192 -28.06 -18.38 -3.55
N PHE G 193 -28.91 -18.81 -2.61
CA PHE G 193 -29.72 -17.88 -1.83
C PHE G 193 -29.79 -18.29 -0.37
N MET G 194 -30.07 -17.34 0.51
CA MET G 194 -30.55 -17.65 1.86
C MET G 194 -31.99 -18.16 1.70
N SER G 195 -32.29 -19.34 2.23
CA SER G 195 -33.66 -19.89 2.15
C SER G 195 -34.59 -19.15 3.09
N ALA G 196 -35.85 -19.04 2.69
CA ALA G 196 -36.96 -18.56 3.52
C ALA G 196 -37.05 -19.17 4.89
N GLU G 197 -36.75 -20.47 4.95
CA GLU G 197 -36.77 -21.21 6.21
C GLU G 197 -35.65 -20.75 7.15
N ASP G 198 -34.43 -20.69 6.63
CA ASP G 198 -33.29 -20.22 7.45
C ASP G 198 -33.44 -18.75 7.86
N ALA G 199 -33.95 -17.93 6.94
CA ALA G 199 -34.23 -16.52 7.22
C ALA G 199 -35.30 -16.38 8.31
N ALA G 200 -36.37 -17.18 8.20
CA ALA G 200 -37.44 -17.17 9.21
C ALA G 200 -36.89 -17.59 10.57
N LEU G 201 -36.09 -18.67 10.59
CA LEU G 201 -35.48 -19.17 11.83
C LEU G 201 -34.68 -18.05 12.53
N MET G 202 -33.81 -17.38 11.78
CA MET G 202 -32.98 -16.29 12.34
C MET G 202 -33.82 -15.10 12.79
N ILE G 203 -34.79 -14.67 11.98
CA ILE G 203 -35.70 -13.54 12.36
C ILE G 203 -36.52 -13.92 13.60
N HIS G 204 -37.18 -15.06 13.54
CA HIS G 204 -37.96 -15.54 14.70
C HIS G 204 -37.16 -15.54 16.02
N GLY G 205 -35.99 -16.18 16.01
CA GLY G 205 -35.10 -16.25 17.18
C GLY G 205 -34.52 -14.91 17.62
N ALA G 206 -34.48 -13.91 16.75
CA ALA G 206 -33.91 -12.59 17.10
C ALA G 206 -34.92 -11.62 17.73
N LEU G 207 -36.20 -11.73 17.33
CA LEU G 207 -37.27 -10.92 17.89
C LEU G 207 -37.49 -11.31 19.37
N ALA G 208 -37.02 -10.43 20.26
CA ALA G 208 -37.12 -10.64 21.70
C ALA G 208 -37.48 -9.30 22.34
N ASN G 209 -38.12 -9.40 23.52
CA ASN G 209 -38.51 -8.24 24.33
C ASN G 209 -38.25 -8.53 25.82
N ILE G 210 -37.03 -8.97 26.13
CA ILE G 210 -36.63 -9.32 27.49
C ILE G 210 -36.44 -8.08 28.35
N GLY G 211 -36.88 -8.17 29.61
CA GLY G 211 -36.69 -7.09 30.58
C GLY G 211 -37.05 -5.76 29.96
N ASN G 212 -36.18 -4.76 30.15
CA ASN G 212 -36.47 -3.38 29.74
C ASN G 212 -36.28 -3.12 28.20
N GLY G 213 -35.81 -4.13 27.45
CA GLY G 213 -35.40 -3.90 26.04
C GLY G 213 -36.05 -4.73 24.97
N TYR G 214 -35.86 -4.33 23.72
CA TYR G 214 -36.26 -5.18 22.60
C TYR G 214 -35.36 -4.96 21.39
N VAL G 215 -35.36 -5.94 20.49
CA VAL G 215 -34.70 -5.82 19.20
C VAL G 215 -35.57 -5.01 18.27
N SER G 216 -35.14 -3.80 17.96
CA SER G 216 -35.97 -2.88 17.19
C SER G 216 -35.69 -2.99 15.71
N ASP G 217 -34.50 -3.43 15.35
CA ASP G 217 -34.13 -3.44 13.92
C ASP G 217 -33.18 -4.61 13.69
N ILE G 218 -33.37 -5.32 12.60
CA ILE G 218 -32.52 -6.46 12.34
C ILE G 218 -32.29 -6.66 10.85
N THR G 219 -31.04 -6.93 10.49
CA THR G 219 -30.67 -7.13 9.08
C THR G 219 -30.14 -8.55 8.96
N VAL G 220 -30.65 -9.27 7.97
CA VAL G 220 -30.32 -10.67 7.76
C VAL G 220 -29.82 -10.81 6.30
N ASN G 221 -28.61 -11.33 6.14
CA ASN G 221 -27.98 -11.44 4.83
C ASN G 221 -27.54 -12.85 4.51
N ARG G 222 -27.50 -13.17 3.22
CA ARG G 222 -26.86 -14.43 2.84
C ARG G 222 -25.34 -14.25 2.92
N GLU G 223 -24.62 -15.32 3.27
CA GLU G 223 -23.15 -15.28 3.31
C GLU G 223 -22.56 -15.15 1.89
N GLY G 224 -21.44 -14.43 1.76
CA GLY G 224 -20.79 -14.17 0.45
C GLY G 224 -19.57 -15.05 0.15
N HIS G 225 -19.31 -16.03 0.99
CA HIS G 225 -18.18 -16.91 0.80
C HIS G 225 -18.60 -18.32 1.21
N HIS G 226 -18.28 -19.28 0.34
CA HIS G 226 -18.37 -20.70 0.69
C HIS G 226 -16.96 -21.26 0.51
N HIS G 227 -16.43 -21.87 1.57
CA HIS G 227 -15.06 -22.38 1.52
C HIS G 227 -14.96 -23.47 0.45
N HIS G 228 -13.75 -23.62 -0.09
CA HIS G 228 -13.45 -24.66 -1.05
C HIS G 228 -13.57 -26.01 -0.36
N HIS G 229 -13.81 -27.05 -1.14
CA HIS G 229 -13.81 -28.42 -0.61
C HIS G 229 -13.25 -29.46 -1.62
N HIS G 230 -12.54 -30.44 -1.08
CA HIS G 230 -12.15 -31.64 -1.79
C HIS G 230 -13.36 -32.60 -1.79
N LEU H 3 -32.50 24.68 -24.23
CA LEU H 3 -33.92 24.51 -23.78
C LEU H 3 -34.01 23.98 -22.33
N ILE H 4 -34.69 24.74 -21.47
CA ILE H 4 -34.98 24.31 -20.10
C ILE H 4 -36.45 23.88 -20.04
N VAL H 5 -36.71 22.61 -19.71
CA VAL H 5 -38.08 22.14 -19.44
C VAL H 5 -38.33 22.17 -17.92
N ILE H 6 -39.42 22.81 -17.51
CA ILE H 6 -39.80 22.85 -16.09
C ILE H 6 -41.18 22.26 -15.78
N THR H 7 -41.20 21.30 -14.84
CA THR H 7 -42.47 20.75 -14.38
C THR H 7 -42.83 21.36 -13.03
N GLY H 8 -44.13 21.33 -12.70
CA GLY H 8 -44.66 22.05 -11.52
C GLY H 8 -44.54 23.55 -11.63
N ALA H 9 -44.68 24.07 -12.84
CA ALA H 9 -44.37 25.47 -13.12
C ALA H 9 -45.57 26.44 -13.06
N SER H 10 -46.75 25.96 -12.70
CA SER H 10 -47.94 26.84 -12.48
C SER H 10 -47.75 27.86 -11.35
N SER H 11 -46.99 27.47 -10.34
CA SER H 11 -46.83 28.31 -9.17
C SER H 11 -45.60 27.87 -8.43
N GLY H 12 -45.20 28.69 -7.46
CA GLY H 12 -44.25 28.28 -6.46
C GLY H 12 -42.84 28.20 -7.01
N LEU H 13 -42.13 27.18 -6.57
CA LEU H 13 -40.71 27.05 -6.87
C LEU H 13 -40.48 26.99 -8.36
N GLY H 14 -41.24 26.16 -9.05
CA GLY H 14 -41.08 25.96 -10.49
C GLY H 14 -41.39 27.21 -11.29
N ALA H 15 -42.45 27.93 -10.93
CA ALA H 15 -42.74 29.22 -11.55
C ALA H 15 -41.59 30.23 -11.36
N GLU H 16 -41.03 30.31 -10.15
CA GLU H 16 -39.97 31.28 -9.85
C GLU H 16 -38.67 31.00 -10.59
N LEU H 17 -38.35 29.70 -10.73
CA LEU H 17 -37.20 29.22 -11.51
C LEU H 17 -37.31 29.62 -12.96
N ALA H 18 -38.50 29.45 -13.52
CA ALA H 18 -38.76 29.81 -14.90
C ALA H 18 -38.43 31.28 -15.14
N LYS H 19 -38.88 32.15 -14.24
CA LYS H 19 -38.60 33.54 -14.42
C LYS H 19 -37.10 33.82 -14.43
N LEU H 20 -36.34 33.14 -13.55
CA LEU H 20 -34.88 33.33 -13.44
C LEU H 20 -34.13 32.88 -14.67
N TYR H 21 -34.48 31.72 -15.21
CA TYR H 21 -33.88 31.21 -16.43
C TYR H 21 -34.23 32.10 -17.63
N ASP H 22 -35.49 32.53 -17.68
CA ASP H 22 -35.92 33.43 -18.74
C ASP H 22 -35.23 34.79 -18.70
N ALA H 23 -35.03 35.32 -17.50
CA ALA H 23 -34.35 36.59 -17.31
C ALA H 23 -32.91 36.51 -17.83
N GLU H 24 -32.24 35.38 -17.57
CA GLU H 24 -30.90 35.13 -18.11
C GLU H 24 -30.87 35.13 -19.63
N GLY H 25 -32.04 35.00 -20.27
CA GLY H 25 -32.14 34.90 -21.73
C GLY H 25 -32.32 33.48 -22.24
N LYS H 26 -32.59 32.52 -21.36
CA LYS H 26 -32.70 31.11 -21.79
C LYS H 26 -34.14 30.72 -22.11
N ALA H 27 -34.31 29.97 -23.20
CA ALA H 27 -35.61 29.45 -23.63
C ALA H 27 -36.18 28.38 -22.70
N THR H 28 -37.45 28.50 -22.35
CA THR H 28 -38.10 27.58 -21.39
C THR H 28 -39.31 26.94 -22.01
N TYR H 29 -39.64 25.74 -21.56
CA TYR H 29 -40.93 25.11 -21.87
C TYR H 29 -41.52 24.65 -20.53
N LEU H 30 -42.73 25.11 -20.23
CA LEU H 30 -43.33 24.95 -18.90
C LEU H 30 -44.45 23.96 -18.91
N THR H 31 -44.56 23.19 -17.84
CA THR H 31 -45.70 22.31 -17.67
C THR H 31 -46.18 22.36 -16.23
N GLY H 32 -47.46 22.09 -16.05
CA GLY H 32 -48.06 22.06 -14.73
C GLY H 32 -49.52 21.63 -14.75
N ARG H 33 -50.11 21.61 -13.57
CA ARG H 33 -51.48 21.08 -13.38
C ARG H 33 -52.55 21.98 -14.09
N SER H 34 -52.46 23.30 -13.91
CA SER H 34 -53.45 24.23 -14.44
C SER H 34 -53.01 25.02 -15.69
N GLU H 35 -53.70 24.84 -16.82
CA GLU H 35 -53.43 25.62 -18.04
C GLU H 35 -53.47 27.13 -17.80
N SER H 36 -54.37 27.52 -16.92
CA SER H 36 -54.71 28.92 -16.71
C SER H 36 -53.61 29.58 -15.89
N LYS H 37 -53.18 28.92 -14.81
CA LYS H 37 -51.99 29.41 -14.08
C LYS H 37 -50.73 29.40 -14.93
N LEU H 38 -50.60 28.42 -15.83
CA LEU H 38 -49.46 28.35 -16.75
C LEU H 38 -49.43 29.54 -17.70
N SER H 39 -50.60 29.95 -18.20
CA SER H 39 -50.71 31.15 -19.07
C SER H 39 -50.16 32.38 -18.35
N THR H 40 -50.61 32.54 -17.12
CA THR H 40 -50.24 33.67 -16.31
C THR H 40 -48.72 33.79 -16.25
N VAL H 41 -48.04 32.72 -15.80
CA VAL H 41 -46.59 32.72 -15.70
C VAL H 41 -45.93 33.11 -17.03
N THR H 42 -46.26 32.34 -18.07
CA THR H 42 -45.75 32.53 -19.44
C THR H 42 -45.87 33.96 -20.00
N ASN H 43 -46.96 34.67 -19.68
CA ASN H 43 -47.10 36.04 -20.17
C ASN H 43 -46.01 36.97 -19.63
N CYS H 44 -45.44 36.66 -18.47
CA CYS H 44 -44.30 37.44 -17.95
C CYS H 44 -42.95 37.19 -18.61
N LEU H 45 -42.84 36.11 -19.36
CA LEU H 45 -41.54 35.66 -19.86
C LEU H 45 -41.29 36.16 -21.27
N SER H 46 -40.07 36.60 -21.56
CA SER H 46 -39.78 37.15 -22.88
C SER H 46 -39.25 36.08 -23.83
N ASN H 47 -38.76 34.95 -23.32
CA ASN H 47 -38.04 33.97 -24.16
C ASN H 47 -38.68 32.56 -24.18
N ASN H 48 -39.89 32.42 -23.67
CA ASN H 48 -40.56 31.13 -23.57
C ASN H 48 -40.92 30.61 -24.97
N VAL H 49 -40.89 29.30 -25.13
CA VAL H 49 -41.13 28.68 -26.42
C VAL H 49 -42.20 27.60 -26.30
N GLY H 50 -43.12 27.81 -25.35
CA GLY H 50 -44.27 26.93 -25.16
C GLY H 50 -44.62 26.57 -23.74
N TYR H 51 -45.86 26.10 -23.56
CA TYR H 51 -46.30 25.51 -22.30
C TYR H 51 -47.45 24.59 -22.60
N ARG H 52 -47.79 23.74 -21.64
CA ARG H 52 -48.95 22.84 -21.75
C ARG H 52 -49.27 22.24 -20.40
N ALA H 53 -50.55 22.11 -20.06
CA ALA H 53 -50.94 21.47 -18.80
C ALA H 53 -50.78 19.98 -19.00
N ARG H 54 -50.36 19.28 -17.96
CA ARG H 54 -50.10 17.83 -18.02
C ARG H 54 -50.37 17.19 -16.70
N ASP H 55 -50.94 15.98 -16.72
CA ASP H 55 -50.96 15.15 -15.51
C ASP H 55 -49.77 14.19 -15.57
N LEU H 56 -48.76 14.46 -14.76
CA LEU H 56 -47.51 13.70 -14.80
C LEU H 56 -47.67 12.26 -14.27
N ALA H 57 -48.76 11.99 -13.55
CA ALA H 57 -49.04 10.63 -13.09
C ALA H 57 -49.44 9.69 -14.22
N SER H 58 -49.75 10.25 -15.38
CA SER H 58 -50.08 9.47 -16.56
C SER H 58 -48.84 9.34 -17.41
N HIS H 59 -48.31 8.13 -17.58
CA HIS H 59 -47.09 7.97 -18.38
C HIS H 59 -47.31 8.41 -19.85
N GLN H 60 -48.53 8.22 -20.40
CA GLN H 60 -48.81 8.71 -21.77
C GLN H 60 -48.73 10.20 -21.90
N GLU H 61 -49.21 10.91 -20.91
CA GLU H 61 -49.13 12.36 -20.92
C GLU H 61 -47.64 12.81 -20.89
N VAL H 62 -46.83 12.08 -20.14
CA VAL H 62 -45.43 12.43 -19.97
C VAL H 62 -44.62 12.14 -21.25
N GLU H 63 -44.81 10.94 -21.80
CA GLU H 63 -44.36 10.57 -23.15
C GLU H 63 -44.70 11.63 -24.21
N GLN H 64 -45.92 12.19 -24.15
CA GLN H 64 -46.31 13.19 -25.14
C GLN H 64 -45.69 14.55 -24.88
N LEU H 65 -45.50 14.89 -23.63
CA LEU H 65 -44.82 16.14 -23.30
C LEU H 65 -43.46 16.21 -24.02
N PHE H 66 -42.65 15.16 -23.89
CA PHE H 66 -41.32 15.12 -24.50
C PHE H 66 -41.38 14.84 -26.01
N GLU H 67 -42.25 13.94 -26.45
CA GLU H 67 -42.39 13.69 -27.88
C GLU H 67 -42.62 15.00 -28.62
N GLN H 68 -43.46 15.88 -28.06
CA GLN H 68 -43.89 17.08 -28.78
C GLN H 68 -42.91 18.23 -28.70
N LEU H 69 -41.72 18.02 -28.13
CA LEU H 69 -40.74 19.11 -27.98
C LEU H 69 -40.00 19.34 -29.28
N ASP H 70 -39.63 20.61 -29.48
CA ASP H 70 -38.88 21.10 -30.63
C ASP H 70 -37.49 20.47 -30.72
N SER H 71 -36.75 20.51 -29.62
CA SER H 71 -35.37 20.07 -29.58
C SER H 71 -35.10 19.26 -28.31
N ILE H 72 -33.84 18.85 -28.15
CA ILE H 72 -33.37 18.11 -26.97
C ILE H 72 -33.15 19.09 -25.84
N PRO H 73 -33.79 18.87 -24.67
CA PRO H 73 -33.54 19.72 -23.51
C PRO H 73 -32.08 19.70 -23.06
N SER H 74 -31.58 20.83 -22.58
CA SER H 74 -30.29 20.86 -21.91
C SER H 74 -30.48 20.74 -20.38
N THR H 75 -31.59 21.28 -19.85
CA THR H 75 -31.94 21.07 -18.43
C THR H 75 -33.43 20.70 -18.32
N VAL H 76 -33.72 19.73 -17.46
CA VAL H 76 -35.06 19.44 -17.04
C VAL H 76 -35.13 19.61 -15.54
N VAL H 77 -35.97 20.54 -15.11
CA VAL H 77 -36.28 20.70 -13.69
C VAL H 77 -37.63 20.10 -13.31
N HIS H 78 -37.61 19.09 -12.45
CA HIS H 78 -38.81 18.44 -12.00
C HIS H 78 -39.20 18.92 -10.61
N SER H 79 -40.15 19.85 -10.53
CA SER H 79 -40.60 20.35 -9.23
C SER H 79 -42.05 20.06 -8.94
N ALA H 80 -42.67 19.22 -9.74
CA ALA H 80 -44.03 18.80 -9.47
C ALA H 80 -44.10 18.02 -8.17
N GLY H 81 -45.07 18.38 -7.32
CA GLY H 81 -45.32 17.69 -6.08
C GLY H 81 -46.57 18.19 -5.39
N SER H 82 -46.91 17.59 -4.26
CA SER H 82 -47.90 18.18 -3.36
C SER H 82 -47.71 17.65 -1.96
N GLY H 83 -48.22 18.39 -0.97
CA GLY H 83 -48.16 17.95 0.43
C GLY H 83 -49.49 17.41 0.91
N TYR H 84 -49.43 16.47 1.86
CA TYR H 84 -50.58 16.03 2.65
C TYR H 84 -50.09 15.45 3.98
N PHE H 85 -50.80 15.80 5.06
CA PHE H 85 -50.23 15.74 6.40
C PHE H 85 -51.27 15.32 7.43
N GLY H 86 -50.79 14.90 8.60
CA GLY H 86 -51.59 14.39 9.68
C GLY H 86 -51.11 13.06 10.19
N LEU H 87 -51.39 12.81 11.46
CA LEU H 87 -51.14 11.51 12.07
C LEU H 87 -51.71 10.42 11.15
N LEU H 88 -51.04 9.29 11.04
CA LEU H 88 -51.40 8.31 10.00
C LEU H 88 -52.86 7.84 10.17
N GLN H 89 -53.22 7.49 11.40
CA GLN H 89 -54.59 7.17 11.86
C GLN H 89 -55.70 8.05 11.29
N GLU H 90 -55.38 9.32 11.08
CA GLU H 90 -56.30 10.39 10.74
C GLU H 90 -56.20 10.85 9.28
N GLN H 91 -55.38 10.15 8.49
CA GLN H 91 -55.23 10.52 7.09
C GLN H 91 -56.26 9.75 6.31
N ASP H 92 -56.75 10.40 5.25
CA ASP H 92 -57.72 9.82 4.32
C ASP H 92 -57.03 9.00 3.20
N PRO H 93 -57.31 7.70 3.13
CA PRO H 93 -56.68 6.85 2.13
C PRO H 93 -56.74 7.35 0.69
N GLU H 94 -57.83 7.98 0.28
CA GLU H 94 -57.92 8.55 -1.08
C GLU H 94 -56.91 9.70 -1.28
N GLN H 95 -56.68 10.49 -0.23
CA GLN H 95 -55.75 11.61 -0.29
C GLN H 95 -54.29 11.09 -0.27
N ILE H 96 -54.08 9.97 0.41
CA ILE H 96 -52.80 9.29 0.38
C ILE H 96 -52.51 8.79 -1.06
N GLN H 97 -53.48 8.18 -1.72
CA GLN H 97 -53.35 7.83 -3.15
C GLN H 97 -53.02 9.04 -4.03
N THR H 98 -53.73 10.15 -3.84
CA THR H 98 -53.40 11.35 -4.59
C THR H 98 -51.95 11.82 -4.36
N LEU H 99 -51.50 11.80 -3.11
CA LEU H 99 -50.10 12.11 -2.75
C LEU H 99 -49.11 11.16 -3.45
N ILE H 100 -49.45 9.88 -3.57
CA ILE H 100 -48.56 8.92 -4.26
C ILE H 100 -48.50 9.28 -5.73
N GLU H 101 -49.64 9.62 -6.31
CA GLU H 101 -49.71 9.94 -7.73
C GLU H 101 -48.93 11.23 -8.05
N ASN H 102 -49.11 12.24 -7.22
CA ASN H 102 -48.54 13.55 -7.41
C ASN H 102 -47.03 13.60 -7.26
N ASN H 103 -46.52 12.79 -6.34
CA ASN H 103 -45.11 12.82 -5.96
C ASN H 103 -44.27 11.70 -6.55
N LEU H 104 -44.71 10.47 -6.33
CA LEU H 104 -43.91 9.32 -6.74
C LEU H 104 -44.17 8.96 -8.18
N SER H 105 -45.43 8.77 -8.58
CA SER H 105 -45.70 8.35 -9.95
C SER H 105 -45.27 9.39 -10.93
N SER H 106 -45.45 10.67 -10.58
CA SER H 106 -44.96 11.75 -11.43
C SER H 106 -43.42 11.74 -11.60
N ALA H 107 -42.70 11.60 -10.50
CA ALA H 107 -41.20 11.51 -10.54
C ALA H 107 -40.75 10.29 -11.36
N ILE H 108 -41.34 9.12 -11.09
CA ILE H 108 -41.01 7.88 -11.87
C ILE H 108 -41.23 8.04 -13.38
N ASN H 109 -42.40 8.57 -13.75
CA ASN H 109 -42.72 8.81 -15.16
C ASN H 109 -41.76 9.74 -15.85
N VAL H 110 -41.57 10.93 -15.28
CA VAL H 110 -40.66 11.94 -15.84
C VAL H 110 -39.23 11.40 -15.93
N LEU H 111 -38.73 10.77 -14.86
CA LEU H 111 -37.37 10.29 -14.88
C LEU H 111 -37.23 9.14 -15.86
N ARG H 112 -38.17 8.20 -15.89
CA ARG H 112 -38.14 7.14 -16.90
C ARG H 112 -38.16 7.66 -18.34
N GLU H 113 -39.00 8.63 -18.66
CA GLU H 113 -39.04 9.12 -20.02
C GLU H 113 -37.72 9.83 -20.42
N LEU H 114 -37.17 10.56 -19.45
CA LEU H 114 -35.88 11.25 -19.59
C LEU H 114 -34.71 10.30 -19.83
N VAL H 115 -34.61 9.21 -19.05
CA VAL H 115 -33.63 8.17 -19.31
C VAL H 115 -33.81 7.46 -20.67
N LYS H 116 -35.05 7.08 -20.94
CA LYS H 116 -35.45 6.50 -22.21
C LYS H 116 -35.06 7.34 -23.42
N ARG H 117 -35.26 8.66 -23.38
CA ARG H 117 -34.95 9.50 -24.56
C ARG H 117 -33.54 10.08 -24.63
N TYR H 118 -32.99 10.43 -23.46
CA TYR H 118 -31.87 11.36 -23.39
C TYR H 118 -30.68 10.95 -22.52
N LYS H 119 -30.64 9.70 -22.09
CA LYS H 119 -29.55 9.24 -21.25
C LYS H 119 -28.19 9.43 -21.94
N ASP H 120 -28.17 9.41 -23.26
CA ASP H 120 -26.91 9.57 -24.03
C ASP H 120 -26.65 11.03 -24.48
N GLN H 121 -27.42 11.99 -23.90
CA GLN H 121 -27.28 13.44 -24.13
C GLN H 121 -26.86 14.14 -22.84
N PRO H 122 -26.20 15.30 -22.95
CA PRO H 122 -25.73 16.00 -21.76
C PRO H 122 -26.90 16.83 -21.24
N VAL H 123 -27.85 16.14 -20.60
CA VAL H 123 -28.98 16.80 -19.99
C VAL H 123 -28.74 16.82 -18.49
N ASN H 124 -28.93 17.96 -17.85
CA ASN H 124 -28.93 18.03 -16.38
C ASN H 124 -30.38 17.88 -15.89
N VAL H 125 -30.65 16.85 -15.12
CA VAL H 125 -31.99 16.59 -14.62
C VAL H 125 -32.07 16.98 -13.13
N VAL H 126 -32.71 18.09 -12.86
CA VAL H 126 -32.82 18.61 -11.51
C VAL H 126 -34.13 18.11 -10.91
N MET H 127 -33.99 17.26 -9.89
CA MET H 127 -35.10 16.63 -9.20
C MET H 127 -35.27 17.30 -7.85
N ILE H 128 -36.34 18.06 -7.73
CA ILE H 128 -36.60 18.79 -6.49
C ILE H 128 -37.49 17.92 -5.58
N MET H 129 -36.97 17.60 -4.39
CA MET H 129 -37.64 16.76 -3.43
C MET H 129 -37.98 17.63 -2.21
N SER H 130 -37.46 17.32 -1.06
CA SER H 130 -37.75 18.08 0.14
C SER H 130 -36.85 17.53 1.23
N THR H 131 -36.55 18.35 2.23
CA THR H 131 -35.86 17.80 3.41
C THR H 131 -36.63 16.62 4.06
N ALA H 132 -37.92 16.47 3.78
CA ALA H 132 -38.63 15.28 4.27
C ALA H 132 -38.09 13.96 3.65
N ALA H 133 -37.30 14.06 2.55
CA ALA H 133 -36.67 12.89 1.92
C ALA H 133 -35.51 12.42 2.75
N GLN H 134 -35.02 13.27 3.65
CA GLN H 134 -33.80 12.95 4.37
C GLN H 134 -34.00 12.53 5.82
N GLN H 135 -35.19 12.72 6.35
CA GLN H 135 -35.46 12.43 7.75
C GLN H 135 -36.93 12.02 7.86
N PRO H 136 -37.26 11.26 8.90
CA PRO H 136 -38.67 11.00 9.21
C PRO H 136 -39.25 12.20 9.95
N LYS H 137 -40.57 12.37 9.89
CA LYS H 137 -41.22 13.50 10.60
C LYS H 137 -42.61 13.06 11.09
N ALA H 138 -42.91 13.27 12.37
CA ALA H 138 -44.24 12.96 12.89
C ALA H 138 -45.24 13.86 12.16
N GLN H 139 -46.43 13.32 11.89
CA GLN H 139 -47.50 14.00 11.08
C GLN H 139 -47.21 14.15 9.59
N GLU H 140 -46.11 13.55 9.09
CA GLU H 140 -45.85 13.59 7.65
C GLU H 140 -45.37 12.21 7.13
N SER H 141 -45.88 11.13 7.72
CA SER H 141 -45.40 9.80 7.45
C SER H 141 -45.54 9.40 5.98
N THR H 142 -46.70 9.67 5.39
CA THR H 142 -46.91 9.41 3.98
C THR H 142 -46.19 10.40 3.05
N TYR H 143 -45.93 11.63 3.51
CA TYR H 143 -45.20 12.62 2.74
C TYR H 143 -43.71 12.23 2.74
N CYS H 144 -43.20 11.87 3.91
CA CYS H 144 -41.86 11.28 4.00
C CYS H 144 -41.75 10.03 3.08
N ALA H 145 -42.75 9.14 3.14
CA ALA H 145 -42.72 7.92 2.35
C ALA H 145 -42.50 8.22 0.90
N VAL H 146 -43.22 9.17 0.34
CA VAL H 146 -43.16 9.43 -1.08
C VAL H 146 -41.91 10.25 -1.42
N LYS H 147 -41.39 11.03 -0.48
CA LYS H 147 -40.13 11.75 -0.76
C LYS H 147 -38.87 10.88 -0.66
N TRP H 148 -38.86 10.02 0.35
CA TRP H 148 -37.90 8.96 0.52
C TRP H 148 -37.93 8.08 -0.74
N ALA H 149 -39.12 7.78 -1.26
CA ALA H 149 -39.19 6.94 -2.47
C ALA H 149 -38.50 7.59 -3.66
N VAL H 150 -38.73 8.87 -3.88
CA VAL H 150 -38.07 9.59 -4.96
C VAL H 150 -36.55 9.62 -4.73
N LYS H 151 -36.09 9.79 -3.49
CA LYS H 151 -34.65 9.72 -3.23
C LYS H 151 -34.02 8.33 -3.56
N GLY H 152 -34.67 7.25 -3.18
CA GLY H 152 -34.21 5.88 -3.49
C GLY H 152 -34.19 5.68 -5.00
N LEU H 153 -35.20 6.22 -5.66
CA LEU H 153 -35.30 6.14 -7.12
C LEU H 153 -34.13 6.83 -7.79
N ILE H 154 -33.85 8.08 -7.41
CA ILE H 154 -32.87 8.84 -8.14
C ILE H 154 -31.46 8.36 -7.83
N GLU H 155 -31.22 7.91 -6.61
CA GLU H 155 -29.89 7.39 -6.22
C GLU H 155 -29.56 6.06 -6.97
N SER H 156 -30.60 5.25 -7.23
CA SER H 156 -30.51 4.05 -8.00
C SER H 156 -30.27 4.31 -9.49
N VAL H 157 -31.05 5.21 -10.10
CA VAL H 157 -30.85 5.62 -11.51
C VAL H 157 -29.46 6.28 -11.71
N ARG H 158 -29.00 7.08 -10.73
CA ARG H 158 -27.63 7.59 -10.80
C ARG H 158 -26.63 6.45 -11.00
N LEU H 159 -26.80 5.34 -10.29
CA LEU H 159 -25.94 4.16 -10.50
C LEU H 159 -26.05 3.62 -11.94
N GLU H 160 -27.25 3.51 -12.49
CA GLU H 160 -27.44 3.05 -13.87
C GLU H 160 -26.86 4.00 -14.93
N LEU H 161 -26.73 5.30 -14.61
CA LEU H 161 -26.18 6.30 -15.50
C LEU H 161 -24.67 6.54 -15.40
N LYS H 162 -23.96 5.70 -14.66
CA LYS H 162 -22.51 5.87 -14.51
C LYS H 162 -21.85 5.82 -15.89
N GLY H 163 -20.99 6.79 -16.17
CA GLY H 163 -20.36 6.93 -17.48
C GLY H 163 -21.32 7.25 -18.61
N LYS H 164 -22.49 7.81 -18.29
CA LYS H 164 -23.33 8.45 -19.31
C LYS H 164 -23.27 9.94 -19.09
N PRO H 165 -23.56 10.73 -20.13
CA PRO H 165 -23.49 12.18 -20.01
C PRO H 165 -24.65 12.82 -19.23
N MET H 166 -25.79 12.14 -19.13
CA MET H 166 -26.94 12.66 -18.36
C MET H 166 -26.60 12.58 -16.89
N LYS H 167 -26.90 13.65 -16.17
CA LYS H 167 -26.67 13.74 -14.75
C LYS H 167 -27.94 14.07 -13.99
N ILE H 168 -28.04 13.58 -12.75
CA ILE H 168 -29.16 13.83 -11.87
C ILE H 168 -28.66 14.71 -10.72
N ILE H 169 -29.31 15.87 -10.54
CA ILE H 169 -28.97 16.81 -9.49
C ILE H 169 -30.12 16.71 -8.48
N ALA H 170 -29.81 16.48 -7.21
CA ALA H 170 -30.84 16.36 -6.17
C ALA H 170 -30.97 17.70 -5.42
N VAL H 171 -32.19 18.18 -5.21
CA VAL H 171 -32.43 19.44 -4.49
C VAL H 171 -33.44 19.19 -3.35
N TYR H 172 -33.08 19.58 -2.13
CA TYR H 172 -33.87 19.30 -0.95
C TYR H 172 -34.28 20.62 -0.28
N PRO H 173 -35.45 21.16 -0.63
CA PRO H 173 -35.82 22.40 0.05
C PRO H 173 -36.51 22.06 1.37
N GLY H 174 -36.28 22.93 2.36
CA GLY H 174 -36.94 22.80 3.65
C GLY H 174 -37.46 24.16 4.09
N GLY H 175 -38.54 24.13 4.87
CA GLY H 175 -39.05 25.31 5.55
C GLY H 175 -39.73 26.30 4.61
N MET H 176 -40.32 25.78 3.53
CA MET H 176 -41.21 26.55 2.66
C MET H 176 -42.65 26.40 3.19
N ALA H 177 -43.52 27.33 2.84
CA ALA H 177 -44.92 27.32 3.33
C ALA H 177 -45.71 26.14 2.71
N THR H 178 -45.29 25.68 1.53
CA THR H 178 -45.96 24.58 0.85
C THR H 178 -45.87 23.23 1.60
N GLU H 179 -45.05 23.20 2.66
CA GLU H 179 -44.90 22.03 3.52
C GLU H 179 -45.33 22.37 4.93
N PHE H 180 -46.04 23.48 5.07
CA PHE H 180 -46.42 23.98 6.38
C PHE H 180 -47.67 23.26 6.84
N TRP H 181 -47.55 22.67 8.04
CA TRP H 181 -48.64 21.95 8.71
C TRP H 181 -48.55 22.14 10.22
N PHE H 193 -41.01 31.74 6.87
CA PHE H 193 -40.67 30.75 5.83
C PHE H 193 -39.72 31.31 4.78
N MET H 194 -39.01 30.42 4.11
CA MET H 194 -38.27 30.76 2.91
C MET H 194 -39.31 30.86 1.80
N SER H 195 -39.28 31.96 1.07
CA SER H 195 -40.18 32.12 -0.07
C SER H 195 -39.68 31.32 -1.28
N ALA H 196 -40.61 31.02 -2.19
CA ALA H 196 -40.29 30.32 -3.42
C ALA H 196 -39.31 31.13 -4.26
N GLU H 197 -39.44 32.47 -4.20
CA GLU H 197 -38.56 33.38 -4.91
C GLU H 197 -37.13 33.28 -4.43
N ASP H 198 -36.93 33.20 -3.13
CA ASP H 198 -35.56 33.19 -2.60
C ASP H 198 -34.95 31.81 -2.79
N ALA H 199 -35.73 30.76 -2.53
CA ALA H 199 -35.32 29.37 -2.80
C ALA H 199 -34.82 29.24 -4.23
N ALA H 200 -35.62 29.77 -5.15
CA ALA H 200 -35.32 29.70 -6.57
C ALA H 200 -34.05 30.44 -6.88
N LEU H 201 -33.84 31.57 -6.20
CA LEU H 201 -32.66 32.36 -6.42
C LEU H 201 -31.44 31.56 -6.00
N MET H 202 -31.50 30.99 -4.80
CA MET H 202 -30.36 30.22 -4.26
C MET H 202 -30.10 28.90 -5.05
N ILE H 203 -31.16 28.20 -5.43
CA ILE H 203 -31.06 26.97 -6.21
C ILE H 203 -30.46 27.29 -7.56
N HIS H 204 -31.05 28.31 -8.19
CA HIS H 204 -30.61 28.77 -9.50
C HIS H 204 -29.14 29.21 -9.44
N GLY H 205 -28.74 29.90 -8.39
CA GLY H 205 -27.37 30.44 -8.32
C GLY H 205 -26.38 29.31 -8.08
N ALA H 206 -26.80 28.32 -7.29
CA ALA H 206 -25.94 27.19 -6.90
C ALA H 206 -25.75 26.10 -7.97
N LEU H 207 -26.67 26.00 -8.91
CA LEU H 207 -26.61 24.95 -9.92
C LEU H 207 -25.55 25.34 -10.93
N ALA H 208 -24.43 24.63 -10.90
CA ALA H 208 -23.28 24.95 -11.71
C ALA H 208 -22.66 23.68 -12.24
N ASN H 209 -22.18 23.79 -13.48
CA ASN H 209 -21.24 22.88 -14.14
C ASN H 209 -20.06 23.76 -14.55
N ILE H 210 -18.88 23.46 -14.02
CA ILE H 210 -17.65 24.25 -14.24
C ILE H 210 -16.50 23.23 -14.25
N GLY H 211 -15.70 23.24 -15.32
CA GLY H 211 -14.59 22.30 -15.45
C GLY H 211 -15.06 20.87 -15.41
N ASN H 212 -14.28 19.97 -14.84
CA ASN H 212 -14.71 18.58 -14.74
C ASN H 212 -15.68 18.38 -13.55
N GLY H 213 -16.43 19.42 -13.16
CA GLY H 213 -17.30 19.29 -11.98
C GLY H 213 -18.70 19.89 -12.02
N TYR H 214 -19.53 19.47 -11.05
CA TYR H 214 -20.89 19.98 -10.99
C TYR H 214 -21.41 19.97 -9.56
N VAL H 215 -22.43 20.77 -9.28
CA VAL H 215 -23.11 20.67 -7.99
C VAL H 215 -24.17 19.57 -8.14
N SER H 216 -24.01 18.50 -7.39
CA SER H 216 -24.80 17.30 -7.59
C SER H 216 -25.97 17.24 -6.61
N ASP H 217 -25.82 17.81 -5.43
CA ASP H 217 -26.84 17.80 -4.36
C ASP H 217 -26.83 19.13 -3.59
N ILE H 218 -28.01 19.68 -3.34
CA ILE H 218 -28.11 20.98 -2.66
C ILE H 218 -29.31 20.93 -1.68
N THR H 219 -29.07 21.38 -0.45
CA THR H 219 -30.10 21.55 0.55
C THR H 219 -30.21 23.04 0.90
N VAL H 220 -31.45 23.54 0.82
CA VAL H 220 -31.77 24.92 1.07
C VAL H 220 -32.83 24.88 2.20
N ASN H 221 -32.57 25.68 3.24
CA ASN H 221 -33.39 25.76 4.45
C ASN H 221 -33.72 27.22 4.84
N ARG H 222 -34.70 27.35 5.72
CA ARG H 222 -35.13 28.63 6.29
C ARG H 222 -34.10 29.19 7.31
#